data_2RE7
# 
_entry.id   2RE7 
# 
_audit_conform.dict_name       mmcif_pdbx.dic 
_audit_conform.dict_version    5.397 
_audit_conform.dict_location   http://mmcif.pdb.org/dictionaries/ascii/mmcif_pdbx.dic 
# 
loop_
_database_2.database_id 
_database_2.database_code 
_database_2.pdbx_database_accession 
_database_2.pdbx_DOI 
PDB   2RE7         pdb_00002re7 10.2210/pdb2re7/pdb 
RCSB  RCSB044753   ?            ?                   
WWPDB D_1000044753 ?            ?                   
# 
loop_
_pdbx_audit_revision_history.ordinal 
_pdbx_audit_revision_history.data_content_type 
_pdbx_audit_revision_history.major_revision 
_pdbx_audit_revision_history.minor_revision 
_pdbx_audit_revision_history.revision_date 
1 'Structure model' 1 0 2007-10-09 
2 'Structure model' 1 1 2011-07-13 
3 'Structure model' 1 2 2017-10-25 
4 'Structure model' 1 3 2019-07-24 
5 'Structure model' 1 4 2023-01-25 
6 'Structure model' 1 5 2024-10-16 
# 
_pdbx_audit_revision_details.ordinal             1 
_pdbx_audit_revision_details.revision_ordinal    1 
_pdbx_audit_revision_details.data_content_type   'Structure model' 
_pdbx_audit_revision_details.provider            repository 
_pdbx_audit_revision_details.type                'Initial release' 
_pdbx_audit_revision_details.description         ? 
_pdbx_audit_revision_details.details             ? 
# 
loop_
_pdbx_audit_revision_group.ordinal 
_pdbx_audit_revision_group.revision_ordinal 
_pdbx_audit_revision_group.data_content_type 
_pdbx_audit_revision_group.group 
1  2 'Structure model' Advisory                     
2  2 'Structure model' 'Source and taxonomy'        
3  2 'Structure model' 'Version format compliance'  
4  3 'Structure model' 'Author supporting evidence' 
5  3 'Structure model' 'Refinement description'     
6  4 'Structure model' 'Data collection'            
7  4 'Structure model' 'Derived calculations'       
8  4 'Structure model' 'Refinement description'     
9  5 'Structure model' 'Database references'        
10 5 'Structure model' 'Derived calculations'       
11 6 'Structure model' 'Data collection'            
12 6 'Structure model' 'Structure summary'          
# 
loop_
_pdbx_audit_revision_category.ordinal 
_pdbx_audit_revision_category.revision_ordinal 
_pdbx_audit_revision_category.data_content_type 
_pdbx_audit_revision_category.category 
1  3 'Structure model' pdbx_struct_assembly_auth_evidence 
2  3 'Structure model' software                           
3  4 'Structure model' software                           
4  4 'Structure model' struct_conn                        
5  5 'Structure model' database_2                         
6  5 'Structure model' struct_ref_seq_dif                 
7  5 'Structure model' struct_site                        
8  6 'Structure model' chem_comp_atom                     
9  6 'Structure model' chem_comp_bond                     
10 6 'Structure model' pdbx_entry_details                 
11 6 'Structure model' pdbx_modification_feature          
# 
loop_
_pdbx_audit_revision_item.ordinal 
_pdbx_audit_revision_item.revision_ordinal 
_pdbx_audit_revision_item.data_content_type 
_pdbx_audit_revision_item.item 
1  3 'Structure model' '_software.classification'            
2  3 'Structure model' '_software.name'                      
3  4 'Structure model' '_software.classification'            
4  4 'Structure model' '_software.contact_author'            
5  4 'Structure model' '_software.contact_author_email'      
6  4 'Structure model' '_software.language'                  
7  4 'Structure model' '_software.location'                  
8  4 'Structure model' '_software.name'                      
9  4 'Structure model' '_software.type'                      
10 4 'Structure model' '_software.version'                   
11 4 'Structure model' '_struct_conn.pdbx_leaving_atom_flag' 
12 5 'Structure model' '_database_2.pdbx_DOI'                
13 5 'Structure model' '_database_2.pdbx_database_accession' 
14 5 'Structure model' '_struct_ref_seq_dif.details'         
15 5 'Structure model' '_struct_site.pdbx_auth_asym_id'      
16 5 'Structure model' '_struct_site.pdbx_auth_comp_id'      
17 5 'Structure model' '_struct_site.pdbx_auth_seq_id'       
# 
_pdbx_database_status.SG_entry                        Y 
_pdbx_database_status.entry_id                        2RE7 
_pdbx_database_status.deposit_site                    RCSB 
_pdbx_database_status.process_site                    RCSB 
_pdbx_database_status.recvd_initial_deposition_date   2007-09-25 
_pdbx_database_status.status_code                     REL 
_pdbx_database_status.status_code_sf                  REL 
_pdbx_database_status.status_code_mr                  ? 
_pdbx_database_status.status_code_cs                  ? 
_pdbx_database_status.pdb_format_compatible           Y 
_pdbx_database_status.methods_development_category    ? 
_pdbx_database_status.status_code_nmr_data            ? 
# 
_pdbx_database_related.db_name        TargetDB 
_pdbx_database_related.db_id          380202 
_pdbx_database_related.details        . 
_pdbx_database_related.content_type   unspecified 
# 
_audit_author.name           'Joint Center for Structural Genomics (JCSG)' 
_audit_author.pdbx_ordinal   1 
# 
_citation.id                        primary 
_citation.title                     
'Crystal structure of General Stress Protein COG3871 (YP_263493.1) from Psychrobacter arcticus 273-4 at 2.50 A resolution' 
_citation.journal_abbrev            'To be published' 
_citation.journal_volume            ? 
_citation.page_first                ? 
_citation.page_last                 ? 
_citation.year                      ? 
_citation.journal_id_ASTM           ? 
_citation.country                   ? 
_citation.journal_id_ISSN           ? 
_citation.journal_id_CSD            0353 
_citation.book_publisher            ? 
_citation.pdbx_database_id_PubMed   ? 
_citation.pdbx_database_id_DOI      ? 
# 
_citation_author.citation_id        primary 
_citation_author.name               'Joint Center for Structural Genomics (JCSG)' 
_citation_author.ordinal            1 
_citation_author.identifier_ORCID   ? 
# 
loop_
_entity.id 
_entity.type 
_entity.src_method 
_entity.pdbx_description 
_entity.formula_weight 
_entity.pdbx_number_of_molecules 
_entity.pdbx_ec 
_entity.pdbx_mutation 
_entity.pdbx_fragment 
_entity.details 
1 polymer     man 'Uncharacterized protein' 15088.486 1  ? ? 'Residues 1-133' ? 
2 non-polymer syn 'SULFATE ION'             96.063    2  ? ? ?                ? 
3 water       nat water                     18.015    24 ? ? ?                ? 
# 
_entity_poly.entity_id                      1 
_entity_poly.type                           'polypeptide(L)' 
_entity_poly.nstd_linkage                   no 
_entity_poly.nstd_monomer                   yes 
_entity_poly.pdbx_seq_one_letter_code       
;G(MSE)SNQKHIDKIQAVIKDVKFA(MSE)ISTSNKKGDIHAWP(MSE)TTSEVNLDNKEIWFIGDKTSDVVKDIQDDAR
IGLTYATQDEKNYVSISGDAELPTDKAKLDELWSPVYSAFFANGKEDANIQLIKVVPHGVECWLSG
;
_entity_poly.pdbx_seq_one_letter_code_can   
;GMSNQKHIDKIQAVIKDVKFAMISTSNKKGDIHAWPMTTSEVNLDNKEIWFIGDKTSDVVKDIQDDARIGLTYATQDEKN
YVSISGDAELPTDKAKLDELWSPVYSAFFANGKEDANIQLIKVVPHGVECWLSG
;
_entity_poly.pdbx_strand_id                 A 
_entity_poly.pdbx_target_identifier         380202 
# 
loop_
_pdbx_entity_nonpoly.entity_id 
_pdbx_entity_nonpoly.name 
_pdbx_entity_nonpoly.comp_id 
2 'SULFATE ION' SO4 
3 water         HOH 
# 
loop_
_entity_poly_seq.entity_id 
_entity_poly_seq.num 
_entity_poly_seq.mon_id 
_entity_poly_seq.hetero 
1 1   GLY n 
1 2   MSE n 
1 3   SER n 
1 4   ASN n 
1 5   GLN n 
1 6   LYS n 
1 7   HIS n 
1 8   ILE n 
1 9   ASP n 
1 10  LYS n 
1 11  ILE n 
1 12  GLN n 
1 13  ALA n 
1 14  VAL n 
1 15  ILE n 
1 16  LYS n 
1 17  ASP n 
1 18  VAL n 
1 19  LYS n 
1 20  PHE n 
1 21  ALA n 
1 22  MSE n 
1 23  ILE n 
1 24  SER n 
1 25  THR n 
1 26  SER n 
1 27  ASN n 
1 28  LYS n 
1 29  LYS n 
1 30  GLY n 
1 31  ASP n 
1 32  ILE n 
1 33  HIS n 
1 34  ALA n 
1 35  TRP n 
1 36  PRO n 
1 37  MSE n 
1 38  THR n 
1 39  THR n 
1 40  SER n 
1 41  GLU n 
1 42  VAL n 
1 43  ASN n 
1 44  LEU n 
1 45  ASP n 
1 46  ASN n 
1 47  LYS n 
1 48  GLU n 
1 49  ILE n 
1 50  TRP n 
1 51  PHE n 
1 52  ILE n 
1 53  GLY n 
1 54  ASP n 
1 55  LYS n 
1 56  THR n 
1 57  SER n 
1 58  ASP n 
1 59  VAL n 
1 60  VAL n 
1 61  LYS n 
1 62  ASP n 
1 63  ILE n 
1 64  GLN n 
1 65  ASP n 
1 66  ASP n 
1 67  ALA n 
1 68  ARG n 
1 69  ILE n 
1 70  GLY n 
1 71  LEU n 
1 72  THR n 
1 73  TYR n 
1 74  ALA n 
1 75  THR n 
1 76  GLN n 
1 77  ASP n 
1 78  GLU n 
1 79  LYS n 
1 80  ASN n 
1 81  TYR n 
1 82  VAL n 
1 83  SER n 
1 84  ILE n 
1 85  SER n 
1 86  GLY n 
1 87  ASP n 
1 88  ALA n 
1 89  GLU n 
1 90  LEU n 
1 91  PRO n 
1 92  THR n 
1 93  ASP n 
1 94  LYS n 
1 95  ALA n 
1 96  LYS n 
1 97  LEU n 
1 98  ASP n 
1 99  GLU n 
1 100 LEU n 
1 101 TRP n 
1 102 SER n 
1 103 PRO n 
1 104 VAL n 
1 105 TYR n 
1 106 SER n 
1 107 ALA n 
1 108 PHE n 
1 109 PHE n 
1 110 ALA n 
1 111 ASN n 
1 112 GLY n 
1 113 LYS n 
1 114 GLU n 
1 115 ASP n 
1 116 ALA n 
1 117 ASN n 
1 118 ILE n 
1 119 GLN n 
1 120 LEU n 
1 121 ILE n 
1 122 LYS n 
1 123 VAL n 
1 124 VAL n 
1 125 PRO n 
1 126 HIS n 
1 127 GLY n 
1 128 VAL n 
1 129 GLU n 
1 130 CYS n 
1 131 TRP n 
1 132 LEU n 
1 133 SER n 
1 134 GLY n 
# 
_entity_src_gen.entity_id                          1 
_entity_src_gen.pdbx_src_id                        1 
_entity_src_gen.pdbx_alt_source_flag               sample 
_entity_src_gen.pdbx_seq_type                      ? 
_entity_src_gen.pdbx_beg_seq_num                   ? 
_entity_src_gen.pdbx_end_seq_num                   ? 
_entity_src_gen.gene_src_common_name               ? 
_entity_src_gen.gene_src_genus                     Psychrobacter 
_entity_src_gen.pdbx_gene_src_gene                 'YP_263493.1, Psyc_0186' 
_entity_src_gen.gene_src_species                   'Psychrobacter arcticus' 
_entity_src_gen.gene_src_strain                    273-4 
_entity_src_gen.gene_src_tissue                    ? 
_entity_src_gen.gene_src_tissue_fraction           ? 
_entity_src_gen.gene_src_details                   ? 
_entity_src_gen.pdbx_gene_src_fragment             ? 
_entity_src_gen.pdbx_gene_src_scientific_name      'Psychrobacter arcticus' 
_entity_src_gen.pdbx_gene_src_ncbi_taxonomy_id     259536 
_entity_src_gen.pdbx_gene_src_variant              ? 
_entity_src_gen.pdbx_gene_src_cell_line            ? 
_entity_src_gen.pdbx_gene_src_atcc                 ? 
_entity_src_gen.pdbx_gene_src_organ                ? 
_entity_src_gen.pdbx_gene_src_organelle            ? 
_entity_src_gen.pdbx_gene_src_cell                 ? 
_entity_src_gen.pdbx_gene_src_cellular_location    ? 
_entity_src_gen.host_org_common_name               ? 
_entity_src_gen.pdbx_host_org_scientific_name      'Escherichia coli' 
_entity_src_gen.pdbx_host_org_ncbi_taxonomy_id     562 
_entity_src_gen.host_org_genus                     Escherichia 
_entity_src_gen.pdbx_host_org_gene                 ? 
_entity_src_gen.pdbx_host_org_organ                ? 
_entity_src_gen.host_org_species                   ? 
_entity_src_gen.pdbx_host_org_tissue               ? 
_entity_src_gen.pdbx_host_org_tissue_fraction      ? 
_entity_src_gen.pdbx_host_org_strain               HK100 
_entity_src_gen.pdbx_host_org_variant              ? 
_entity_src_gen.pdbx_host_org_cell_line            ? 
_entity_src_gen.pdbx_host_org_atcc                 ? 
_entity_src_gen.pdbx_host_org_culture_collection   ? 
_entity_src_gen.pdbx_host_org_cell                 ? 
_entity_src_gen.pdbx_host_org_organelle            ? 
_entity_src_gen.pdbx_host_org_cellular_location    ? 
_entity_src_gen.pdbx_host_org_vector_type          Plasmid 
_entity_src_gen.pdbx_host_org_vector               ? 
_entity_src_gen.host_org_details                   ? 
_entity_src_gen.expression_system_id               ? 
_entity_src_gen.plasmid_name                       speedET 
_entity_src_gen.plasmid_details                    ? 
_entity_src_gen.pdbx_description                   ? 
# 
loop_
_chem_comp.id 
_chem_comp.type 
_chem_comp.mon_nstd_flag 
_chem_comp.name 
_chem_comp.pdbx_synonyms 
_chem_comp.formula 
_chem_comp.formula_weight 
ALA 'L-peptide linking' y ALANINE          ? 'C3 H7 N O2'     89.093  
ARG 'L-peptide linking' y ARGININE         ? 'C6 H15 N4 O2 1' 175.209 
ASN 'L-peptide linking' y ASPARAGINE       ? 'C4 H8 N2 O3'    132.118 
ASP 'L-peptide linking' y 'ASPARTIC ACID'  ? 'C4 H7 N O4'     133.103 
CYS 'L-peptide linking' y CYSTEINE         ? 'C3 H7 N O2 S'   121.158 
GLN 'L-peptide linking' y GLUTAMINE        ? 'C5 H10 N2 O3'   146.144 
GLU 'L-peptide linking' y 'GLUTAMIC ACID'  ? 'C5 H9 N O4'     147.129 
GLY 'peptide linking'   y GLYCINE          ? 'C2 H5 N O2'     75.067  
HIS 'L-peptide linking' y HISTIDINE        ? 'C6 H10 N3 O2 1' 156.162 
HOH non-polymer         . WATER            ? 'H2 O'           18.015  
ILE 'L-peptide linking' y ISOLEUCINE       ? 'C6 H13 N O2'    131.173 
LEU 'L-peptide linking' y LEUCINE          ? 'C6 H13 N O2'    131.173 
LYS 'L-peptide linking' y LYSINE           ? 'C6 H15 N2 O2 1' 147.195 
MSE 'L-peptide linking' n SELENOMETHIONINE ? 'C5 H11 N O2 Se' 196.106 
PHE 'L-peptide linking' y PHENYLALANINE    ? 'C9 H11 N O2'    165.189 
PRO 'L-peptide linking' y PROLINE          ? 'C5 H9 N O2'     115.130 
SER 'L-peptide linking' y SERINE           ? 'C3 H7 N O3'     105.093 
SO4 non-polymer         . 'SULFATE ION'    ? 'O4 S -2'        96.063  
THR 'L-peptide linking' y THREONINE        ? 'C4 H9 N O3'     119.119 
TRP 'L-peptide linking' y TRYPTOPHAN       ? 'C11 H12 N2 O2'  204.225 
TYR 'L-peptide linking' y TYROSINE         ? 'C9 H11 N O3'    181.189 
VAL 'L-peptide linking' y VALINE           ? 'C5 H11 N O2'    117.146 
# 
loop_
_pdbx_poly_seq_scheme.asym_id 
_pdbx_poly_seq_scheme.entity_id 
_pdbx_poly_seq_scheme.seq_id 
_pdbx_poly_seq_scheme.mon_id 
_pdbx_poly_seq_scheme.ndb_seq_num 
_pdbx_poly_seq_scheme.pdb_seq_num 
_pdbx_poly_seq_scheme.auth_seq_num 
_pdbx_poly_seq_scheme.pdb_mon_id 
_pdbx_poly_seq_scheme.auth_mon_id 
_pdbx_poly_seq_scheme.pdb_strand_id 
_pdbx_poly_seq_scheme.pdb_ins_code 
_pdbx_poly_seq_scheme.hetero 
A 1 1   GLY 1   0   ?   ?   ?   A . n 
A 1 2   MSE 2   1   ?   ?   ?   A . n 
A 1 3   SER 3   2   2   SER SER A . n 
A 1 4   ASN 4   3   3   ASN ASN A . n 
A 1 5   GLN 5   4   4   GLN GLN A . n 
A 1 6   LYS 6   5   5   LYS LYS A . n 
A 1 7   HIS 7   6   6   HIS HIS A . n 
A 1 8   ILE 8   7   7   ILE ILE A . n 
A 1 9   ASP 9   8   8   ASP ASP A . n 
A 1 10  LYS 10  9   9   LYS LYS A . n 
A 1 11  ILE 11  10  10  ILE ILE A . n 
A 1 12  GLN 12  11  11  GLN GLN A . n 
A 1 13  ALA 13  12  12  ALA ALA A . n 
A 1 14  VAL 14  13  13  VAL VAL A . n 
A 1 15  ILE 15  14  14  ILE ILE A . n 
A 1 16  LYS 16  15  15  LYS LYS A . n 
A 1 17  ASP 17  16  16  ASP ASP A . n 
A 1 18  VAL 18  17  17  VAL VAL A . n 
A 1 19  LYS 19  18  18  LYS LYS A . n 
A 1 20  PHE 20  19  19  PHE PHE A . n 
A 1 21  ALA 21  20  20  ALA ALA A . n 
A 1 22  MSE 22  21  21  MSE MSE A . n 
A 1 23  ILE 23  22  22  ILE ILE A . n 
A 1 24  SER 24  23  23  SER SER A . n 
A 1 25  THR 25  24  24  THR THR A . n 
A 1 26  SER 26  25  25  SER SER A . n 
A 1 27  ASN 27  26  26  ASN ASN A . n 
A 1 28  LYS 28  27  27  LYS LYS A . n 
A 1 29  LYS 29  28  28  LYS LYS A . n 
A 1 30  GLY 30  29  29  GLY GLY A . n 
A 1 31  ASP 31  30  30  ASP ASP A . n 
A 1 32  ILE 32  31  31  ILE ILE A . n 
A 1 33  HIS 33  32  32  HIS HIS A . n 
A 1 34  ALA 34  33  33  ALA ALA A . n 
A 1 35  TRP 35  34  34  TRP TRP A . n 
A 1 36  PRO 36  35  35  PRO PRO A . n 
A 1 37  MSE 37  36  36  MSE MSE A . n 
A 1 38  THR 38  37  37  THR THR A . n 
A 1 39  THR 39  38  38  THR THR A . n 
A 1 40  SER 40  39  39  SER SER A . n 
A 1 41  GLU 41  40  40  GLU GLU A . n 
A 1 42  VAL 42  41  41  VAL VAL A . n 
A 1 43  ASN 43  42  42  ASN ASN A . n 
A 1 44  LEU 44  43  43  LEU LEU A . n 
A 1 45  ASP 45  44  44  ASP ASP A . n 
A 1 46  ASN 46  45  45  ASN ASN A . n 
A 1 47  LYS 47  46  46  LYS LYS A . n 
A 1 48  GLU 48  47  47  GLU GLU A . n 
A 1 49  ILE 49  48  48  ILE ILE A . n 
A 1 50  TRP 50  49  49  TRP TRP A . n 
A 1 51  PHE 51  50  50  PHE PHE A . n 
A 1 52  ILE 52  51  51  ILE ILE A . n 
A 1 53  GLY 53  52  52  GLY GLY A . n 
A 1 54  ASP 54  53  53  ASP ASP A . n 
A 1 55  LYS 55  54  54  LYS LYS A . n 
A 1 56  THR 56  55  55  THR THR A . n 
A 1 57  SER 57  56  56  SER SER A . n 
A 1 58  ASP 58  57  57  ASP ASP A . n 
A 1 59  VAL 59  58  58  VAL VAL A . n 
A 1 60  VAL 60  59  59  VAL VAL A . n 
A 1 61  LYS 61  60  60  LYS LYS A . n 
A 1 62  ASP 62  61  61  ASP ASP A . n 
A 1 63  ILE 63  62  62  ILE ILE A . n 
A 1 64  GLN 64  63  63  GLN GLN A . n 
A 1 65  ASP 65  64  64  ASP ASP A . n 
A 1 66  ASP 66  65  65  ASP ASP A . n 
A 1 67  ALA 67  66  66  ALA ALA A . n 
A 1 68  ARG 68  67  67  ARG ARG A . n 
A 1 69  ILE 69  68  68  ILE ILE A . n 
A 1 70  GLY 70  69  69  GLY GLY A . n 
A 1 71  LEU 71  70  70  LEU LEU A . n 
A 1 72  THR 72  71  71  THR THR A . n 
A 1 73  TYR 73  72  72  TYR TYR A . n 
A 1 74  ALA 74  73  73  ALA ALA A . n 
A 1 75  THR 75  74  74  THR THR A . n 
A 1 76  GLN 76  75  75  GLN GLN A . n 
A 1 77  ASP 77  76  76  ASP ASP A . n 
A 1 78  GLU 78  77  77  GLU GLU A . n 
A 1 79  LYS 79  78  78  LYS LYS A . n 
A 1 80  ASN 80  79  79  ASN ASN A . n 
A 1 81  TYR 81  80  80  TYR TYR A . n 
A 1 82  VAL 82  81  81  VAL VAL A . n 
A 1 83  SER 83  82  82  SER SER A . n 
A 1 84  ILE 84  83  83  ILE ILE A . n 
A 1 85  SER 85  84  84  SER SER A . n 
A 1 86  GLY 86  85  85  GLY GLY A . n 
A 1 87  ASP 87  86  86  ASP ASP A . n 
A 1 88  ALA 88  87  87  ALA ALA A . n 
A 1 89  GLU 89  88  88  GLU GLU A . n 
A 1 90  LEU 90  89  89  LEU LEU A . n 
A 1 91  PRO 91  90  90  PRO PRO A . n 
A 1 92  THR 92  91  91  THR THR A . n 
A 1 93  ASP 93  92  92  ASP ASP A . n 
A 1 94  LYS 94  93  93  LYS LYS A . n 
A 1 95  ALA 95  94  94  ALA ALA A . n 
A 1 96  LYS 96  95  95  LYS LYS A . n 
A 1 97  LEU 97  96  96  LEU LEU A . n 
A 1 98  ASP 98  97  97  ASP ASP A . n 
A 1 99  GLU 99  98  98  GLU GLU A . n 
A 1 100 LEU 100 99  99  LEU LEU A . n 
A 1 101 TRP 101 100 100 TRP TRP A . n 
A 1 102 SER 102 101 101 SER SER A . n 
A 1 103 PRO 103 102 102 PRO PRO A . n 
A 1 104 VAL 104 103 103 VAL VAL A . n 
A 1 105 TYR 105 104 104 TYR TYR A . n 
A 1 106 SER 106 105 105 SER SER A . n 
A 1 107 ALA 107 106 106 ALA ALA A . n 
A 1 108 PHE 108 107 107 PHE PHE A . n 
A 1 109 PHE 109 108 108 PHE PHE A . n 
A 1 110 ALA 110 109 109 ALA ALA A . n 
A 1 111 ASN 111 110 110 ASN ASN A . n 
A 1 112 GLY 112 111 111 GLY GLY A . n 
A 1 113 LYS 113 112 112 LYS LYS A . n 
A 1 114 GLU 114 113 113 GLU GLU A . n 
A 1 115 ASP 115 114 114 ASP ASP A . n 
A 1 116 ALA 116 115 115 ALA ALA A . n 
A 1 117 ASN 117 116 116 ASN ASN A . n 
A 1 118 ILE 118 117 117 ILE ILE A . n 
A 1 119 GLN 119 118 118 GLN GLN A . n 
A 1 120 LEU 120 119 119 LEU LEU A . n 
A 1 121 ILE 121 120 120 ILE ILE A . n 
A 1 122 LYS 122 121 121 LYS LYS A . n 
A 1 123 VAL 123 122 122 VAL VAL A . n 
A 1 124 VAL 124 123 123 VAL VAL A . n 
A 1 125 PRO 125 124 124 PRO PRO A . n 
A 1 126 HIS 126 125 125 HIS HIS A . n 
A 1 127 GLY 127 126 126 GLY GLY A . n 
A 1 128 VAL 128 127 127 VAL VAL A . n 
A 1 129 GLU 129 128 128 GLU GLU A . n 
A 1 130 CYS 130 129 129 CYS CYS A . n 
A 1 131 TRP 131 130 130 TRP TRP A . n 
A 1 132 LEU 132 131 131 LEU LEU A . n 
A 1 133 SER 133 132 132 SER SER A . n 
A 1 134 GLY 134 133 133 GLY GLY A . n 
# 
loop_
_pdbx_nonpoly_scheme.asym_id 
_pdbx_nonpoly_scheme.entity_id 
_pdbx_nonpoly_scheme.mon_id 
_pdbx_nonpoly_scheme.ndb_seq_num 
_pdbx_nonpoly_scheme.pdb_seq_num 
_pdbx_nonpoly_scheme.auth_seq_num 
_pdbx_nonpoly_scheme.pdb_mon_id 
_pdbx_nonpoly_scheme.auth_mon_id 
_pdbx_nonpoly_scheme.pdb_strand_id 
_pdbx_nonpoly_scheme.pdb_ins_code 
B 2 SO4 1  134 1  SO4 SO4 A . 
C 2 SO4 1  135 2  SO4 SO4 A . 
D 3 HOH 1  136 3  HOH HOH A . 
D 3 HOH 2  137 4  HOH HOH A . 
D 3 HOH 3  138 5  HOH HOH A . 
D 3 HOH 4  139 6  HOH HOH A . 
D 3 HOH 5  140 7  HOH HOH A . 
D 3 HOH 6  141 8  HOH HOH A . 
D 3 HOH 7  142 9  HOH HOH A . 
D 3 HOH 8  143 10 HOH HOH A . 
D 3 HOH 9  144 11 HOH HOH A . 
D 3 HOH 10 145 12 HOH HOH A . 
D 3 HOH 11 146 13 HOH HOH A . 
D 3 HOH 12 147 14 HOH HOH A . 
D 3 HOH 13 148 15 HOH HOH A . 
D 3 HOH 14 149 16 HOH HOH A . 
D 3 HOH 15 150 17 HOH HOH A . 
D 3 HOH 16 151 18 HOH HOH A . 
D 3 HOH 17 152 19 HOH HOH A . 
D 3 HOH 18 153 20 HOH HOH A . 
D 3 HOH 19 154 21 HOH HOH A . 
D 3 HOH 20 155 22 HOH HOH A . 
D 3 HOH 21 156 23 HOH HOH A . 
D 3 HOH 22 157 24 HOH HOH A . 
D 3 HOH 23 158 25 HOH HOH A . 
D 3 HOH 24 159 26 HOH HOH A . 
# 
loop_
_pdbx_unobs_or_zero_occ_atoms.id 
_pdbx_unobs_or_zero_occ_atoms.PDB_model_num 
_pdbx_unobs_or_zero_occ_atoms.polymer_flag 
_pdbx_unobs_or_zero_occ_atoms.occupancy_flag 
_pdbx_unobs_or_zero_occ_atoms.auth_asym_id 
_pdbx_unobs_or_zero_occ_atoms.auth_comp_id 
_pdbx_unobs_or_zero_occ_atoms.auth_seq_id 
_pdbx_unobs_or_zero_occ_atoms.PDB_ins_code 
_pdbx_unobs_or_zero_occ_atoms.auth_atom_id 
_pdbx_unobs_or_zero_occ_atoms.label_alt_id 
_pdbx_unobs_or_zero_occ_atoms.label_asym_id 
_pdbx_unobs_or_zero_occ_atoms.label_comp_id 
_pdbx_unobs_or_zero_occ_atoms.label_seq_id 
_pdbx_unobs_or_zero_occ_atoms.label_atom_id 
1  1 Y 1 A LYS 5  ? CG ? A LYS 6  CG 
2  1 Y 1 A LYS 5  ? CD ? A LYS 6  CD 
3  1 Y 1 A LYS 5  ? CE ? A LYS 6  CE 
4  1 Y 1 A LYS 5  ? NZ ? A LYS 6  NZ 
5  1 Y 1 A LYS 9  ? CD ? A LYS 10 CD 
6  1 Y 1 A LYS 9  ? CE ? A LYS 10 CE 
7  1 Y 1 A LYS 9  ? NZ ? A LYS 10 NZ 
8  1 Y 1 A LYS 15 ? CG ? A LYS 16 CG 
9  1 Y 1 A LYS 15 ? CD ? A LYS 16 CD 
10 1 Y 1 A LYS 15 ? CE ? A LYS 16 CE 
11 1 Y 1 A LYS 15 ? NZ ? A LYS 16 NZ 
12 1 Y 1 A LYS 27 ? CD ? A LYS 28 CD 
13 1 Y 1 A LYS 27 ? CE ? A LYS 28 CE 
14 1 Y 1 A LYS 27 ? NZ ? A LYS 28 NZ 
15 1 Y 1 A LYS 78 ? CE ? A LYS 79 CE 
16 1 Y 1 A LYS 78 ? NZ ? A LYS 79 NZ 
17 1 Y 1 A LYS 93 ? CD ? A LYS 94 CD 
18 1 Y 1 A LYS 93 ? CE ? A LYS 94 CE 
19 1 Y 1 A LYS 93 ? NZ ? A LYS 94 NZ 
# 
loop_
_software.name 
_software.version 
_software.date 
_software.type 
_software.contact_author 
_software.contact_author_email 
_software.classification 
_software.location 
_software.language 
_software.citation_id 
_software.pdbx_ordinal 
REFMAC      5.2.0019 ?              program 'Murshudov, G.N.'            ccp4@dl.ac.uk                        refinement        
http://www.ccp4.ac.uk/main.html              Fortran_77 ? 1 
PHENIX      .        ?              package 'P.D. Adams'                 PDAdams@lbl.gov                      refinement        
http://www.phenix-online.org/                C++        ? 2 
SHELX       .        ?              package 'George Sheldrick'           gsheldr@shelx.uni-ac.gwdg.de         phasing           
http://shelx.uni-ac.gwdg.de/SHELX/           Fortran_77 ? 3 
MolProbity  3beta29  ?              package 'D.C. & J.S. Richardson lab' molprobity@kinemage.biochem.duke.edu 'model building'  
http://kinemage.biochem.duke.edu/molprobity/ ?          ? 4 
SCALA       .        ?              other   'Phil Evans'                 pre@mrc-lmb.cam.ac.uk                'data scaling'    
http://www.ccp4.ac.uk/dist/html/INDEX.html   Fortran_77 ? 5 
PDB_EXTRACT 3.000    'July 2, 2007' package PDB                          sw-help@rcsb.rutgers.edu             'data extraction' 
http://pdb.rutgers.edu/software/             C++        ? 6 
MAR345      CCD      ?              ?       ?                            ?                                    'data collection' ? 
?          ? 7 
MOSFLM      .        ?              ?       ?                            ?                                    'data reduction'  ? 
?          ? 8 
SHELXD      .        ?              ?       ?                            ?                                    phasing           ? 
?          ? 9 
# 
_cell.entry_id           2RE7 
_cell.length_a           106.063 
_cell.length_b           106.063 
_cell.length_c           87.218 
_cell.angle_alpha        90.000 
_cell.angle_beta         90.000 
_cell.angle_gamma        90.000 
_cell.pdbx_unique_axis   ? 
_cell.Z_PDB              16 
_cell.length_a_esd       ? 
_cell.length_b_esd       ? 
_cell.length_c_esd       ? 
_cell.angle_alpha_esd    ? 
_cell.angle_beta_esd     ? 
_cell.angle_gamma_esd    ? 
# 
_symmetry.entry_id                         2RE7 
_symmetry.Int_Tables_number                98 
_symmetry.space_group_name_H-M             'I 41 2 2' 
_symmetry.pdbx_full_space_group_name_H-M   ? 
_symmetry.cell_setting                     ? 
_symmetry.space_group_name_Hall            ? 
# 
_exptl.crystals_number   1 
_exptl.method            'X-RAY DIFFRACTION' 
_exptl.entry_id          2RE7 
# 
_exptl_crystal.id                    1 
_exptl_crystal.density_Matthews      3.39 
_exptl_crystal.density_meas          ? 
_exptl_crystal.density_percent_sol   63.71 
_exptl_crystal.description           ? 
_exptl_crystal.F_000                 ? 
_exptl_crystal.preparation           ? 
# 
_exptl_crystal_grow.crystal_id      1 
_exptl_crystal_grow.method          'VAPOR DIFFUSION, SITTING DROP' 
_exptl_crystal_grow.pH              6.0 
_exptl_crystal_grow.temp            277 
_exptl_crystal_grow.pdbx_details    'NANODROP, 3.2M (NH4)2SO4, 0.1M MES pH 6.0, VAPOR DIFFUSION, SITTING DROP, temperature 277K' 
_exptl_crystal_grow.temp_details    ? 
_exptl_crystal_grow.pdbx_pH_range   . 
# 
_diffrn.id                     1 
_diffrn.ambient_temp           100 
_diffrn.ambient_temp_details   ? 
_diffrn.crystal_id             1 
# 
_diffrn_detector.diffrn_id              1 
_diffrn_detector.detector               CCD 
_diffrn_detector.type                   'MARMOSAIC 300 mm CCD' 
_diffrn_detector.details                'Adjustable focusing mirrors in K-B geometry' 
_diffrn_detector.pdbx_collection_date   2007-08-20 
# 
_diffrn_radiation.diffrn_id                        1 
_diffrn_radiation.pdbx_monochromatic_or_laue_m_l   M 
_diffrn_radiation.monochromator                    'Si(111) Double crystal' 
_diffrn_radiation.pdbx_diffrn_protocol             MAD 
_diffrn_radiation.wavelength_id                    1 
_diffrn_radiation.pdbx_scattering_type             x-ray 
# 
loop_
_diffrn_radiation_wavelength.id 
_diffrn_radiation_wavelength.wavelength 
_diffrn_radiation_wavelength.wt 
1 0.95372 1.0 
2 0.97942 1.0 
# 
_diffrn_source.diffrn_id                   1 
_diffrn_source.source                      SYNCHROTRON 
_diffrn_source.pdbx_synchrotron_beamline   23-ID-D 
_diffrn_source.type                        'APS BEAMLINE 23-ID-D' 
_diffrn_source.pdbx_wavelength_list        '0.95372, 0.97942' 
_diffrn_source.pdbx_wavelength             ? 
_diffrn_source.pdbx_synchrotron_site       APS 
# 
_reflns.entry_id                     2RE7 
_reflns.d_resolution_high            2.50 
_reflns.d_resolution_low             28.433 
_reflns.number_obs                   8894 
_reflns.pdbx_Rmerge_I_obs            0.090 
_reflns.pdbx_netI_over_sigmaI        4.200 
_reflns.pdbx_Rsym_value              0.090 
_reflns.pdbx_redundancy              7.200 
_reflns.percent_possible_obs         99.900 
_reflns.observed_criterion_sigma_F   ? 
_reflns.observed_criterion_sigma_I   ? 
_reflns.number_all                   ? 
_reflns.B_iso_Wilson_estimate        75.19 
_reflns.R_free_details               ? 
_reflns.limit_h_max                  ? 
_reflns.limit_h_min                  ? 
_reflns.limit_k_max                  ? 
_reflns.limit_k_min                  ? 
_reflns.limit_l_max                  ? 
_reflns.limit_l_min                  ? 
_reflns.observed_criterion_F_max     ? 
_reflns.observed_criterion_F_min     ? 
_reflns.pdbx_chi_squared             ? 
_reflns.pdbx_scaling_rejects         ? 
_reflns.pdbx_ordinal                 1 
_reflns.pdbx_diffrn_id               1 
# 
loop_
_reflns_shell.d_res_high 
_reflns_shell.d_res_low 
_reflns_shell.number_measured_obs 
_reflns_shell.number_measured_all 
_reflns_shell.number_unique_obs 
_reflns_shell.Rmerge_I_obs 
_reflns_shell.meanI_over_sigI_obs 
_reflns_shell.pdbx_Rsym_value 
_reflns_shell.pdbx_chi_squared 
_reflns_shell.pdbx_redundancy 
_reflns_shell.percent_possible_obs 
_reflns_shell.number_unique_all 
_reflns_shell.percent_possible_all 
_reflns_shell.pdbx_ordinal 
_reflns_shell.pdbx_diffrn_id 
2.50  2.56   ? 4683 ? 0.010 0.7 1.046 ? 7.40 ? 636 100.00 1  1 
2.56  2.64   ? 4725 ? 0.010 0.9 0.795 ? 7.40 ? 637 100.00 2  1 
2.64  2.71   ? 4449 ? 0.010 1.3 0.574 ? 7.30 ? 607 100.00 3  1 
2.71  2.80   ? 4441 ? 0.010 1.6 0.449 ? 7.40 ? 603 100.00 4  1 
2.80  2.89   ? 4159 ? 0.010 2.3 0.317 ? 7.40 ? 565 100.00 5  1 
2.89  2.99   ? 4117 ? 0.010 2.6 0.258 ? 7.40 ? 557 100.00 6  1 
2.99  3.10   ? 4000 ? 0.010 3.9 0.182 ? 7.40 ? 544 100.00 7  1 
3.10  3.23   ? 3774 ? 0.010 5.0 0.139 ? 7.30 ? 518 100.00 8  1 
3.23  3.37   ? 3615 ? 0.010 5.6 0.112 ? 7.30 ? 497 100.00 9  1 
3.37  3.54   ? 3538 ? 0.010 6.4 0.101 ? 7.30 ? 487 100.00 10 1 
3.54  3.73   ? 3250 ? 0.010 7.3 0.084 ? 7.20 ? 449 100.00 11 1 
3.73  3.95   ? 3255 ? 0.010 7.6 0.074 ? 7.20 ? 452 100.00 12 1 
3.95  4.23   ? 2809 ? 0.010 7.8 0.071 ? 7.00 ? 399 100.00 13 1 
4.23  4.56   ? 2753 ? 0.010 8.1 0.073 ? 7.00 ? 395 100.00 14 1 
4.56  5.00   ? 2392 ? 0.010 6.8 0.078 ? 6.80 ? 352 100.00 15 1 
5.00  5.59   ? 2311 ? 0.010 9.0 0.069 ? 7.00 ? 331 100.00 16 1 
5.59  6.45   ? 1964 ? 0.010 9.3 0.065 ? 6.80 ? 287 100.00 17 1 
6.45  7.91   ? 1772 ? 0.010 9.4 0.063 ? 6.80 ? 260 100.00 18 1 
7.91  11.18  ? 1248 ? 0.010 6.0 0.059 ? 6.30 ? 198 100.00 19 1 
11.18 28.433 ? 678  ? 0.010 7.5 0.066 ? 5.70 ? 120 95.30  20 1 
# 
_refine.entry_id                                 2RE7 
_refine.ls_d_res_high                            2.500 
_refine.ls_d_res_low                             28.433 
_refine.pdbx_ls_sigma_F                          0.00 
_refine.ls_percent_reflns_obs                    99.900 
_refine.ls_number_reflns_obs                     8885 
_refine.pdbx_ls_cross_valid_method               THROUGHOUT 
_refine.pdbx_R_Free_selection_details            RANDOM 
_refine.details                                  
;1. HYDROGENS HAVE BEEN ADDED IN THE RIDING POSITIONS.
 2. ATOM RECORD CONTAINS RESIDUAL B FACTORS ONLY.
 3. A MET-INHIBITION PROTOCOL WAS USED FOR SELENOMETHIONINE
 INCORPORATION DURING PROTEIN EXPRESSION. THE OCCUPANCY OF
 THE SE ATOMS IN THE MSE RESIDUES WAS REDUCED TO 0.75 TO
 ACCOUNT FOR THE REDUCED SCATTERING POWER DUE TO PARTIAL
 S-MET INCORPORATION.
 4. SULFATE IONS (SO4) FROM THE CRYSTALLIZATION BUFFER WERE
 MODELED INTO THE STRUCTURE.
 5. THE ELECTRON DENSITIES FOR RESIDUES 134-164 ARE DISORDERED,
 AND THESE RESIDUES WERE NOT MODELED.
;
_refine.ls_R_factor_obs                          0.192 
_refine.ls_R_factor_R_work                       0.191 
_refine.ls_R_factor_R_free                       0.226 
_refine.ls_percent_reflns_R_free                 4.800 
_refine.ls_number_reflns_R_free                  424 
_refine.B_iso_mean                               42.729 
_refine.aniso_B[1][1]                            -1.760 
_refine.aniso_B[2][2]                            -1.760 
_refine.aniso_B[3][3]                            3.520 
_refine.aniso_B[1][2]                            0.000 
_refine.aniso_B[1][3]                            0.000 
_refine.aniso_B[2][3]                            0.000 
_refine.correlation_coeff_Fo_to_Fc               0.963 
_refine.correlation_coeff_Fo_to_Fc_free          0.944 
_refine.pdbx_overall_ESU_R                       0.242 
_refine.pdbx_overall_ESU_R_Free                  0.203 
_refine.overall_SU_ML                            0.158 
_refine.overall_SU_B                             14.700 
_refine.solvent_model_details                    MASK 
_refine.pdbx_solvent_vdw_probe_radii             1.200 
_refine.pdbx_solvent_ion_probe_radii             0.800 
_refine.pdbx_solvent_shrinkage_radii             0.800 
_refine.pdbx_method_to_determine_struct          MAD 
_refine.pdbx_stereochemistry_target_values       'MAXIMUM LIKELIHOOD' 
_refine.pdbx_ls_sigma_I                          ? 
_refine.ls_number_reflns_all                     ? 
_refine.ls_R_factor_all                          ? 
_refine.ls_redundancy_reflns_obs                 ? 
_refine.pdbx_data_cutoff_high_absF               ? 
_refine.pdbx_data_cutoff_low_absF                ? 
_refine.ls_number_parameters                     ? 
_refine.ls_number_restraints                     ? 
_refine.ls_R_factor_R_free_error                 ? 
_refine.ls_R_factor_R_free_error_details         ? 
_refine.pdbx_starting_model                      ? 
_refine.pdbx_stereochem_target_val_spec_case     ? 
_refine.solvent_model_param_bsol                 ? 
_refine.solvent_model_param_ksol                 ? 
_refine.occupancy_max                            ? 
_refine.occupancy_min                            ? 
_refine.pdbx_isotropic_thermal_model             ? 
_refine.B_iso_min                                ? 
_refine.B_iso_max                                ? 
_refine.overall_SU_R_Cruickshank_DPI             ? 
_refine.overall_SU_R_free                        ? 
_refine.pdbx_data_cutoff_high_rms_absF           ? 
_refine.ls_wR_factor_R_free                      ? 
_refine.ls_wR_factor_R_work                      ? 
_refine.overall_FOM_free_R_set                   ? 
_refine.overall_FOM_work_R_set                   ? 
_refine.pdbx_refine_id                           'X-RAY DIFFRACTION' 
_refine.pdbx_TLS_residual_ADP_flag               'LIKELY RESIDUAL' 
_refine.pdbx_diffrn_id                           1 
_refine.pdbx_overall_phase_error                 ? 
_refine.pdbx_overall_SU_R_free_Cruickshank_DPI   ? 
_refine.pdbx_overall_SU_R_Blow_DPI               ? 
_refine.pdbx_overall_SU_R_free_Blow_DPI          ? 
# 
_refine_hist.pdbx_refine_id                   'X-RAY DIFFRACTION' 
_refine_hist.cycle_id                         LAST 
_refine_hist.pdbx_number_atoms_protein        1019 
_refine_hist.pdbx_number_atoms_nucleic_acid   0 
_refine_hist.pdbx_number_atoms_ligand         10 
_refine_hist.number_atoms_solvent             24 
_refine_hist.number_atoms_total               1053 
_refine_hist.d_res_high                       2.500 
_refine_hist.d_res_low                        28.433 
# 
loop_
_refine_ls_restr.type 
_refine_ls_restr.number 
_refine_ls_restr.dev_ideal 
_refine_ls_restr.dev_ideal_target 
_refine_ls_restr.weight 
_refine_ls_restr.pdbx_refine_id 
_refine_ls_restr.pdbx_restraint_function 
r_bond_refined_d         1048 0.015  0.022  ? 'X-RAY DIFFRACTION' ? 
r_bond_other_d           659  0.003  0.020  ? 'X-RAY DIFFRACTION' ? 
r_angle_refined_deg      1428 1.645  1.936  ? 'X-RAY DIFFRACTION' ? 
r_angle_other_deg        1629 1.123  3.000  ? 'X-RAY DIFFRACTION' ? 
r_dihedral_angle_1_deg   131  7.696  5.000  ? 'X-RAY DIFFRACTION' ? 
r_dihedral_angle_2_deg   48   41.902 26.667 ? 'X-RAY DIFFRACTION' ? 
r_dihedral_angle_3_deg   171  17.239 15.000 ? 'X-RAY DIFFRACTION' ? 
r_dihedral_angle_4_deg   1    18.761 15.000 ? 'X-RAY DIFFRACTION' ? 
r_chiral_restr           161  0.094  0.200  ? 'X-RAY DIFFRACTION' ? 
r_gen_planes_refined     1168 0.006  0.020  ? 'X-RAY DIFFRACTION' ? 
r_gen_planes_other       189  0.002  0.020  ? 'X-RAY DIFFRACTION' ? 
r_nbd_refined            194  0.201  0.300  ? 'X-RAY DIFFRACTION' ? 
r_nbd_other              630  0.162  0.300  ? 'X-RAY DIFFRACTION' ? 
r_nbtor_refined          477  0.178  0.500  ? 'X-RAY DIFFRACTION' ? 
r_nbtor_other            563  0.093  0.500  ? 'X-RAY DIFFRACTION' ? 
r_xyhbond_nbd_refined    59   0.167  0.500  ? 'X-RAY DIFFRACTION' ? 
r_symmetry_vdw_refined   8    0.167  0.300  ? 'X-RAY DIFFRACTION' ? 
r_symmetry_vdw_other     33   0.160  0.300  ? 'X-RAY DIFFRACTION' ? 
r_symmetry_hbond_refined 11   0.161  0.500  ? 'X-RAY DIFFRACTION' ? 
r_mcbond_it              717  1.941  3.000  ? 'X-RAY DIFFRACTION' ? 
r_mcbond_other           266  0.370  3.000  ? 'X-RAY DIFFRACTION' ? 
r_mcangle_it             1061 3.094  5.000  ? 'X-RAY DIFFRACTION' ? 
r_scbond_it              440  5.367  8.000  ? 'X-RAY DIFFRACTION' ? 
r_scangle_it             367  7.797  11.000 ? 'X-RAY DIFFRACTION' ? 
# 
_refine_ls_shell.d_res_high                       2.500 
_refine_ls_shell.d_res_low                        2.565 
_refine_ls_shell.pdbx_total_number_of_bins_used   20 
_refine_ls_shell.percent_reflns_obs               99.840 
_refine_ls_shell.number_reflns_R_work             608 
_refine_ls_shell.R_factor_all                     ? 
_refine_ls_shell.R_factor_R_work                  0.401 
_refine_ls_shell.R_factor_R_free                  0.471 
_refine_ls_shell.percent_reflns_R_free            ? 
_refine_ls_shell.number_reflns_R_free             27 
_refine_ls_shell.R_factor_R_free_error            ? 
_refine_ls_shell.number_reflns_all                635 
_refine_ls_shell.number_reflns_obs                ? 
_refine_ls_shell.redundancy_reflns_obs            ? 
_refine_ls_shell.pdbx_refine_id                   'X-RAY DIFFRACTION' 
# 
_struct.entry_id                  2RE7 
_struct.title                     
;Crystal structure of a pyridoxamine 5'-phosphate oxidase related protein (psyc_0186) from psychrobacter arcticus 273-4 at 2.50 A resolution
;
_struct.pdbx_model_details        ? 
_struct.pdbx_CASP_flag            ? 
_struct.pdbx_model_type_details   ? 
# 
_struct_keywords.text            
;General stress protein cog3871, structural genomics, Joint Center for Structural Genomics, JCSG, Protein Structure Initiative, PSI-2, oxidoreductase
;
_struct_keywords.pdbx_keywords   OXIDOREDUCTASE 
_struct_keywords.entry_id        2RE7 
# 
loop_
_struct_asym.id 
_struct_asym.pdbx_blank_PDB_chainid_flag 
_struct_asym.pdbx_modified 
_struct_asym.entity_id 
_struct_asym.details 
A N N 1 ? 
B N N 2 ? 
C N N 2 ? 
D N N 3 ? 
# 
_struct_ref.id                         1 
_struct_ref.db_name                    UNP 
_struct_ref.db_code                    Q4FV99_PSYAR 
_struct_ref.pdbx_db_accession          Q4FV99 
_struct_ref.entity_id                  1 
_struct_ref.pdbx_seq_one_letter_code   
;MSNQKHIDKIQAVIKDVKFAMISTSNKKGDIHAWPMTTSEVNLDNKEIWFIGDKTSDVVKDIQDDARIGLTYATQDEKNY
VSISGDAELPTDKAKLDELWSPVYSAFFANGKEDANIQLIKVVPHGVECWLSG
;
_struct_ref.pdbx_align_begin           1 
_struct_ref.pdbx_db_isoform            ? 
# 
_struct_ref_seq.align_id                      1 
_struct_ref_seq.ref_id                        1 
_struct_ref_seq.pdbx_PDB_id_code              2RE7 
_struct_ref_seq.pdbx_strand_id                A 
_struct_ref_seq.seq_align_beg                 2 
_struct_ref_seq.pdbx_seq_align_beg_ins_code   ? 
_struct_ref_seq.seq_align_end                 134 
_struct_ref_seq.pdbx_seq_align_end_ins_code   ? 
_struct_ref_seq.pdbx_db_accession             Q4FV99 
_struct_ref_seq.db_align_beg                  1 
_struct_ref_seq.pdbx_db_align_beg_ins_code    ? 
_struct_ref_seq.db_align_end                  133 
_struct_ref_seq.pdbx_db_align_end_ins_code    ? 
_struct_ref_seq.pdbx_auth_seq_align_beg       1 
_struct_ref_seq.pdbx_auth_seq_align_end       133 
# 
_struct_ref_seq_dif.align_id                     1 
_struct_ref_seq_dif.pdbx_pdb_id_code             2RE7 
_struct_ref_seq_dif.mon_id                       GLY 
_struct_ref_seq_dif.pdbx_pdb_strand_id           A 
_struct_ref_seq_dif.seq_num                      1 
_struct_ref_seq_dif.pdbx_pdb_ins_code            ? 
_struct_ref_seq_dif.pdbx_seq_db_name             UNP 
_struct_ref_seq_dif.pdbx_seq_db_accession_code   Q4FV99 
_struct_ref_seq_dif.db_mon_id                    ? 
_struct_ref_seq_dif.pdbx_seq_db_seq_num          ? 
_struct_ref_seq_dif.details                      'expression tag' 
_struct_ref_seq_dif.pdbx_auth_seq_num            0 
_struct_ref_seq_dif.pdbx_ordinal                 1 
# 
_pdbx_struct_assembly.id                   1 
_pdbx_struct_assembly.details              author_and_software_defined_assembly 
_pdbx_struct_assembly.method_details       PISA 
_pdbx_struct_assembly.oligomeric_details   dimeric 
_pdbx_struct_assembly.oligomeric_count     2 
# 
_pdbx_struct_assembly_prop.biol_id   1 
_pdbx_struct_assembly_prop.type      'ABSA (A^2)' 
_pdbx_struct_assembly_prop.value     2390 
_pdbx_struct_assembly_prop.details   ? 
# 
_pdbx_struct_assembly_gen.assembly_id       1 
_pdbx_struct_assembly_gen.oper_expression   1,2 
_pdbx_struct_assembly_gen.asym_id_list      A,B,C,D 
# 
_pdbx_struct_assembly_auth_evidence.id                     1 
_pdbx_struct_assembly_auth_evidence.assembly_id            1 
_pdbx_struct_assembly_auth_evidence.experimental_support   'gel filtration' 
_pdbx_struct_assembly_auth_evidence.details                ? 
# 
loop_
_pdbx_struct_oper_list.id 
_pdbx_struct_oper_list.type 
_pdbx_struct_oper_list.name 
_pdbx_struct_oper_list.symmetry_operation 
_pdbx_struct_oper_list.matrix[1][1] 
_pdbx_struct_oper_list.matrix[1][2] 
_pdbx_struct_oper_list.matrix[1][3] 
_pdbx_struct_oper_list.vector[1] 
_pdbx_struct_oper_list.matrix[2][1] 
_pdbx_struct_oper_list.matrix[2][2] 
_pdbx_struct_oper_list.matrix[2][3] 
_pdbx_struct_oper_list.vector[2] 
_pdbx_struct_oper_list.matrix[3][1] 
_pdbx_struct_oper_list.matrix[3][2] 
_pdbx_struct_oper_list.matrix[3][3] 
_pdbx_struct_oper_list.vector[3] 
1 'identity operation'         1_555 x,y,z           1.0000000000  0.0000000000 0.0000000000  0.0000000000   0.0000000000 1.0000000000  0.0000000000  0.0000000000 0.0000000000  0.0000000000  1.0000000000  0.0000000000   
2 'crystal symmetry operation' 6_555 x,-y+1/2,-z+1/4 -0.3445818328 0.7702434528 -0.5366454918 -18.5026714625 0.7702434528 -0.0948145683 -0.6306625255 6.5943035011 -0.5366454918 -0.6306625255 -0.5606035989 -13.1330049874 
# 
_struct_biol.id        1 
_struct_biol.details   
;SIZE EXCLUSION CHROMATOGRAPHY SUPPORTS THE ASSIGNMENT
OF A DIMER AS A SIGNIFICANT OLIGOMERIZATION STATE.
;
# 
loop_
_struct_conf.conf_type_id 
_struct_conf.id 
_struct_conf.pdbx_PDB_helix_id 
_struct_conf.beg_label_comp_id 
_struct_conf.beg_label_asym_id 
_struct_conf.beg_label_seq_id 
_struct_conf.pdbx_beg_PDB_ins_code 
_struct_conf.end_label_comp_id 
_struct_conf.end_label_asym_id 
_struct_conf.end_label_seq_id 
_struct_conf.pdbx_end_PDB_ins_code 
_struct_conf.beg_auth_comp_id 
_struct_conf.beg_auth_asym_id 
_struct_conf.beg_auth_seq_id 
_struct_conf.end_auth_comp_id 
_struct_conf.end_auth_asym_id 
_struct_conf.end_auth_seq_id 
_struct_conf.pdbx_PDB_helix_class 
_struct_conf.details 
_struct_conf.pdbx_PDB_helix_length 
HELX_P HELX_P1 1 HIS A 7   ? VAL A 18  ? HIS A 6   VAL A 17  1 ? 12 
HELX_P HELX_P2 2 SER A 57  ? ASP A 66  ? SER A 56  ASP A 65  1 ? 10 
HELX_P HELX_P3 3 ASP A 93  ? TRP A 101 ? ASP A 92  TRP A 100 1 ? 9  
HELX_P HELX_P4 4 SER A 102 ? PHE A 108 ? SER A 101 PHE A 107 1 ? 7  
HELX_P HELX_P5 5 ASN A 111 ? ASP A 115 ? ASN A 110 ASP A 114 5 ? 5  
# 
_struct_conf_type.id          HELX_P 
_struct_conf_type.criteria    ? 
_struct_conf_type.reference   ? 
# 
loop_
_struct_conn.id 
_struct_conn.conn_type_id 
_struct_conn.pdbx_leaving_atom_flag 
_struct_conn.pdbx_PDB_id 
_struct_conn.ptnr1_label_asym_id 
_struct_conn.ptnr1_label_comp_id 
_struct_conn.ptnr1_label_seq_id 
_struct_conn.ptnr1_label_atom_id 
_struct_conn.pdbx_ptnr1_label_alt_id 
_struct_conn.pdbx_ptnr1_PDB_ins_code 
_struct_conn.pdbx_ptnr1_standard_comp_id 
_struct_conn.ptnr1_symmetry 
_struct_conn.ptnr2_label_asym_id 
_struct_conn.ptnr2_label_comp_id 
_struct_conn.ptnr2_label_seq_id 
_struct_conn.ptnr2_label_atom_id 
_struct_conn.pdbx_ptnr2_label_alt_id 
_struct_conn.pdbx_ptnr2_PDB_ins_code 
_struct_conn.ptnr1_auth_asym_id 
_struct_conn.ptnr1_auth_comp_id 
_struct_conn.ptnr1_auth_seq_id 
_struct_conn.ptnr2_auth_asym_id 
_struct_conn.ptnr2_auth_comp_id 
_struct_conn.ptnr2_auth_seq_id 
_struct_conn.ptnr2_symmetry 
_struct_conn.pdbx_ptnr3_label_atom_id 
_struct_conn.pdbx_ptnr3_label_seq_id 
_struct_conn.pdbx_ptnr3_label_comp_id 
_struct_conn.pdbx_ptnr3_label_asym_id 
_struct_conn.pdbx_ptnr3_label_alt_id 
_struct_conn.pdbx_ptnr3_PDB_ins_code 
_struct_conn.details 
_struct_conn.pdbx_dist_value 
_struct_conn.pdbx_value_order 
_struct_conn.pdbx_role 
covale1 covale both ? A ALA 21 C ? ? ? 1_555 A MSE 22 N ? ? A ALA 20 A MSE 21 1_555 ? ? ? ? ? ? ? 1.332 ? ? 
covale2 covale both ? A MSE 22 C ? ? ? 1_555 A ILE 23 N ? ? A MSE 21 A ILE 22 1_555 ? ? ? ? ? ? ? 1.325 ? ? 
covale3 covale both ? A PRO 36 C ? ? ? 1_555 A MSE 37 N ? ? A PRO 35 A MSE 36 1_555 ? ? ? ? ? ? ? 1.328 ? ? 
covale4 covale both ? A MSE 37 C ? ? ? 1_555 A THR 38 N ? ? A MSE 36 A THR 37 1_555 ? ? ? ? ? ? ? 1.319 ? ? 
# 
_struct_conn_type.id          covale 
_struct_conn_type.criteria    ? 
_struct_conn_type.reference   ? 
# 
loop_
_pdbx_modification_feature.ordinal 
_pdbx_modification_feature.label_comp_id 
_pdbx_modification_feature.label_asym_id 
_pdbx_modification_feature.label_seq_id 
_pdbx_modification_feature.label_alt_id 
_pdbx_modification_feature.modified_residue_label_comp_id 
_pdbx_modification_feature.modified_residue_label_asym_id 
_pdbx_modification_feature.modified_residue_label_seq_id 
_pdbx_modification_feature.modified_residue_label_alt_id 
_pdbx_modification_feature.auth_comp_id 
_pdbx_modification_feature.auth_asym_id 
_pdbx_modification_feature.auth_seq_id 
_pdbx_modification_feature.PDB_ins_code 
_pdbx_modification_feature.symmetry 
_pdbx_modification_feature.modified_residue_auth_comp_id 
_pdbx_modification_feature.modified_residue_auth_asym_id 
_pdbx_modification_feature.modified_residue_auth_seq_id 
_pdbx_modification_feature.modified_residue_PDB_ins_code 
_pdbx_modification_feature.modified_residue_symmetry 
_pdbx_modification_feature.comp_id_linking_atom 
_pdbx_modification_feature.modified_residue_id_linking_atom 
_pdbx_modification_feature.modified_residue_id 
_pdbx_modification_feature.ref_pcm_id 
_pdbx_modification_feature.ref_comp_id 
_pdbx_modification_feature.type 
_pdbx_modification_feature.category 
1 MSE A 22 ? . . . . MSE A 21 ? 1_555 . . . . . . . MET 1 MSE Selenomethionine 'Named protein modification' 
2 MSE A 37 ? . . . . MSE A 36 ? 1_555 . . . . . . . MET 1 MSE Selenomethionine 'Named protein modification' 
# 
_struct_mon_prot_cis.pdbx_id                1 
_struct_mon_prot_cis.label_comp_id          SER 
_struct_mon_prot_cis.label_seq_id           133 
_struct_mon_prot_cis.label_asym_id          A 
_struct_mon_prot_cis.label_alt_id           . 
_struct_mon_prot_cis.pdbx_PDB_ins_code      ? 
_struct_mon_prot_cis.auth_comp_id           SER 
_struct_mon_prot_cis.auth_seq_id            132 
_struct_mon_prot_cis.auth_asym_id           A 
_struct_mon_prot_cis.pdbx_label_comp_id_2   GLY 
_struct_mon_prot_cis.pdbx_label_seq_id_2    134 
_struct_mon_prot_cis.pdbx_label_asym_id_2   A 
_struct_mon_prot_cis.pdbx_PDB_ins_code_2    ? 
_struct_mon_prot_cis.pdbx_auth_comp_id_2    GLY 
_struct_mon_prot_cis.pdbx_auth_seq_id_2     133 
_struct_mon_prot_cis.pdbx_auth_asym_id_2    A 
_struct_mon_prot_cis.pdbx_PDB_model_num     1 
_struct_mon_prot_cis.pdbx_omega_angle       0.88 
# 
_struct_sheet.id               A 
_struct_sheet.type             ? 
_struct_sheet.number_strands   7 
_struct_sheet.details          ? 
# 
loop_
_struct_sheet_order.sheet_id 
_struct_sheet_order.range_id_1 
_struct_sheet_order.range_id_2 
_struct_sheet_order.offset 
_struct_sheet_order.sense 
A 1 2 ? anti-parallel 
A 2 3 ? anti-parallel 
A 3 4 ? anti-parallel 
A 4 5 ? anti-parallel 
A 5 6 ? anti-parallel 
A 6 7 ? anti-parallel 
# 
loop_
_struct_sheet_range.sheet_id 
_struct_sheet_range.id 
_struct_sheet_range.beg_label_comp_id 
_struct_sheet_range.beg_label_asym_id 
_struct_sheet_range.beg_label_seq_id 
_struct_sheet_range.pdbx_beg_PDB_ins_code 
_struct_sheet_range.end_label_comp_id 
_struct_sheet_range.end_label_asym_id 
_struct_sheet_range.end_label_seq_id 
_struct_sheet_range.pdbx_end_PDB_ins_code 
_struct_sheet_range.beg_auth_comp_id 
_struct_sheet_range.beg_auth_asym_id 
_struct_sheet_range.beg_auth_seq_id 
_struct_sheet_range.end_auth_comp_id 
_struct_sheet_range.end_auth_asym_id 
_struct_sheet_range.end_auth_seq_id 
A 1 ILE A 32  ? MSE A 37  ? ILE A 31  MSE A 36  
A 2 ALA A 21  ? SER A 26  ? ALA A 20  SER A 25  
A 3 ARG A 68  ? ALA A 74  ? ARG A 67  ALA A 73  
A 4 TYR A 81  ? GLU A 89  ? TYR A 80  GLU A 88  
A 5 ILE A 118 ? TRP A 131 ? ILE A 117 TRP A 130 
A 6 GLU A 48  ? ASP A 54  ? GLU A 47  ASP A 53  
A 7 GLU A 41  ? ASN A 43  ? GLU A 40  ASN A 42  
# 
loop_
_pdbx_struct_sheet_hbond.sheet_id 
_pdbx_struct_sheet_hbond.range_id_1 
_pdbx_struct_sheet_hbond.range_id_2 
_pdbx_struct_sheet_hbond.range_1_label_atom_id 
_pdbx_struct_sheet_hbond.range_1_label_comp_id 
_pdbx_struct_sheet_hbond.range_1_label_asym_id 
_pdbx_struct_sheet_hbond.range_1_label_seq_id 
_pdbx_struct_sheet_hbond.range_1_PDB_ins_code 
_pdbx_struct_sheet_hbond.range_1_auth_atom_id 
_pdbx_struct_sheet_hbond.range_1_auth_comp_id 
_pdbx_struct_sheet_hbond.range_1_auth_asym_id 
_pdbx_struct_sheet_hbond.range_1_auth_seq_id 
_pdbx_struct_sheet_hbond.range_2_label_atom_id 
_pdbx_struct_sheet_hbond.range_2_label_comp_id 
_pdbx_struct_sheet_hbond.range_2_label_asym_id 
_pdbx_struct_sheet_hbond.range_2_label_seq_id 
_pdbx_struct_sheet_hbond.range_2_PDB_ins_code 
_pdbx_struct_sheet_hbond.range_2_auth_atom_id 
_pdbx_struct_sheet_hbond.range_2_auth_comp_id 
_pdbx_struct_sheet_hbond.range_2_auth_asym_id 
_pdbx_struct_sheet_hbond.range_2_auth_seq_id 
A 1 2 O MSE A 37  ? O MSE A 36  N ALA A 21  ? N ALA A 20  
A 2 3 N SER A 24  ? N SER A 23  O GLY A 70  ? O GLY A 69  
A 3 4 N LEU A 71  ? N LEU A 70  O ILE A 84  ? O ILE A 83  
A 4 5 N GLU A 89  ? N GLU A 88  O LYS A 122 ? O LYS A 121 
A 5 6 O VAL A 123 ? O VAL A 122 N ILE A 49  ? N ILE A 48  
A 6 7 O GLU A 48  ? O GLU A 47  N ASN A 43  ? N ASN A 42  
# 
loop_
_struct_site.id 
_struct_site.pdbx_evidence_code 
_struct_site.pdbx_auth_asym_id 
_struct_site.pdbx_auth_comp_id 
_struct_site.pdbx_auth_seq_id 
_struct_site.pdbx_auth_ins_code 
_struct_site.pdbx_num_residues 
_struct_site.details 
AC1 Software A SO4 134 ? 5 'BINDING SITE FOR RESIDUE SO4 A 134' 
AC2 Software A SO4 135 ? 6 'BINDING SITE FOR RESIDUE SO4 A 135' 
# 
loop_
_struct_site_gen.id 
_struct_site_gen.site_id 
_struct_site_gen.pdbx_num_res 
_struct_site_gen.label_comp_id 
_struct_site_gen.label_asym_id 
_struct_site_gen.label_seq_id 
_struct_site_gen.pdbx_auth_ins_code 
_struct_site_gen.auth_comp_id 
_struct_site_gen.auth_asym_id 
_struct_site_gen.auth_seq_id 
_struct_site_gen.label_atom_id 
_struct_site_gen.label_alt_id 
_struct_site_gen.symmetry 
_struct_site_gen.details 
1  AC1 5 SER A 3   ? SER A 2   . ? 1_555 ? 
2  AC1 5 HIS A 33  ? HIS A 32  . ? 6_555 ? 
3  AC1 5 SER A 85  ? SER A 84  . ? 1_555 ? 
4  AC1 5 HIS A 126 ? HIS A 125 . ? 1_555 ? 
5  AC1 5 GLY A 127 ? GLY A 126 . ? 1_555 ? 
6  AC2 6 SER A 3   ? SER A 2   . ? 1_555 ? 
7  AC2 6 LYS A 47  ? LYS A 46  . ? 1_555 ? 
8  AC2 6 PRO A 125 ? PRO A 124 . ? 1_555 ? 
9  AC2 6 HIS A 126 ? HIS A 125 . ? 1_555 ? 
10 AC2 6 GLY A 127 ? GLY A 126 . ? 1_555 ? 
11 AC2 6 VAL A 128 ? VAL A 127 . ? 1_555 ? 
# 
_pdbx_entry_details.entry_id                   2RE7 
_pdbx_entry_details.compound_details           ? 
_pdbx_entry_details.source_details             ? 
_pdbx_entry_details.nonpolymer_details         ? 
_pdbx_entry_details.sequence_details           ? 
_pdbx_entry_details.has_ligand_of_interest     ? 
_pdbx_entry_details.has_protein_modification   Y 
# 
loop_
_pdbx_validate_torsion.id 
_pdbx_validate_torsion.PDB_model_num 
_pdbx_validate_torsion.auth_comp_id 
_pdbx_validate_torsion.auth_asym_id 
_pdbx_validate_torsion.auth_seq_id 
_pdbx_validate_torsion.PDB_ins_code 
_pdbx_validate_torsion.label_alt_id 
_pdbx_validate_torsion.phi 
_pdbx_validate_torsion.psi 
1 1 LYS A 46  ? ? 60.26   67.67  
2 1 LEU A 89  ? ? -119.89 67.18  
3 1 ALA A 106 ? ? -61.79  -73.37 
4 1 PHE A 108 ? ? -163.33 99.92  
# 
_pdbx_validate_peptide_omega.id               1 
_pdbx_validate_peptide_omega.PDB_model_num    1 
_pdbx_validate_peptide_omega.auth_comp_id_1   LYS 
_pdbx_validate_peptide_omega.auth_asym_id_1   A 
_pdbx_validate_peptide_omega.auth_seq_id_1    5 
_pdbx_validate_peptide_omega.PDB_ins_code_1   ? 
_pdbx_validate_peptide_omega.label_alt_id_1   ? 
_pdbx_validate_peptide_omega.auth_comp_id_2   HIS 
_pdbx_validate_peptide_omega.auth_asym_id_2   A 
_pdbx_validate_peptide_omega.auth_seq_id_2    6 
_pdbx_validate_peptide_omega.PDB_ins_code_2   ? 
_pdbx_validate_peptide_omega.label_alt_id_2   ? 
_pdbx_validate_peptide_omega.omega            136.95 
# 
_pdbx_SG_project.project_name          'PSI, Protein Structure Initiative' 
_pdbx_SG_project.full_name_of_center   'Joint Center for Structural Genomics' 
_pdbx_SG_project.id                    1 
_pdbx_SG_project.initial_of_center     JCSG 
# 
loop_
_pdbx_struct_mod_residue.id 
_pdbx_struct_mod_residue.label_asym_id 
_pdbx_struct_mod_residue.label_comp_id 
_pdbx_struct_mod_residue.label_seq_id 
_pdbx_struct_mod_residue.auth_asym_id 
_pdbx_struct_mod_residue.auth_comp_id 
_pdbx_struct_mod_residue.auth_seq_id 
_pdbx_struct_mod_residue.PDB_ins_code 
_pdbx_struct_mod_residue.parent_comp_id 
_pdbx_struct_mod_residue.details 
1 A MSE 22 A MSE 21 ? MET SELENOMETHIONINE 
2 A MSE 37 A MSE 36 ? MET SELENOMETHIONINE 
# 
_pdbx_struct_special_symmetry.id              1 
_pdbx_struct_special_symmetry.PDB_model_num   1 
_pdbx_struct_special_symmetry.auth_asym_id    A 
_pdbx_struct_special_symmetry.auth_comp_id    HOH 
_pdbx_struct_special_symmetry.auth_seq_id     147 
_pdbx_struct_special_symmetry.PDB_ins_code    ? 
_pdbx_struct_special_symmetry.label_asym_id   D 
_pdbx_struct_special_symmetry.label_comp_id   HOH 
_pdbx_struct_special_symmetry.label_seq_id    . 
# 
_pdbx_refine_tls.id               1 
_pdbx_refine_tls.details          ? 
_pdbx_refine_tls.method           refined 
_pdbx_refine_tls.origin_x         0.1831 
_pdbx_refine_tls.origin_y         -0.0784 
_pdbx_refine_tls.origin_z         -0.1247 
_pdbx_refine_tls.T[1][1]          0.0814 
_pdbx_refine_tls.T[2][2]          -0.0375 
_pdbx_refine_tls.T[3][3]          0.0034 
_pdbx_refine_tls.T[1][2]          0.0461 
_pdbx_refine_tls.T[1][3]          -0.0153 
_pdbx_refine_tls.T[2][3]          0.0201 
_pdbx_refine_tls.L[1][1]          8.0485 
_pdbx_refine_tls.L[2][2]          3.8066 
_pdbx_refine_tls.L[3][3]          1.4604 
_pdbx_refine_tls.L[1][2]          -2.2423 
_pdbx_refine_tls.L[1][3]          -0.2492 
_pdbx_refine_tls.L[2][3]          0.1323 
_pdbx_refine_tls.S[1][1]          -0.2833 
_pdbx_refine_tls.S[2][2]          0.2000 
_pdbx_refine_tls.S[3][3]          0.0833 
_pdbx_refine_tls.S[1][2]          -0.5669 
_pdbx_refine_tls.S[1][3]          0.1980 
_pdbx_refine_tls.S[2][3]          -0.1136 
_pdbx_refine_tls.S[2][1]          0.7453 
_pdbx_refine_tls.S[3][1]          -0.0704 
_pdbx_refine_tls.S[3][2]          -0.0049 
_pdbx_refine_tls.pdbx_refine_id   'X-RAY DIFFRACTION' 
# 
_pdbx_refine_tls_group.id                  1 
_pdbx_refine_tls_group.refine_tls_id       1 
_pdbx_refine_tls_group.beg_label_asym_id   A 
_pdbx_refine_tls_group.beg_label_seq_id    3 
_pdbx_refine_tls_group.end_label_asym_id   A 
_pdbx_refine_tls_group.end_label_seq_id    134 
_pdbx_refine_tls_group.selection           ? 
_pdbx_refine_tls_group.beg_auth_asym_id    A 
_pdbx_refine_tls_group.beg_auth_seq_id     2 
_pdbx_refine_tls_group.end_auth_asym_id    A 
_pdbx_refine_tls_group.end_auth_seq_id     133 
_pdbx_refine_tls_group.pdbx_refine_id      'X-RAY DIFFRACTION' 
_pdbx_refine_tls_group.selection_details   ? 
# 
_phasing.method   MAD 
# 
loop_
_pdbx_database_remark.id 
_pdbx_database_remark.text 
300 
;
BIOMOLECULE: 1, 2
SEE REMARK 350 FOR THE AUTHOR PROVIDED AND PROGRAM
GENERATED ASSEMBLY INFORMATION FOR THE STRUCTURE IN
THIS ENTRY. THE REMARK MAY ALSO PROVIDE INFORMATION
ON BURIED SURFACE AREA.
SIZE EXCLUSION CHROMATOGRAPHY SUPPORTS THE ASSIGNMENT
OF A DIMER AS A SIGNIFICANT OLIGOMERIZATION STATE.
;
999 
;
SEQUENCE
THE CONSTRUCT WAS EXPRESSED WITH A PURIFICATION TAG
MGSDKIHHHHHHENLYFQG. THE TAG WAS REMOVED WITH TEV PROTEASE
LEAVING ONLY A GLYCINE FOLLOWED BY THE TARGET SEQUENCE.
;
# 
loop_
_pdbx_unobs_or_zero_occ_residues.id 
_pdbx_unobs_or_zero_occ_residues.PDB_model_num 
_pdbx_unobs_or_zero_occ_residues.polymer_flag 
_pdbx_unobs_or_zero_occ_residues.occupancy_flag 
_pdbx_unobs_or_zero_occ_residues.auth_asym_id 
_pdbx_unobs_or_zero_occ_residues.auth_comp_id 
_pdbx_unobs_or_zero_occ_residues.auth_seq_id 
_pdbx_unobs_or_zero_occ_residues.PDB_ins_code 
_pdbx_unobs_or_zero_occ_residues.label_asym_id 
_pdbx_unobs_or_zero_occ_residues.label_comp_id 
_pdbx_unobs_or_zero_occ_residues.label_seq_id 
1 1 Y 1 A GLY 0 ? A GLY 1 
2 1 Y 1 A MSE 1 ? A MSE 2 
# 
loop_
_chem_comp_atom.comp_id 
_chem_comp_atom.atom_id 
_chem_comp_atom.type_symbol 
_chem_comp_atom.pdbx_aromatic_flag 
_chem_comp_atom.pdbx_stereo_config 
_chem_comp_atom.pdbx_ordinal 
ALA N    N  N N 1   
ALA CA   C  N S 2   
ALA C    C  N N 3   
ALA O    O  N N 4   
ALA CB   C  N N 5   
ALA OXT  O  N N 6   
ALA H    H  N N 7   
ALA H2   H  N N 8   
ALA HA   H  N N 9   
ALA HB1  H  N N 10  
ALA HB2  H  N N 11  
ALA HB3  H  N N 12  
ALA HXT  H  N N 13  
ARG N    N  N N 14  
ARG CA   C  N S 15  
ARG C    C  N N 16  
ARG O    O  N N 17  
ARG CB   C  N N 18  
ARG CG   C  N N 19  
ARG CD   C  N N 20  
ARG NE   N  N N 21  
ARG CZ   C  N N 22  
ARG NH1  N  N N 23  
ARG NH2  N  N N 24  
ARG OXT  O  N N 25  
ARG H    H  N N 26  
ARG H2   H  N N 27  
ARG HA   H  N N 28  
ARG HB2  H  N N 29  
ARG HB3  H  N N 30  
ARG HG2  H  N N 31  
ARG HG3  H  N N 32  
ARG HD2  H  N N 33  
ARG HD3  H  N N 34  
ARG HE   H  N N 35  
ARG HH11 H  N N 36  
ARG HH12 H  N N 37  
ARG HH21 H  N N 38  
ARG HH22 H  N N 39  
ARG HXT  H  N N 40  
ASN N    N  N N 41  
ASN CA   C  N S 42  
ASN C    C  N N 43  
ASN O    O  N N 44  
ASN CB   C  N N 45  
ASN CG   C  N N 46  
ASN OD1  O  N N 47  
ASN ND2  N  N N 48  
ASN OXT  O  N N 49  
ASN H    H  N N 50  
ASN H2   H  N N 51  
ASN HA   H  N N 52  
ASN HB2  H  N N 53  
ASN HB3  H  N N 54  
ASN HD21 H  N N 55  
ASN HD22 H  N N 56  
ASN HXT  H  N N 57  
ASP N    N  N N 58  
ASP CA   C  N S 59  
ASP C    C  N N 60  
ASP O    O  N N 61  
ASP CB   C  N N 62  
ASP CG   C  N N 63  
ASP OD1  O  N N 64  
ASP OD2  O  N N 65  
ASP OXT  O  N N 66  
ASP H    H  N N 67  
ASP H2   H  N N 68  
ASP HA   H  N N 69  
ASP HB2  H  N N 70  
ASP HB3  H  N N 71  
ASP HD2  H  N N 72  
ASP HXT  H  N N 73  
CYS N    N  N N 74  
CYS CA   C  N R 75  
CYS C    C  N N 76  
CYS O    O  N N 77  
CYS CB   C  N N 78  
CYS SG   S  N N 79  
CYS OXT  O  N N 80  
CYS H    H  N N 81  
CYS H2   H  N N 82  
CYS HA   H  N N 83  
CYS HB2  H  N N 84  
CYS HB3  H  N N 85  
CYS HG   H  N N 86  
CYS HXT  H  N N 87  
GLN N    N  N N 88  
GLN CA   C  N S 89  
GLN C    C  N N 90  
GLN O    O  N N 91  
GLN CB   C  N N 92  
GLN CG   C  N N 93  
GLN CD   C  N N 94  
GLN OE1  O  N N 95  
GLN NE2  N  N N 96  
GLN OXT  O  N N 97  
GLN H    H  N N 98  
GLN H2   H  N N 99  
GLN HA   H  N N 100 
GLN HB2  H  N N 101 
GLN HB3  H  N N 102 
GLN HG2  H  N N 103 
GLN HG3  H  N N 104 
GLN HE21 H  N N 105 
GLN HE22 H  N N 106 
GLN HXT  H  N N 107 
GLU N    N  N N 108 
GLU CA   C  N S 109 
GLU C    C  N N 110 
GLU O    O  N N 111 
GLU CB   C  N N 112 
GLU CG   C  N N 113 
GLU CD   C  N N 114 
GLU OE1  O  N N 115 
GLU OE2  O  N N 116 
GLU OXT  O  N N 117 
GLU H    H  N N 118 
GLU H2   H  N N 119 
GLU HA   H  N N 120 
GLU HB2  H  N N 121 
GLU HB3  H  N N 122 
GLU HG2  H  N N 123 
GLU HG3  H  N N 124 
GLU HE2  H  N N 125 
GLU HXT  H  N N 126 
GLY N    N  N N 127 
GLY CA   C  N N 128 
GLY C    C  N N 129 
GLY O    O  N N 130 
GLY OXT  O  N N 131 
GLY H    H  N N 132 
GLY H2   H  N N 133 
GLY HA2  H  N N 134 
GLY HA3  H  N N 135 
GLY HXT  H  N N 136 
HIS N    N  N N 137 
HIS CA   C  N S 138 
HIS C    C  N N 139 
HIS O    O  N N 140 
HIS CB   C  N N 141 
HIS CG   C  Y N 142 
HIS ND1  N  Y N 143 
HIS CD2  C  Y N 144 
HIS CE1  C  Y N 145 
HIS NE2  N  Y N 146 
HIS OXT  O  N N 147 
HIS H    H  N N 148 
HIS H2   H  N N 149 
HIS HA   H  N N 150 
HIS HB2  H  N N 151 
HIS HB3  H  N N 152 
HIS HD1  H  N N 153 
HIS HD2  H  N N 154 
HIS HE1  H  N N 155 
HIS HE2  H  N N 156 
HIS HXT  H  N N 157 
HOH O    O  N N 158 
HOH H1   H  N N 159 
HOH H2   H  N N 160 
ILE N    N  N N 161 
ILE CA   C  N S 162 
ILE C    C  N N 163 
ILE O    O  N N 164 
ILE CB   C  N S 165 
ILE CG1  C  N N 166 
ILE CG2  C  N N 167 
ILE CD1  C  N N 168 
ILE OXT  O  N N 169 
ILE H    H  N N 170 
ILE H2   H  N N 171 
ILE HA   H  N N 172 
ILE HB   H  N N 173 
ILE HG12 H  N N 174 
ILE HG13 H  N N 175 
ILE HG21 H  N N 176 
ILE HG22 H  N N 177 
ILE HG23 H  N N 178 
ILE HD11 H  N N 179 
ILE HD12 H  N N 180 
ILE HD13 H  N N 181 
ILE HXT  H  N N 182 
LEU N    N  N N 183 
LEU CA   C  N S 184 
LEU C    C  N N 185 
LEU O    O  N N 186 
LEU CB   C  N N 187 
LEU CG   C  N N 188 
LEU CD1  C  N N 189 
LEU CD2  C  N N 190 
LEU OXT  O  N N 191 
LEU H    H  N N 192 
LEU H2   H  N N 193 
LEU HA   H  N N 194 
LEU HB2  H  N N 195 
LEU HB3  H  N N 196 
LEU HG   H  N N 197 
LEU HD11 H  N N 198 
LEU HD12 H  N N 199 
LEU HD13 H  N N 200 
LEU HD21 H  N N 201 
LEU HD22 H  N N 202 
LEU HD23 H  N N 203 
LEU HXT  H  N N 204 
LYS N    N  N N 205 
LYS CA   C  N S 206 
LYS C    C  N N 207 
LYS O    O  N N 208 
LYS CB   C  N N 209 
LYS CG   C  N N 210 
LYS CD   C  N N 211 
LYS CE   C  N N 212 
LYS NZ   N  N N 213 
LYS OXT  O  N N 214 
LYS H    H  N N 215 
LYS H2   H  N N 216 
LYS HA   H  N N 217 
LYS HB2  H  N N 218 
LYS HB3  H  N N 219 
LYS HG2  H  N N 220 
LYS HG3  H  N N 221 
LYS HD2  H  N N 222 
LYS HD3  H  N N 223 
LYS HE2  H  N N 224 
LYS HE3  H  N N 225 
LYS HZ1  H  N N 226 
LYS HZ2  H  N N 227 
LYS HZ3  H  N N 228 
LYS HXT  H  N N 229 
MSE N    N  N N 230 
MSE CA   C  N S 231 
MSE C    C  N N 232 
MSE O    O  N N 233 
MSE OXT  O  N N 234 
MSE CB   C  N N 235 
MSE CG   C  N N 236 
MSE SE   SE N N 237 
MSE CE   C  N N 238 
MSE H    H  N N 239 
MSE H2   H  N N 240 
MSE HA   H  N N 241 
MSE HXT  H  N N 242 
MSE HB2  H  N N 243 
MSE HB3  H  N N 244 
MSE HG2  H  N N 245 
MSE HG3  H  N N 246 
MSE HE1  H  N N 247 
MSE HE2  H  N N 248 
MSE HE3  H  N N 249 
PHE N    N  N N 250 
PHE CA   C  N S 251 
PHE C    C  N N 252 
PHE O    O  N N 253 
PHE CB   C  N N 254 
PHE CG   C  Y N 255 
PHE CD1  C  Y N 256 
PHE CD2  C  Y N 257 
PHE CE1  C  Y N 258 
PHE CE2  C  Y N 259 
PHE CZ   C  Y N 260 
PHE OXT  O  N N 261 
PHE H    H  N N 262 
PHE H2   H  N N 263 
PHE HA   H  N N 264 
PHE HB2  H  N N 265 
PHE HB3  H  N N 266 
PHE HD1  H  N N 267 
PHE HD2  H  N N 268 
PHE HE1  H  N N 269 
PHE HE2  H  N N 270 
PHE HZ   H  N N 271 
PHE HXT  H  N N 272 
PRO N    N  N N 273 
PRO CA   C  N S 274 
PRO C    C  N N 275 
PRO O    O  N N 276 
PRO CB   C  N N 277 
PRO CG   C  N N 278 
PRO CD   C  N N 279 
PRO OXT  O  N N 280 
PRO H    H  N N 281 
PRO HA   H  N N 282 
PRO HB2  H  N N 283 
PRO HB3  H  N N 284 
PRO HG2  H  N N 285 
PRO HG3  H  N N 286 
PRO HD2  H  N N 287 
PRO HD3  H  N N 288 
PRO HXT  H  N N 289 
SER N    N  N N 290 
SER CA   C  N S 291 
SER C    C  N N 292 
SER O    O  N N 293 
SER CB   C  N N 294 
SER OG   O  N N 295 
SER OXT  O  N N 296 
SER H    H  N N 297 
SER H2   H  N N 298 
SER HA   H  N N 299 
SER HB2  H  N N 300 
SER HB3  H  N N 301 
SER HG   H  N N 302 
SER HXT  H  N N 303 
SO4 S    S  N N 304 
SO4 O1   O  N N 305 
SO4 O2   O  N N 306 
SO4 O3   O  N N 307 
SO4 O4   O  N N 308 
THR N    N  N N 309 
THR CA   C  N S 310 
THR C    C  N N 311 
THR O    O  N N 312 
THR CB   C  N R 313 
THR OG1  O  N N 314 
THR CG2  C  N N 315 
THR OXT  O  N N 316 
THR H    H  N N 317 
THR H2   H  N N 318 
THR HA   H  N N 319 
THR HB   H  N N 320 
THR HG1  H  N N 321 
THR HG21 H  N N 322 
THR HG22 H  N N 323 
THR HG23 H  N N 324 
THR HXT  H  N N 325 
TRP N    N  N N 326 
TRP CA   C  N S 327 
TRP C    C  N N 328 
TRP O    O  N N 329 
TRP CB   C  N N 330 
TRP CG   C  Y N 331 
TRP CD1  C  Y N 332 
TRP CD2  C  Y N 333 
TRP NE1  N  Y N 334 
TRP CE2  C  Y N 335 
TRP CE3  C  Y N 336 
TRP CZ2  C  Y N 337 
TRP CZ3  C  Y N 338 
TRP CH2  C  Y N 339 
TRP OXT  O  N N 340 
TRP H    H  N N 341 
TRP H2   H  N N 342 
TRP HA   H  N N 343 
TRP HB2  H  N N 344 
TRP HB3  H  N N 345 
TRP HD1  H  N N 346 
TRP HE1  H  N N 347 
TRP HE3  H  N N 348 
TRP HZ2  H  N N 349 
TRP HZ3  H  N N 350 
TRP HH2  H  N N 351 
TRP HXT  H  N N 352 
TYR N    N  N N 353 
TYR CA   C  N S 354 
TYR C    C  N N 355 
TYR O    O  N N 356 
TYR CB   C  N N 357 
TYR CG   C  Y N 358 
TYR CD1  C  Y N 359 
TYR CD2  C  Y N 360 
TYR CE1  C  Y N 361 
TYR CE2  C  Y N 362 
TYR CZ   C  Y N 363 
TYR OH   O  N N 364 
TYR OXT  O  N N 365 
TYR H    H  N N 366 
TYR H2   H  N N 367 
TYR HA   H  N N 368 
TYR HB2  H  N N 369 
TYR HB3  H  N N 370 
TYR HD1  H  N N 371 
TYR HD2  H  N N 372 
TYR HE1  H  N N 373 
TYR HE2  H  N N 374 
TYR HH   H  N N 375 
TYR HXT  H  N N 376 
VAL N    N  N N 377 
VAL CA   C  N S 378 
VAL C    C  N N 379 
VAL O    O  N N 380 
VAL CB   C  N N 381 
VAL CG1  C  N N 382 
VAL CG2  C  N N 383 
VAL OXT  O  N N 384 
VAL H    H  N N 385 
VAL H2   H  N N 386 
VAL HA   H  N N 387 
VAL HB   H  N N 388 
VAL HG11 H  N N 389 
VAL HG12 H  N N 390 
VAL HG13 H  N N 391 
VAL HG21 H  N N 392 
VAL HG22 H  N N 393 
VAL HG23 H  N N 394 
VAL HXT  H  N N 395 
# 
loop_
_chem_comp_bond.comp_id 
_chem_comp_bond.atom_id_1 
_chem_comp_bond.atom_id_2 
_chem_comp_bond.value_order 
_chem_comp_bond.pdbx_aromatic_flag 
_chem_comp_bond.pdbx_stereo_config 
_chem_comp_bond.pdbx_ordinal 
ALA N   CA   sing N N 1   
ALA N   H    sing N N 2   
ALA N   H2   sing N N 3   
ALA CA  C    sing N N 4   
ALA CA  CB   sing N N 5   
ALA CA  HA   sing N N 6   
ALA C   O    doub N N 7   
ALA C   OXT  sing N N 8   
ALA CB  HB1  sing N N 9   
ALA CB  HB2  sing N N 10  
ALA CB  HB3  sing N N 11  
ALA OXT HXT  sing N N 12  
ARG N   CA   sing N N 13  
ARG N   H    sing N N 14  
ARG N   H2   sing N N 15  
ARG CA  C    sing N N 16  
ARG CA  CB   sing N N 17  
ARG CA  HA   sing N N 18  
ARG C   O    doub N N 19  
ARG C   OXT  sing N N 20  
ARG CB  CG   sing N N 21  
ARG CB  HB2  sing N N 22  
ARG CB  HB3  sing N N 23  
ARG CG  CD   sing N N 24  
ARG CG  HG2  sing N N 25  
ARG CG  HG3  sing N N 26  
ARG CD  NE   sing N N 27  
ARG CD  HD2  sing N N 28  
ARG CD  HD3  sing N N 29  
ARG NE  CZ   sing N N 30  
ARG NE  HE   sing N N 31  
ARG CZ  NH1  sing N N 32  
ARG CZ  NH2  doub N N 33  
ARG NH1 HH11 sing N N 34  
ARG NH1 HH12 sing N N 35  
ARG NH2 HH21 sing N N 36  
ARG NH2 HH22 sing N N 37  
ARG OXT HXT  sing N N 38  
ASN N   CA   sing N N 39  
ASN N   H    sing N N 40  
ASN N   H2   sing N N 41  
ASN CA  C    sing N N 42  
ASN CA  CB   sing N N 43  
ASN CA  HA   sing N N 44  
ASN C   O    doub N N 45  
ASN C   OXT  sing N N 46  
ASN CB  CG   sing N N 47  
ASN CB  HB2  sing N N 48  
ASN CB  HB3  sing N N 49  
ASN CG  OD1  doub N N 50  
ASN CG  ND2  sing N N 51  
ASN ND2 HD21 sing N N 52  
ASN ND2 HD22 sing N N 53  
ASN OXT HXT  sing N N 54  
ASP N   CA   sing N N 55  
ASP N   H    sing N N 56  
ASP N   H2   sing N N 57  
ASP CA  C    sing N N 58  
ASP CA  CB   sing N N 59  
ASP CA  HA   sing N N 60  
ASP C   O    doub N N 61  
ASP C   OXT  sing N N 62  
ASP CB  CG   sing N N 63  
ASP CB  HB2  sing N N 64  
ASP CB  HB3  sing N N 65  
ASP CG  OD1  doub N N 66  
ASP CG  OD2  sing N N 67  
ASP OD2 HD2  sing N N 68  
ASP OXT HXT  sing N N 69  
CYS N   CA   sing N N 70  
CYS N   H    sing N N 71  
CYS N   H2   sing N N 72  
CYS CA  C    sing N N 73  
CYS CA  CB   sing N N 74  
CYS CA  HA   sing N N 75  
CYS C   O    doub N N 76  
CYS C   OXT  sing N N 77  
CYS CB  SG   sing N N 78  
CYS CB  HB2  sing N N 79  
CYS CB  HB3  sing N N 80  
CYS SG  HG   sing N N 81  
CYS OXT HXT  sing N N 82  
GLN N   CA   sing N N 83  
GLN N   H    sing N N 84  
GLN N   H2   sing N N 85  
GLN CA  C    sing N N 86  
GLN CA  CB   sing N N 87  
GLN CA  HA   sing N N 88  
GLN C   O    doub N N 89  
GLN C   OXT  sing N N 90  
GLN CB  CG   sing N N 91  
GLN CB  HB2  sing N N 92  
GLN CB  HB3  sing N N 93  
GLN CG  CD   sing N N 94  
GLN CG  HG2  sing N N 95  
GLN CG  HG3  sing N N 96  
GLN CD  OE1  doub N N 97  
GLN CD  NE2  sing N N 98  
GLN NE2 HE21 sing N N 99  
GLN NE2 HE22 sing N N 100 
GLN OXT HXT  sing N N 101 
GLU N   CA   sing N N 102 
GLU N   H    sing N N 103 
GLU N   H2   sing N N 104 
GLU CA  C    sing N N 105 
GLU CA  CB   sing N N 106 
GLU CA  HA   sing N N 107 
GLU C   O    doub N N 108 
GLU C   OXT  sing N N 109 
GLU CB  CG   sing N N 110 
GLU CB  HB2  sing N N 111 
GLU CB  HB3  sing N N 112 
GLU CG  CD   sing N N 113 
GLU CG  HG2  sing N N 114 
GLU CG  HG3  sing N N 115 
GLU CD  OE1  doub N N 116 
GLU CD  OE2  sing N N 117 
GLU OE2 HE2  sing N N 118 
GLU OXT HXT  sing N N 119 
GLY N   CA   sing N N 120 
GLY N   H    sing N N 121 
GLY N   H2   sing N N 122 
GLY CA  C    sing N N 123 
GLY CA  HA2  sing N N 124 
GLY CA  HA3  sing N N 125 
GLY C   O    doub N N 126 
GLY C   OXT  sing N N 127 
GLY OXT HXT  sing N N 128 
HIS N   CA   sing N N 129 
HIS N   H    sing N N 130 
HIS N   H2   sing N N 131 
HIS CA  C    sing N N 132 
HIS CA  CB   sing N N 133 
HIS CA  HA   sing N N 134 
HIS C   O    doub N N 135 
HIS C   OXT  sing N N 136 
HIS CB  CG   sing N N 137 
HIS CB  HB2  sing N N 138 
HIS CB  HB3  sing N N 139 
HIS CG  ND1  sing Y N 140 
HIS CG  CD2  doub Y N 141 
HIS ND1 CE1  doub Y N 142 
HIS ND1 HD1  sing N N 143 
HIS CD2 NE2  sing Y N 144 
HIS CD2 HD2  sing N N 145 
HIS CE1 NE2  sing Y N 146 
HIS CE1 HE1  sing N N 147 
HIS NE2 HE2  sing N N 148 
HIS OXT HXT  sing N N 149 
HOH O   H1   sing N N 150 
HOH O   H2   sing N N 151 
ILE N   CA   sing N N 152 
ILE N   H    sing N N 153 
ILE N   H2   sing N N 154 
ILE CA  C    sing N N 155 
ILE CA  CB   sing N N 156 
ILE CA  HA   sing N N 157 
ILE C   O    doub N N 158 
ILE C   OXT  sing N N 159 
ILE CB  CG1  sing N N 160 
ILE CB  CG2  sing N N 161 
ILE CB  HB   sing N N 162 
ILE CG1 CD1  sing N N 163 
ILE CG1 HG12 sing N N 164 
ILE CG1 HG13 sing N N 165 
ILE CG2 HG21 sing N N 166 
ILE CG2 HG22 sing N N 167 
ILE CG2 HG23 sing N N 168 
ILE CD1 HD11 sing N N 169 
ILE CD1 HD12 sing N N 170 
ILE CD1 HD13 sing N N 171 
ILE OXT HXT  sing N N 172 
LEU N   CA   sing N N 173 
LEU N   H    sing N N 174 
LEU N   H2   sing N N 175 
LEU CA  C    sing N N 176 
LEU CA  CB   sing N N 177 
LEU CA  HA   sing N N 178 
LEU C   O    doub N N 179 
LEU C   OXT  sing N N 180 
LEU CB  CG   sing N N 181 
LEU CB  HB2  sing N N 182 
LEU CB  HB3  sing N N 183 
LEU CG  CD1  sing N N 184 
LEU CG  CD2  sing N N 185 
LEU CG  HG   sing N N 186 
LEU CD1 HD11 sing N N 187 
LEU CD1 HD12 sing N N 188 
LEU CD1 HD13 sing N N 189 
LEU CD2 HD21 sing N N 190 
LEU CD2 HD22 sing N N 191 
LEU CD2 HD23 sing N N 192 
LEU OXT HXT  sing N N 193 
LYS N   CA   sing N N 194 
LYS N   H    sing N N 195 
LYS N   H2   sing N N 196 
LYS CA  C    sing N N 197 
LYS CA  CB   sing N N 198 
LYS CA  HA   sing N N 199 
LYS C   O    doub N N 200 
LYS C   OXT  sing N N 201 
LYS CB  CG   sing N N 202 
LYS CB  HB2  sing N N 203 
LYS CB  HB3  sing N N 204 
LYS CG  CD   sing N N 205 
LYS CG  HG2  sing N N 206 
LYS CG  HG3  sing N N 207 
LYS CD  CE   sing N N 208 
LYS CD  HD2  sing N N 209 
LYS CD  HD3  sing N N 210 
LYS CE  NZ   sing N N 211 
LYS CE  HE2  sing N N 212 
LYS CE  HE3  sing N N 213 
LYS NZ  HZ1  sing N N 214 
LYS NZ  HZ2  sing N N 215 
LYS NZ  HZ3  sing N N 216 
LYS OXT HXT  sing N N 217 
MSE N   CA   sing N N 218 
MSE N   H    sing N N 219 
MSE N   H2   sing N N 220 
MSE CA  C    sing N N 221 
MSE CA  CB   sing N N 222 
MSE CA  HA   sing N N 223 
MSE C   O    doub N N 224 
MSE C   OXT  sing N N 225 
MSE OXT HXT  sing N N 226 
MSE CB  CG   sing N N 227 
MSE CB  HB2  sing N N 228 
MSE CB  HB3  sing N N 229 
MSE CG  SE   sing N N 230 
MSE CG  HG2  sing N N 231 
MSE CG  HG3  sing N N 232 
MSE SE  CE   sing N N 233 
MSE CE  HE1  sing N N 234 
MSE CE  HE2  sing N N 235 
MSE CE  HE3  sing N N 236 
PHE N   CA   sing N N 237 
PHE N   H    sing N N 238 
PHE N   H2   sing N N 239 
PHE CA  C    sing N N 240 
PHE CA  CB   sing N N 241 
PHE CA  HA   sing N N 242 
PHE C   O    doub N N 243 
PHE C   OXT  sing N N 244 
PHE CB  CG   sing N N 245 
PHE CB  HB2  sing N N 246 
PHE CB  HB3  sing N N 247 
PHE CG  CD1  doub Y N 248 
PHE CG  CD2  sing Y N 249 
PHE CD1 CE1  sing Y N 250 
PHE CD1 HD1  sing N N 251 
PHE CD2 CE2  doub Y N 252 
PHE CD2 HD2  sing N N 253 
PHE CE1 CZ   doub Y N 254 
PHE CE1 HE1  sing N N 255 
PHE CE2 CZ   sing Y N 256 
PHE CE2 HE2  sing N N 257 
PHE CZ  HZ   sing N N 258 
PHE OXT HXT  sing N N 259 
PRO N   CA   sing N N 260 
PRO N   CD   sing N N 261 
PRO N   H    sing N N 262 
PRO CA  C    sing N N 263 
PRO CA  CB   sing N N 264 
PRO CA  HA   sing N N 265 
PRO C   O    doub N N 266 
PRO C   OXT  sing N N 267 
PRO CB  CG   sing N N 268 
PRO CB  HB2  sing N N 269 
PRO CB  HB3  sing N N 270 
PRO CG  CD   sing N N 271 
PRO CG  HG2  sing N N 272 
PRO CG  HG3  sing N N 273 
PRO CD  HD2  sing N N 274 
PRO CD  HD3  sing N N 275 
PRO OXT HXT  sing N N 276 
SER N   CA   sing N N 277 
SER N   H    sing N N 278 
SER N   H2   sing N N 279 
SER CA  C    sing N N 280 
SER CA  CB   sing N N 281 
SER CA  HA   sing N N 282 
SER C   O    doub N N 283 
SER C   OXT  sing N N 284 
SER CB  OG   sing N N 285 
SER CB  HB2  sing N N 286 
SER CB  HB3  sing N N 287 
SER OG  HG   sing N N 288 
SER OXT HXT  sing N N 289 
SO4 S   O1   doub N N 290 
SO4 S   O2   doub N N 291 
SO4 S   O3   sing N N 292 
SO4 S   O4   sing N N 293 
THR N   CA   sing N N 294 
THR N   H    sing N N 295 
THR N   H2   sing N N 296 
THR CA  C    sing N N 297 
THR CA  CB   sing N N 298 
THR CA  HA   sing N N 299 
THR C   O    doub N N 300 
THR C   OXT  sing N N 301 
THR CB  OG1  sing N N 302 
THR CB  CG2  sing N N 303 
THR CB  HB   sing N N 304 
THR OG1 HG1  sing N N 305 
THR CG2 HG21 sing N N 306 
THR CG2 HG22 sing N N 307 
THR CG2 HG23 sing N N 308 
THR OXT HXT  sing N N 309 
TRP N   CA   sing N N 310 
TRP N   H    sing N N 311 
TRP N   H2   sing N N 312 
TRP CA  C    sing N N 313 
TRP CA  CB   sing N N 314 
TRP CA  HA   sing N N 315 
TRP C   O    doub N N 316 
TRP C   OXT  sing N N 317 
TRP CB  CG   sing N N 318 
TRP CB  HB2  sing N N 319 
TRP CB  HB3  sing N N 320 
TRP CG  CD1  doub Y N 321 
TRP CG  CD2  sing Y N 322 
TRP CD1 NE1  sing Y N 323 
TRP CD1 HD1  sing N N 324 
TRP CD2 CE2  doub Y N 325 
TRP CD2 CE3  sing Y N 326 
TRP NE1 CE2  sing Y N 327 
TRP NE1 HE1  sing N N 328 
TRP CE2 CZ2  sing Y N 329 
TRP CE3 CZ3  doub Y N 330 
TRP CE3 HE3  sing N N 331 
TRP CZ2 CH2  doub Y N 332 
TRP CZ2 HZ2  sing N N 333 
TRP CZ3 CH2  sing Y N 334 
TRP CZ3 HZ3  sing N N 335 
TRP CH2 HH2  sing N N 336 
TRP OXT HXT  sing N N 337 
TYR N   CA   sing N N 338 
TYR N   H    sing N N 339 
TYR N   H2   sing N N 340 
TYR CA  C    sing N N 341 
TYR CA  CB   sing N N 342 
TYR CA  HA   sing N N 343 
TYR C   O    doub N N 344 
TYR C   OXT  sing N N 345 
TYR CB  CG   sing N N 346 
TYR CB  HB2  sing N N 347 
TYR CB  HB3  sing N N 348 
TYR CG  CD1  doub Y N 349 
TYR CG  CD2  sing Y N 350 
TYR CD1 CE1  sing Y N 351 
TYR CD1 HD1  sing N N 352 
TYR CD2 CE2  doub Y N 353 
TYR CD2 HD2  sing N N 354 
TYR CE1 CZ   doub Y N 355 
TYR CE1 HE1  sing N N 356 
TYR CE2 CZ   sing Y N 357 
TYR CE2 HE2  sing N N 358 
TYR CZ  OH   sing N N 359 
TYR OH  HH   sing N N 360 
TYR OXT HXT  sing N N 361 
VAL N   CA   sing N N 362 
VAL N   H    sing N N 363 
VAL N   H2   sing N N 364 
VAL CA  C    sing N N 365 
VAL CA  CB   sing N N 366 
VAL CA  HA   sing N N 367 
VAL C   O    doub N N 368 
VAL C   OXT  sing N N 369 
VAL CB  CG1  sing N N 370 
VAL CB  CG2  sing N N 371 
VAL CB  HB   sing N N 372 
VAL CG1 HG11 sing N N 373 
VAL CG1 HG12 sing N N 374 
VAL CG1 HG13 sing N N 375 
VAL CG2 HG21 sing N N 376 
VAL CG2 HG22 sing N N 377 
VAL CG2 HG23 sing N N 378 
VAL OXT HXT  sing N N 379 
# 
_atom_sites.entry_id                    2RE7 
_atom_sites.fract_transf_matrix[1][1]   0.00539714 
_atom_sites.fract_transf_matrix[1][2]   0.00634269 
_atom_sites.fract_transf_matrix[1][3]   -0.00441909 
_atom_sites.fract_transf_matrix[2][1]   -0.00449679 
_atom_sites.fract_transf_matrix[2][2]   0.00695985 
_atom_sites.fract_transf_matrix[2][3]   0.00449739 
_atom_sites.fract_transf_matrix[3][1]   0.00764704 
_atom_sites.fract_transf_matrix[3][2]   -0.00056774 
_atom_sites.fract_transf_matrix[3][3]   0.00852464 
_atom_sites.fract_transf_vector[1]      0.481390 
_atom_sites.fract_transf_vector[2]      0.214974 
_atom_sites.fract_transf_vector[3]      0.253600 
# 
loop_
_atom_type.symbol 
C  
N  
O  
S  
SE 
# 
loop_
_atom_site.group_PDB 
_atom_site.id 
_atom_site.type_symbol 
_atom_site.label_atom_id 
_atom_site.label_alt_id 
_atom_site.label_comp_id 
_atom_site.label_asym_id 
_atom_site.label_entity_id 
_atom_site.label_seq_id 
_atom_site.pdbx_PDB_ins_code 
_atom_site.Cartn_x 
_atom_site.Cartn_y 
_atom_site.Cartn_z 
_atom_site.occupancy 
_atom_site.B_iso_or_equiv 
_atom_site.pdbx_formal_charge 
_atom_site.auth_seq_id 
_atom_site.auth_comp_id 
_atom_site.auth_asym_id 
_atom_site.auth_atom_id 
_atom_site.pdbx_PDB_model_num 
ATOM   1    N  N   . SER A 1 3   ? -4.974  15.765  6.836   1.00 77.30 ? 2   SER A N   1 
ATOM   2    C  CA  . SER A 1 3   ? -3.485  15.681  6.970   1.00 77.27 ? 2   SER A CA  1 
ATOM   3    C  C   . SER A 1 3   ? -2.937  15.825  8.416   1.00 77.91 ? 2   SER A C   1 
ATOM   4    O  O   . SER A 1 3   ? -1.860  15.303  8.703   1.00 77.74 ? 2   SER A O   1 
ATOM   5    C  CB  . SER A 1 3   ? -2.822  16.715  6.061   1.00 76.58 ? 2   SER A CB  1 
ATOM   6    O  OG  . SER A 1 3   ? -3.287  16.580  4.733   1.00 73.96 ? 2   SER A OG  1 
ATOM   7    N  N   . ASN A 1 4   ? -3.649  16.538  9.301   1.00 78.20 ? 3   ASN A N   1 
ATOM   8    C  CA  . ASN A 1 4   ? -3.224  16.756  10.713  1.00 78.94 ? 3   ASN A CA  1 
ATOM   9    C  C   . ASN A 1 4   ? -4.383  16.616  11.745  1.00 78.51 ? 3   ASN A C   1 
ATOM   10   O  O   . ASN A 1 4   ? -4.595  17.499  12.571  1.00 75.48 ? 3   ASN A O   1 
ATOM   11   C  CB  . ASN A 1 4   ? -2.553  18.144  10.886  1.00 79.54 ? 3   ASN A CB  1 
ATOM   12   C  CG  . ASN A 1 4   ? -1.504  18.457  9.798   1.00 83.04 ? 3   ASN A CG  1 
ATOM   13   O  OD1 . ASN A 1 4   ? -0.611  17.649  9.484   1.00 79.32 ? 3   ASN A OD1 1 
ATOM   14   N  ND2 . ASN A 1 4   ? -1.613  19.651  9.227   1.00 84.77 ? 3   ASN A ND2 1 
ATOM   15   N  N   . GLN A 1 5   ? -5.109  15.493  11.688  1.00 79.38 ? 4   GLN A N   1 
ATOM   16   C  CA  . GLN A 1 5   ? -6.304  15.240  12.534  1.00 78.31 ? 4   GLN A CA  1 
ATOM   17   C  C   . GLN A 1 5   ? -6.706  13.738  12.457  1.00 76.55 ? 4   GLN A C   1 
ATOM   18   O  O   . GLN A 1 5   ? -6.114  12.987  11.690  1.00 74.66 ? 4   GLN A O   1 
ATOM   19   C  CB  . GLN A 1 5   ? -7.475  16.130  12.089  1.00 78.06 ? 4   GLN A CB  1 
ATOM   20   C  CG  . GLN A 1 5   ? -8.097  15.649  10.757  1.00 80.59 ? 4   GLN A CG  1 
ATOM   21   C  CD  . GLN A 1 5   ? -8.832  16.729  9.994   1.00 79.62 ? 4   GLN A CD  1 
ATOM   22   O  OE1 . GLN A 1 5   ? -9.175  17.790  10.539  1.00 72.11 ? 4   GLN A OE1 1 
ATOM   23   N  NE2 . GLN A 1 5   ? -9.090  16.457  8.713   1.00 76.66 ? 4   GLN A NE2 1 
ATOM   24   N  N   . LYS A 1 6   ? -7.739  13.337  13.208  1.00 75.81 ? 5   LYS A N   1 
ATOM   25   C  CA  . LYS A 1 6   ? -8.014  11.918  13.501  1.00 74.86 ? 5   LYS A CA  1 
ATOM   26   C  C   . LYS A 1 6   ? -9.471  11.420  13.317  1.00 72.03 ? 5   LYS A C   1 
ATOM   27   O  O   . LYS A 1 6   ? -10.431 12.046  13.746  1.00 72.15 ? 5   LYS A O   1 
ATOM   28   C  CB  . LYS A 1 6   ? -7.543  11.584  14.942  1.00 73.57 ? 5   LYS A CB  1 
ATOM   29   N  N   . HIS A 1 7   ? -9.594  10.310  12.602  1.00 69.86 ? 6   HIS A N   1 
ATOM   30   C  CA  . HIS A 1 7   ? -10.487 9.203   12.965  1.00 67.80 ? 6   HIS A CA  1 
ATOM   31   C  C   . HIS A 1 7   ? -9.602  7.905   12.900  1.00 66.67 ? 6   HIS A C   1 
ATOM   32   O  O   . HIS A 1 7   ? -10.088 6.812   12.573  1.00 65.84 ? 6   HIS A O   1 
ATOM   33   C  CB  . HIS A 1 7   ? -11.689 9.127   12.003  1.00 68.43 ? 6   HIS A CB  1 
ATOM   34   C  CG  . HIS A 1 7   ? -12.853 9.986   12.391  1.00 70.28 ? 6   HIS A CG  1 
ATOM   35   N  ND1 . HIS A 1 7   ? -13.421 9.956   13.649  1.00 78.48 ? 6   HIS A ND1 1 
ATOM   36   C  CD2 . HIS A 1 7   ? -13.597 10.858  11.666  1.00 72.78 ? 6   HIS A CD2 1 
ATOM   37   C  CE1 . HIS A 1 7   ? -14.438 10.801  13.694  1.00 76.51 ? 6   HIS A CE1 1 
ATOM   38   N  NE2 . HIS A 1 7   ? -14.567 11.360  12.503  1.00 76.13 ? 6   HIS A NE2 1 
ATOM   39   N  N   . ILE A 1 8   ? -8.313  8.053   13.250  1.00 63.77 ? 7   ILE A N   1 
ATOM   40   C  CA  . ILE A 1 8   ? -7.228  7.130   12.856  1.00 63.13 ? 7   ILE A CA  1 
ATOM   41   C  C   . ILE A 1 8   ? -7.426  5.724   13.371  1.00 59.87 ? 7   ILE A C   1 
ATOM   42   O  O   . ILE A 1 8   ? -7.237  4.749   12.646  1.00 60.31 ? 7   ILE A O   1 
ATOM   43   C  CB  . ILE A 1 8   ? -5.849  7.609   13.374  1.00 62.89 ? 7   ILE A CB  1 
ATOM   44   C  CG1 . ILE A 1 8   ? -5.401  8.874   12.645  1.00 63.31 ? 7   ILE A CG1 1 
ATOM   45   C  CG2 . ILE A 1 8   ? -4.779  6.511   13.196  1.00 62.12 ? 7   ILE A CG2 1 
ATOM   46   C  CD1 . ILE A 1 8   ? -4.167  9.509   13.269  1.00 64.70 ? 7   ILE A CD1 1 
ATOM   47   N  N   . ASP A 1 9   ? -7.726  5.653   14.657  1.00 57.76 ? 8   ASP A N   1 
ATOM   48   C  CA  . ASP A 1 9   ? -8.291  4.470   15.296  1.00 55.88 ? 8   ASP A CA  1 
ATOM   49   C  C   . ASP A 1 9   ? -9.188  3.628   14.334  1.00 54.08 ? 8   ASP A C   1 
ATOM   50   O  O   . ASP A 1 9   ? -8.803  2.519   13.923  1.00 48.71 ? 8   ASP A O   1 
ATOM   51   C  CB  . ASP A 1 9   ? -9.011  4.839   16.638  1.00 56.27 ? 8   ASP A CB  1 
ATOM   52   C  CG  . ASP A 1 9   ? -9.335  6.390   16.811  1.00 58.52 ? 8   ASP A CG  1 
ATOM   53   O  OD1 . ASP A 1 9   ? -10.096 7.004   16.004  1.00 57.91 ? 8   ASP A OD1 1 
ATOM   54   O  OD2 . ASP A 1 9   ? -8.829  6.989   17.796  1.00 52.02 ? 8   ASP A OD2 1 
ATOM   55   N  N   . LYS A 1 10  ? -10.340 4.176   13.938  1.00 54.30 ? 9   LYS A N   1 
ATOM   56   C  CA  . LYS A 1 10  ? -11.333 3.413   13.151  1.00 54.95 ? 9   LYS A CA  1 
ATOM   57   C  C   . LYS A 1 10  ? -10.905 3.143   11.698  1.00 55.22 ? 9   LYS A C   1 
ATOM   58   O  O   . LYS A 1 10  ? -11.273 2.105   11.105  1.00 55.46 ? 9   LYS A O   1 
ATOM   59   C  CB  . LYS A 1 10  ? -12.698 4.113   13.169  1.00 54.40 ? 9   LYS A CB  1 
ATOM   60   C  CG  . LYS A 1 10  ? -13.817 3.268   12.559  1.00 54.01 ? 9   LYS A CG  1 
ATOM   61   N  N   . ILE A 1 11  ? -10.151 4.086   11.132  1.00 53.73 ? 10  ILE A N   1 
ATOM   62   C  CA  . ILE A 1 11  ? -9.617  3.953   9.789   1.00 51.62 ? 10  ILE A CA  1 
ATOM   63   C  C   . ILE A 1 11  ? -8.612  2.818   9.732   1.00 51.23 ? 10  ILE A C   1 
ATOM   64   O  O   . ILE A 1 11  ? -8.702  1.974   8.842   1.00 53.21 ? 10  ILE A O   1 
ATOM   65   C  CB  . ILE A 1 11  ? -8.978  5.273   9.280   1.00 51.37 ? 10  ILE A CB  1 
ATOM   66   C  CG1 . ILE A 1 11  ? -10.069 6.320   9.026   1.00 55.33 ? 10  ILE A CG1 1 
ATOM   67   C  CG2 . ILE A 1 11  ? -8.218  5.050   7.998   1.00 40.93 ? 10  ILE A CG2 1 
ATOM   68   C  CD1 . ILE A 1 11  ? -9.574  7.647   8.424   1.00 52.50 ? 10  ILE A CD1 1 
ATOM   69   N  N   . GLN A 1 12  ? -7.661  2.782   10.661  1.00 48.76 ? 11  GLN A N   1 
ATOM   70   C  CA  . GLN A 1 12  ? -6.723  1.657   10.699  1.00 48.26 ? 11  GLN A CA  1 
ATOM   71   C  C   . GLN A 1 12  ? -7.488  0.354   10.907  1.00 46.79 ? 11  GLN A C   1 
ATOM   72   O  O   . GLN A 1 12  ? -7.121  -0.672  10.341  1.00 47.39 ? 11  GLN A O   1 
ATOM   73   C  CB  . GLN A 1 12  ? -5.638  1.815   11.771  1.00 47.50 ? 11  GLN A CB  1 
ATOM   74   C  CG  . GLN A 1 12  ? -4.413  2.624   11.338  1.00 48.09 ? 11  GLN A CG  1 
ATOM   75   C  CD  . GLN A 1 12  ? -3.305  2.601   12.381  1.00 51.85 ? 11  GLN A CD  1 
ATOM   76   O  OE1 . GLN A 1 12  ? -2.848  3.642   12.854  1.00 67.33 ? 11  GLN A OE1 1 
ATOM   77   N  NE2 . GLN A 1 12  ? -2.888  1.409   12.766  1.00 60.85 ? 11  GLN A NE2 1 
ATOM   78   N  N   . ALA A 1 13  ? -8.565  0.415   11.686  1.00 47.82 ? 12  ALA A N   1 
ATOM   79   C  CA  . ALA A 1 13  ? -9.441  -0.726  11.910  1.00 49.29 ? 12  ALA A CA  1 
ATOM   80   C  C   . ALA A 1 13  ? -10.033 -1.170  10.584  1.00 52.10 ? 12  ALA A C   1 
ATOM   81   O  O   . ALA A 1 13  ? -9.964  -2.342  10.232  1.00 54.40 ? 12  ALA A O   1 
ATOM   82   C  CB  . ALA A 1 13  ? -10.538 -0.364  12.893  1.00 47.42 ? 12  ALA A CB  1 
ATOM   83   N  N   . VAL A 1 14  ? -10.568 -0.222  9.828   1.00 53.80 ? 13  VAL A N   1 
ATOM   84   C  CA  . VAL A 1 14  ? -11.152 -0.520  8.520   1.00 53.72 ? 13  VAL A CA  1 
ATOM   85   C  C   . VAL A 1 14  ? -10.144 -1.118  7.525   1.00 55.11 ? 13  VAL A C   1 
ATOM   86   O  O   . VAL A 1 14  ? -10.473 -2.061  6.789   1.00 57.28 ? 13  VAL A O   1 
ATOM   87   C  CB  . VAL A 1 14  ? -11.846 0.750   7.938   1.00 53.63 ? 13  VAL A CB  1 
ATOM   88   C  CG1 . VAL A 1 14  ? -12.109 0.607   6.448   1.00 49.54 ? 13  VAL A CG1 1 
ATOM   89   C  CG2 . VAL A 1 14  ? -13.126 1.024   8.714   1.00 44.61 ? 13  VAL A CG2 1 
ATOM   90   N  N   . ILE A 1 15  ? -8.923  -0.598  7.517   1.00 55.23 ? 14  ILE A N   1 
ATOM   91   C  CA  . ILE A 1 15  ? -7.875  -1.121  6.626   1.00 55.10 ? 14  ILE A CA  1 
ATOM   92   C  C   . ILE A 1 15  ? -7.448  -2.561  6.992   1.00 57.81 ? 14  ILE A C   1 
ATOM   93   O  O   . ILE A 1 15  ? -7.193  -3.372  6.098   1.00 60.07 ? 14  ILE A O   1 
ATOM   94   C  CB  . ILE A 1 15  ? -6.624  -0.225  6.638   1.00 55.07 ? 14  ILE A CB  1 
ATOM   95   C  CG1 . ILE A 1 15  ? -6.963  1.170   6.070   1.00 54.10 ? 14  ILE A CG1 1 
ATOM   96   C  CG2 . ILE A 1 15  ? -5.488  -0.901  5.861   1.00 46.79 ? 14  ILE A CG2 1 
ATOM   97   C  CD1 . ILE A 1 15  ? -5.780  2.145   6.006   1.00 51.49 ? 14  ILE A CD1 1 
ATOM   98   N  N   . LYS A 1 16  ? -7.358  -2.872  8.294   1.00 57.42 ? 15  LYS A N   1 
ATOM   99   C  CA  . LYS A 1 16  ? -7.007  -4.249  8.743   1.00 55.85 ? 15  LYS A CA  1 
ATOM   100  C  C   . LYS A 1 16  ? -8.104  -5.226  8.326   1.00 54.28 ? 15  LYS A C   1 
ATOM   101  O  O   . LYS A 1 16  ? -7.853  -6.378  8.053   1.00 55.36 ? 15  LYS A O   1 
ATOM   102  C  CB  . LYS A 1 16  ? -6.755  -4.324  10.264  1.00 52.52 ? 15  LYS A CB  1 
ATOM   103  N  N   . ASP A 1 17  ? -9.322  -4.733  8.244   1.00 53.91 ? 16  ASP A N   1 
ATOM   104  C  CA  . ASP A 1 17  ? -10.464 -5.526  7.808   1.00 53.19 ? 16  ASP A CA  1 
ATOM   105  C  C   . ASP A 1 17  ? -10.531 -5.833  6.282   1.00 53.01 ? 16  ASP A C   1 
ATOM   106  O  O   . ASP A 1 17  ? -11.180 -6.782  5.886   1.00 54.44 ? 16  ASP A O   1 
ATOM   107  C  CB  . ASP A 1 17  ? -11.737 -4.754  8.192   1.00 54.35 ? 16  ASP A CB  1 
ATOM   108  C  CG  . ASP A 1 17  ? -12.821 -5.626  8.745   1.00 57.03 ? 16  ASP A CG  1 
ATOM   109  O  OD1 . ASP A 1 17  ? -12.567 -6.829  8.978   1.00 58.99 ? 16  ASP A OD1 1 
ATOM   110  O  OD2 . ASP A 1 17  ? -13.932 -5.075  8.974   1.00 62.46 ? 16  ASP A OD2 1 
ATOM   111  N  N   . VAL A 1 18  ? -9.899  -5.028  5.436   1.00 49.69 ? 17  VAL A N   1 
ATOM   112  C  CA  . VAL A 1 18  ? -10.069 -5.135  3.992   1.00 49.12 ? 17  VAL A CA  1 
ATOM   113  C  C   . VAL A 1 18  ? -8.937  -5.944  3.368   1.00 47.56 ? 17  VAL A C   1 
ATOM   114  O  O   . VAL A 1 18  ? -7.780  -5.585  3.534   1.00 48.64 ? 17  VAL A O   1 
ATOM   115  C  CB  . VAL A 1 18  ? -10.051 -3.715  3.336   1.00 48.90 ? 17  VAL A CB  1 
ATOM   116  C  CG1 . VAL A 1 18  ? -9.901  -3.808  1.820   1.00 44.15 ? 17  VAL A CG1 1 
ATOM   117  C  CG2 . VAL A 1 18  ? -11.298 -2.917  3.709   1.00 50.67 ? 17  VAL A CG2 1 
ATOM   118  N  N   . LYS A 1 19  ? -9.268  -6.959  2.576   1.00 46.10 ? 18  LYS A N   1 
ATOM   119  C  CA  . LYS A 1 19  ? -8.275  -7.868  1.991   1.00 47.97 ? 18  LYS A CA  1 
ATOM   120  C  C   . LYS A 1 19  ? -7.322  -7.245  1.005   1.00 48.79 ? 18  LYS A C   1 
ATOM   121  O  O   . LYS A 1 19  ? -6.136  -7.592  0.987   1.00 52.11 ? 18  LYS A O   1 
ATOM   122  C  CB  . LYS A 1 19  ? -8.978  -9.008  1.260   1.00 49.15 ? 18  LYS A CB  1 
ATOM   123  C  CG  . LYS A 1 19  ? -8.035  -10.103 0.752   1.00 51.64 ? 18  LYS A CG  1 
ATOM   124  C  CD  . LYS A 1 19  ? -8.816  -11.392 0.522   1.00 54.18 ? 18  LYS A CD  1 
ATOM   125  C  CE  . LYS A 1 19  ? -7.967  -12.498 -0.081  1.00 59.06 ? 18  LYS A CE  1 
ATOM   126  N  NZ  . LYS A 1 19  ? -8.713  -13.795 -0.051  1.00 62.95 ? 18  LYS A NZ  1 
ATOM   127  N  N   . PHE A 1 20  ? -7.853  -6.388  0.135   1.00 48.22 ? 19  PHE A N   1 
ATOM   128  C  CA  . PHE A 1 20  ? -7.057  -5.726  -0.903  1.00 47.83 ? 19  PHE A CA  1 
ATOM   129  C  C   . PHE A 1 20  ? -7.318  -4.231  -0.980  1.00 47.23 ? 19  PHE A C   1 
ATOM   130  O  O   . PHE A 1 20  ? -8.462  -3.790  -1.108  1.00 44.32 ? 19  PHE A O   1 
ATOM   131  C  CB  . PHE A 1 20  ? -7.365  -6.311  -2.284  1.00 50.05 ? 19  PHE A CB  1 
ATOM   132  C  CG  . PHE A 1 20  ? -6.918  -7.733  -2.469  1.00 48.61 ? 19  PHE A CG  1 
ATOM   133  C  CD1 . PHE A 1 20  ? -5.583  -8.045  -2.487  1.00 52.73 ? 19  PHE A CD1 1 
ATOM   134  C  CD2 . PHE A 1 20  ? -7.836  -8.747  -2.643  1.00 52.58 ? 19  PHE A CD2 1 
ATOM   135  C  CE1 . PHE A 1 20  ? -5.167  -9.348  -2.680  1.00 54.86 ? 19  PHE A CE1 1 
ATOM   136  C  CE2 . PHE A 1 20  ? -7.428  -10.066 -2.832  1.00 52.79 ? 19  PHE A CE2 1 
ATOM   137  C  CZ  . PHE A 1 20  ? -6.095  -10.359 -2.851  1.00 49.34 ? 19  PHE A CZ  1 
ATOM   138  N  N   . ALA A 1 21  ? -6.241  -3.459  -0.910  1.00 48.55 ? 20  ALA A N   1 
ATOM   139  C  CA  . ALA A 1 21  ? -6.243  -2.060  -1.296  1.00 48.99 ? 20  ALA A CA  1 
ATOM   140  C  C   . ALA A 1 21  ? -6.272  -2.024  -2.811  1.00 50.26 ? 20  ALA A C   1 
ATOM   141  O  O   . ALA A 1 21  ? -5.723  -2.922  -3.468  1.00 48.12 ? 20  ALA A O   1 
ATOM   142  C  CB  . ALA A 1 21  ? -4.962  -1.403  -0.813  1.00 48.35 ? 20  ALA A CB  1 
HETATM 143  N  N   . MSE A 1 22  ? -6.887  -0.986  -3.375  1.00 50.42 ? 21  MSE A N   1 
HETATM 144  C  CA  . MSE A 1 22  ? -6.704  -0.682  -4.791  1.00 45.87 ? 21  MSE A CA  1 
HETATM 145  C  C   . MSE A 1 22  ? -5.715  0.475   -4.814  1.00 44.12 ? 21  MSE A C   1 
HETATM 146  O  O   . MSE A 1 22  ? -6.006  1.561   -4.301  1.00 44.34 ? 21  MSE A O   1 
HETATM 147  C  CB  . MSE A 1 22  ? -8.030  -0.296  -5.440  1.00 46.25 ? 21  MSE A CB  1 
HETATM 148  C  CG  . MSE A 1 22  ? -9.097  -1.402  -5.475  1.00 49.80 ? 21  MSE A CG  1 
HETATM 149  SE SE  . MSE A 1 22  ? -8.498  -2.961  -6.501  0.75 49.13 ? 21  MSE A SE  1 
HETATM 150  C  CE  . MSE A 1 22  ? -8.388  -2.309  -8.333  1.00 47.46 ? 21  MSE A CE  1 
ATOM   151  N  N   . ILE A 1 23  ? -4.545  0.239   -5.390  1.00 43.52 ? 22  ILE A N   1 
ATOM   152  C  CA  . ILE A 1 23  ? -3.527  1.264   -5.470  1.00 44.92 ? 22  ILE A CA  1 
ATOM   153  C  C   . ILE A 1 23  ? -3.621  1.803   -6.871  1.00 45.27 ? 22  ILE A C   1 
ATOM   154  O  O   . ILE A 1 23  ? -3.531  1.028   -7.826  1.00 44.87 ? 22  ILE A O   1 
ATOM   155  C  CB  . ILE A 1 23  ? -2.117  0.730   -5.138  1.00 44.45 ? 22  ILE A CB  1 
ATOM   156  C  CG1 . ILE A 1 23  ? -1.085  1.835   -5.257  1.00 49.84 ? 22  ILE A CG1 1 
ATOM   157  C  CG2 . ILE A 1 23  ? -1.706  -0.442  -6.025  1.00 51.60 ? 22  ILE A CG2 1 
ATOM   158  C  CD1 . ILE A 1 23  ? 0.228   1.457   -4.558  1.00 46.89 ? 22  ILE A CD1 1 
ATOM   159  N  N   . SER A 1 24  ? -3.851  3.113   -7.001  1.00 44.13 ? 23  SER A N   1 
ATOM   160  C  CA  . SER A 1 24  ? -3.918  3.736   -8.317  1.00 46.82 ? 23  SER A CA  1 
ATOM   161  C  C   . SER A 1 24  ? -2.633  4.541   -8.540  1.00 45.91 ? 23  SER A C   1 
ATOM   162  O  O   . SER A 1 24  ? -2.146  5.174   -7.618  1.00 45.47 ? 23  SER A O   1 
ATOM   163  C  CB  . SER A 1 24  ? -5.162  4.649   -8.472  1.00 45.60 ? 23  SER A CB  1 
ATOM   164  O  OG  . SER A 1 24  ? -6.385  3.958   -8.279  1.00 47.59 ? 23  SER A OG  1 
ATOM   165  N  N   . THR A 1 25  ? -2.101  4.509   -9.766  1.00 47.31 ? 24  THR A N   1 
ATOM   166  C  CA  . THR A 1 25  ? -0.870  5.238   -10.155 1.00 47.18 ? 24  THR A CA  1 
ATOM   167  C  C   . THR A 1 25  ? -1.096  5.866   -11.528 1.00 50.34 ? 24  THR A C   1 
ATOM   168  O  O   . THR A 1 25  ? -2.015  5.436   -12.254 1.00 50.03 ? 24  THR A O   1 
ATOM   169  C  CB  . THR A 1 25  ? 0.333   4.303   -10.298 1.00 46.60 ? 24  THR A CB  1 
ATOM   170  O  OG1 . THR A 1 25  ? 0.107   3.421   -11.396 1.00 50.47 ? 24  THR A OG1 1 
ATOM   171  C  CG2 . THR A 1 25  ? 0.561   3.465   -9.058  1.00 47.52 ? 24  THR A CG2 1 
ATOM   172  N  N   . SER A 1 26  ? -0.288  6.870   -11.893 1.00 49.84 ? 25  SER A N   1 
ATOM   173  C  CA  . SER A 1 26  ? -0.381  7.465   -13.230 1.00 50.44 ? 25  SER A CA  1 
ATOM   174  C  C   . SER A 1 26  ? 0.876   7.130   -14.078 1.00 50.55 ? 25  SER A C   1 
ATOM   175  O  O   . SER A 1 26  ? 1.996   7.190   -13.589 1.00 50.04 ? 25  SER A O   1 
ATOM   176  C  CB  . SER A 1 26  ? -0.650  8.978   -13.155 1.00 51.64 ? 25  SER A CB  1 
ATOM   177  O  OG  . SER A 1 26  ? 0.002   9.562   -12.038 1.00 59.65 ? 25  SER A OG  1 
ATOM   178  N  N   . ASN A 1 27  ? 0.688   6.772   -15.343 1.00 51.02 ? 26  ASN A N   1 
ATOM   179  C  CA  . ASN A 1 27  ? 1.802   6.294   -16.166 1.00 49.94 ? 26  ASN A CA  1 
ATOM   180  C  C   . ASN A 1 27  ? 2.388   7.427   -16.975 1.00 52.15 ? 26  ASN A C   1 
ATOM   181  O  O   . ASN A 1 27  ? 1.893   8.543   -16.890 1.00 53.75 ? 26  ASN A O   1 
ATOM   182  C  CB  . ASN A 1 27  ? 1.361   5.110   -17.028 1.00 49.16 ? 26  ASN A CB  1 
ATOM   183  C  CG  . ASN A 1 27  ? 0.325   5.476   -18.079 1.00 47.43 ? 26  ASN A CG  1 
ATOM   184  O  OD1 . ASN A 1 27  ? 0.041   6.650   -18.347 1.00 38.75 ? 26  ASN A OD1 1 
ATOM   185  N  ND2 . ASN A 1 27  ? -0.250  4.450   -18.684 1.00 46.17 ? 26  ASN A ND2 1 
ATOM   186  N  N   . LYS A 1 28  ? 3.425   7.168   -17.765 1.00 55.51 ? 27  LYS A N   1 
ATOM   187  C  CA  . LYS A 1 28  ? 4.146   8.255   -18.458 1.00 56.21 ? 27  LYS A CA  1 
ATOM   188  C  C   . LYS A 1 28  ? 3.213   9.126   -19.295 1.00 56.85 ? 27  LYS A C   1 
ATOM   189  O  O   . LYS A 1 28  ? 3.407   10.329  -19.357 1.00 57.77 ? 27  LYS A O   1 
ATOM   190  C  CB  . LYS A 1 28  ? 5.316   7.724   -19.334 1.00 57.99 ? 27  LYS A CB  1 
ATOM   191  C  CG  . LYS A 1 28  ? 6.601   7.310   -18.583 1.00 51.82 ? 27  LYS A CG  1 
ATOM   192  N  N   . LYS A 1 29  ? 2.180   8.525   -19.893 1.00 57.64 ? 28  LYS A N   1 
ATOM   193  C  CA  . LYS A 1 29  ? 1.157   9.253   -20.677 1.00 55.74 ? 28  LYS A CA  1 
ATOM   194  C  C   . LYS A 1 29  ? 0.095   9.998   -19.783 1.00 54.92 ? 28  LYS A C   1 
ATOM   195  O  O   . LYS A 1 29  ? -0.799  10.708  -20.277 1.00 54.16 ? 28  LYS A O   1 
ATOM   196  C  CB  . LYS A 1 29  ? 0.533   8.265   -21.707 1.00 55.33 ? 28  LYS A CB  1 
ATOM   197  C  CG  . LYS A 1 29  ? -0.620  8.819   -22.539 1.00 59.03 ? 28  LYS A CG  1 
ATOM   198  C  CD  . LYS A 1 29  ? -0.806  8.221   -23.954 1.00 59.29 ? 28  LYS A CD  1 
ATOM   199  C  CE  . LYS A 1 29  ? -2.149  8.732   -24.559 1.00 59.57 ? 28  LYS A CE  1 
ATOM   200  N  NZ  . LYS A 1 29  ? -2.102  9.064   -25.997 1.00 59.85 ? 28  LYS A NZ  1 
ATOM   201  N  N   . GLY A 1 30  ? 0.211   9.867   -18.464 1.00 54.71 ? 29  GLY A N   1 
ATOM   202  C  CA  . GLY A 1 30  ? -0.690  10.532  -17.497 1.00 53.88 ? 29  GLY A CA  1 
ATOM   203  C  C   . GLY A 1 30  ? -1.983  9.784   -17.133 1.00 53.25 ? 29  GLY A C   1 
ATOM   204  O  O   . GLY A 1 30  ? -2.794  10.292  -16.358 1.00 51.56 ? 29  GLY A O   1 
ATOM   205  N  N   . ASP A 1 31  ? -2.177  8.579   -17.679 1.00 51.44 ? 30  ASP A N   1 
ATOM   206  C  CA  . ASP A 1 31  ? -3.398  7.820   -17.454 1.00 48.77 ? 30  ASP A CA  1 
ATOM   207  C  C   . ASP A 1 31  ? -3.308  7.159   -16.111 1.00 47.59 ? 30  ASP A C   1 
ATOM   208  O  O   . ASP A 1 31  ? -2.210  6.848   -15.665 1.00 48.25 ? 30  ASP A O   1 
ATOM   209  C  CB  . ASP A 1 31  ? -3.588  6.752   -18.528 1.00 47.61 ? 30  ASP A CB  1 
ATOM   210  C  CG  . ASP A 1 31  ? -3.828  7.338   -19.903 1.00 50.06 ? 30  ASP A CG  1 
ATOM   211  O  OD1 . ASP A 1 31  ? -4.303  8.483   -19.999 1.00 46.94 ? 30  ASP A OD1 1 
ATOM   212  O  OD2 . ASP A 1 31  ? -3.521  6.659   -20.904 1.00 67.58 ? 30  ASP A OD2 1 
ATOM   213  N  N   . ILE A 1 32  ? -4.465  6.938   -15.488 1.00 46.85 ? 31  ILE A N   1 
ATOM   214  C  CA  . ILE A 1 32  ? -4.560  6.288   -14.172 1.00 45.63 ? 31  ILE A CA  1 
ATOM   215  C  C   . ILE A 1 32  ? -4.934  4.799   -14.344 1.00 44.49 ? 31  ILE A C   1 
ATOM   216  O  O   . ILE A 1 32  ? -5.799  4.475   -15.156 1.00 43.31 ? 31  ILE A O   1 
ATOM   217  C  CB  . ILE A 1 32  ? -5.586  7.023   -13.256 1.00 44.26 ? 31  ILE A CB  1 
ATOM   218  C  CG1 . ILE A 1 32  ? -5.040  8.384   -12.817 1.00 47.20 ? 31  ILE A CG1 1 
ATOM   219  C  CG2 . ILE A 1 32  ? -5.859  6.245   -12.012 1.00 37.66 ? 31  ILE A CG2 1 
ATOM   220  C  CD1 . ILE A 1 32  ? -6.121  9.381   -12.358 1.00 46.49 ? 31  ILE A CD1 1 
ATOM   221  N  N   . HIS A 1 33  ? -4.282  3.924   -13.575 1.00 43.63 ? 32  HIS A N   1 
ATOM   222  C  CA  . HIS A 1 33  ? -4.546  2.472   -13.554 1.00 45.22 ? 32  HIS A CA  1 
ATOM   223  C  C   . HIS A 1 33  ? -4.444  2.030   -12.107 1.00 46.08 ? 32  HIS A C   1 
ATOM   224  O  O   . HIS A 1 33  ? -3.718  2.654   -11.339 1.00 47.30 ? 32  HIS A O   1 
ATOM   225  C  CB  . HIS A 1 33  ? -3.488  1.682   -14.370 1.00 44.61 ? 32  HIS A CB  1 
ATOM   226  C  CG  . HIS A 1 33  ? -3.511  2.000   -15.815 1.00 38.38 ? 32  HIS A CG  1 
ATOM   227  N  ND1 . HIS A 1 33  ? -2.682  2.955   -16.379 1.00 49.76 ? 32  HIS A ND1 1 
ATOM   228  C  CD2 . HIS A 1 33  ? -4.362  1.609   -16.793 1.00 39.85 ? 32  HIS A CD2 1 
ATOM   229  C  CE1 . HIS A 1 33  ? -3.005  3.109   -17.654 1.00 43.39 ? 32  HIS A CE1 1 
ATOM   230  N  NE2 . HIS A 1 33  ? -4.023  2.310   -17.929 1.00 40.05 ? 32  HIS A NE2 1 
ATOM   231  N  N   . ALA A 1 34  ? -5.138  0.953   -11.744 1.00 44.85 ? 33  ALA A N   1 
ATOM   232  C  CA  . ALA A 1 34  ? -5.114  0.452   -10.375 1.00 45.14 ? 33  ALA A CA  1 
ATOM   233  C  C   . ALA A 1 34  ? -4.837  -1.055  -10.327 1.00 45.73 ? 33  ALA A C   1 
ATOM   234  O  O   . ALA A 1 34  ? -5.042  -1.768  -11.312 1.00 43.88 ? 33  ALA A O   1 
ATOM   235  C  CB  . ALA A 1 34  ? -6.432  0.765   -9.668  1.00 41.01 ? 33  ALA A CB  1 
ATOM   236  N  N   . TRP A 1 35  ? -4.346  -1.524  -9.183  1.00 44.76 ? 34  TRP A N   1 
ATOM   237  C  CA  . TRP A 1 35  ? -4.137  -2.942  -8.965  1.00 46.99 ? 34  TRP A CA  1 
ATOM   238  C  C   . TRP A 1 35  ? -4.501  -3.247  -7.544  1.00 46.36 ? 34  TRP A C   1 
ATOM   239  O  O   . TRP A 1 35  ? -4.266  -2.411  -6.673  1.00 45.58 ? 34  TRP A O   1 
ATOM   240  C  CB  . TRP A 1 35  ? -2.675  -3.329  -9.130  1.00 49.60 ? 34  TRP A CB  1 
ATOM   241  C  CG  . TRP A 1 35  ? -2.167  -3.073  -10.481 1.00 55.03 ? 34  TRP A CG  1 
ATOM   242  C  CD1 . TRP A 1 35  ? -2.056  -3.983  -11.514 1.00 50.33 ? 34  TRP A CD1 1 
ATOM   243  C  CD2 . TRP A 1 35  ? -1.681  -1.825  -10.982 1.00 50.94 ? 34  TRP A CD2 1 
ATOM   244  N  NE1 . TRP A 1 35  ? -1.530  -3.359  -12.620 1.00 52.82 ? 34  TRP A NE1 1 
ATOM   245  C  CE2 . TRP A 1 35  ? -1.302  -2.034  -12.332 1.00 54.29 ? 34  TRP A CE2 1 
ATOM   246  C  CE3 . TRP A 1 35  ? -1.519  -0.555  -10.421 1.00 50.94 ? 34  TRP A CE3 1 
ATOM   247  C  CZ2 . TRP A 1 35  ? -0.797  -1.001  -13.144 1.00 54.10 ? 34  TRP A CZ2 1 
ATOM   248  C  CZ3 . TRP A 1 35  ? -0.995  0.465   -11.212 1.00 51.11 ? 34  TRP A CZ3 1 
ATOM   249  C  CH2 . TRP A 1 35  ? -0.655  0.241   -12.567 1.00 55.46 ? 34  TRP A CH2 1 
ATOM   250  N  N   . PRO A 1 36  ? -5.000  -4.457  -7.289  1.00 48.17 ? 35  PRO A N   1 
ATOM   251  C  CA  . PRO A 1 36  ? -5.332  -4.833  -5.923  1.00 48.55 ? 35  PRO A CA  1 
ATOM   252  C  C   . PRO A 1 36  ? -4.090  -5.306  -5.220  1.00 47.41 ? 35  PRO A C   1 
ATOM   253  O  O   . PRO A 1 36  ? -3.294  -5.962  -5.850  1.00 46.65 ? 35  PRO A O   1 
ATOM   254  C  CB  . PRO A 1 36  ? -6.278  -6.013  -6.101  1.00 49.45 ? 35  PRO A CB  1 
ATOM   255  C  CG  . PRO A 1 36  ? -6.166  -6.432  -7.532  1.00 45.72 ? 35  PRO A CG  1 
ATOM   256  C  CD  . PRO A 1 36  ? -5.262  -5.558  -8.239  1.00 47.84 ? 35  PRO A CD  1 
HETATM 257  N  N   . MSE A 1 37  ? -3.908  -4.978  -3.947  1.00 49.49 ? 36  MSE A N   1 
HETATM 258  C  CA  . MSE A 1 37  ? -2.739  -5.434  -3.197  1.00 53.22 ? 36  MSE A CA  1 
HETATM 259  C  C   . MSE A 1 37  ? -3.014  -5.567  -1.710  1.00 49.95 ? 36  MSE A C   1 
HETATM 260  O  O   . MSE A 1 37  ? -3.842  -4.862  -1.156  1.00 52.55 ? 36  MSE A O   1 
HETATM 261  C  CB  . MSE A 1 37  ? -1.579  -4.495  -3.451  1.00 54.82 ? 36  MSE A CB  1 
HETATM 262  C  CG  . MSE A 1 37  ? -0.994  -4.647  -4.908  1.00 59.14 ? 36  MSE A CG  1 
HETATM 263  SE SE  . MSE A 1 37  ? 0.483   -3.539  -5.124  0.75 70.55 ? 36  MSE A SE  1 
HETATM 264  C  CE  . MSE A 1 37  ? 1.826   -4.534  -4.089  1.00 60.10 ? 36  MSE A CE  1 
ATOM   265  N  N   . THR A 1 38  ? -2.357  -6.514  -1.069  1.00 48.42 ? 37  THR A N   1 
ATOM   266  C  CA  . THR A 1 38  ? -2.585  -6.761  0.331   1.00 46.77 ? 37  THR A CA  1 
ATOM   267  C  C   . THR A 1 38  ? -1.633  -5.837  1.076   1.00 45.67 ? 37  THR A C   1 
ATOM   268  O  O   . THR A 1 38  ? -0.465  -5.711  0.701   1.00 40.89 ? 37  THR A O   1 
ATOM   269  C  CB  . THR A 1 38  ? -2.344  -8.254  0.686   1.00 47.52 ? 37  THR A CB  1 
ATOM   270  O  OG1 . THR A 1 38  ? -1.178  -8.674  0.023   1.00 44.87 ? 37  THR A OG1 1 
ATOM   271  C  CG2 . THR A 1 38  ? -3.520  -9.167  0.216   1.00 43.40 ? 37  THR A CG2 1 
ATOM   272  N  N   . THR A 1 39  ? -2.168  -5.144  2.083   1.00 49.51 ? 38  THR A N   1 
ATOM   273  C  CA  . THR A 1 39  ? -1.401  -4.191  2.880   1.00 51.72 ? 38  THR A CA  1 
ATOM   274  C  C   . THR A 1 39  ? -0.576  -4.978  3.867   1.00 50.89 ? 38  THR A C   1 
ATOM   275  O  O   . THR A 1 39  ? -1.110  -5.784  4.609   1.00 48.84 ? 38  THR A O   1 
ATOM   276  C  CB  . THR A 1 39  ? -2.280  -3.181  3.673   1.00 52.82 ? 38  THR A CB  1 
ATOM   277  O  OG1 . THR A 1 39  ? -3.285  -2.625  2.814   1.00 56.58 ? 38  THR A OG1 1 
ATOM   278  C  CG2 . THR A 1 39  ? -1.404  -2.038  4.221   1.00 48.31 ? 38  THR A CG2 1 
ATOM   279  N  N   . SER A 1 40  ? 0.729   -4.741  3.869   1.00 51.39 ? 39  SER A N   1 
ATOM   280  C  CA  . SER A 1 40  ? 1.603   -5.417  4.800   1.00 50.30 ? 39  SER A CA  1 
ATOM   281  C  C   . SER A 1 40  ? 1.611   -4.726  6.129   1.00 49.01 ? 39  SER A C   1 
ATOM   282  O  O   . SER A 1 40  ? 1.728   -5.378  7.125   1.00 50.66 ? 39  SER A O   1 
ATOM   283  C  CB  . SER A 1 40  ? 3.020   -5.526  4.246   1.00 51.57 ? 39  SER A CB  1 
ATOM   284  O  OG  . SER A 1 40  ? 3.002   -6.270  3.034   1.00 59.29 ? 39  SER A OG  1 
ATOM   285  N  N   . GLU A 1 41  ? 1.510   -3.408  6.171   1.00 50.45 ? 40  GLU A N   1 
ATOM   286  C  CA  . GLU A 1 41  ? 1.520   -2.704  7.453   1.00 50.04 ? 40  GLU A CA  1 
ATOM   287  C  C   . GLU A 1 41  ? 0.893   -1.355  7.265   1.00 49.33 ? 40  GLU A C   1 
ATOM   288  O  O   . GLU A 1 41  ? 1.078   -0.737  6.214   1.00 50.05 ? 40  GLU A O   1 
ATOM   289  C  CB  . GLU A 1 41  ? 2.941   -2.530  7.964   1.00 49.20 ? 40  GLU A CB  1 
ATOM   290  C  CG  . GLU A 1 41  ? 3.031   -2.002  9.396   1.00 52.98 ? 40  GLU A CG  1 
ATOM   291  C  CD  . GLU A 1 41  ? 4.459   -1.654  9.809   1.00 53.48 ? 40  GLU A CD  1 
ATOM   292  O  OE1 . GLU A 1 41  ? 5.400   -2.396  9.439   1.00 62.85 ? 40  GLU A OE1 1 
ATOM   293  O  OE2 . GLU A 1 41  ? 4.630   -0.637  10.521  1.00 62.22 ? 40  GLU A OE2 1 
ATOM   294  N  N   . VAL A 1 42  ? 0.141   -0.923  8.276   1.00 49.90 ? 41  VAL A N   1 
ATOM   295  C  CA  . VAL A 1 42  ? -0.518  0.376   8.270   1.00 48.90 ? 41  VAL A CA  1 
ATOM   296  C  C   . VAL A 1 42  ? -0.278  1.016   9.639   1.00 48.80 ? 41  VAL A C   1 
ATOM   297  O  O   . VAL A 1 42  ? -0.761  0.519   10.646  1.00 49.03 ? 41  VAL A O   1 
ATOM   298  C  CB  . VAL A 1 42  ? -2.011  0.254   7.929   1.00 49.01 ? 41  VAL A CB  1 
ATOM   299  C  CG1 . VAL A 1 42  ? -2.742  -0.656  8.941   1.00 47.12 ? 41  VAL A CG1 1 
ATOM   300  C  CG2 . VAL A 1 42  ? -2.642  1.643   7.870   1.00 47.17 ? 41  VAL A CG2 1 
ATOM   301  N  N   . ASN A 1 43  ? 0.553   2.061   9.669   1.00 48.27 ? 42  ASN A N   1 
ATOM   302  C  CA  . ASN A 1 43  ? 0.732   2.899   10.849  1.00 48.16 ? 42  ASN A CA  1 
ATOM   303  C  C   . ASN A 1 43  ? 0.563   4.358   10.428  1.00 47.80 ? 42  ASN A C   1 
ATOM   304  O  O   . ASN A 1 43  ? 1.524   5.019   10.000  1.00 46.95 ? 42  ASN A O   1 
ATOM   305  C  CB  . ASN A 1 43  ? 2.090   2.668   11.508  1.00 48.15 ? 42  ASN A CB  1 
ATOM   306  C  CG  . ASN A 1 43  ? 2.297   3.526   12.757  1.00 49.68 ? 42  ASN A CG  1 
ATOM   307  O  OD1 . ASN A 1 43  ? 1.654   4.564   12.950  1.00 52.45 ? 42  ASN A OD1 1 
ATOM   308  N  ND2 . ASN A 1 43  ? 3.221   3.104   13.599  1.00 50.76 ? 42  ASN A ND2 1 
ATOM   309  N  N   . LEU A 1 44  ? -0.667  4.849   10.594  1.00 46.12 ? 43  LEU A N   1 
ATOM   310  C  CA  . LEU A 1 44  ? -1.013  6.223   10.247  1.00 44.96 ? 43  LEU A CA  1 
ATOM   311  C  C   . LEU A 1 44  ? -0.335  7.295   11.111  1.00 44.03 ? 43  LEU A C   1 
ATOM   312  O  O   . LEU A 1 44  ? 0.110   8.300   10.565  1.00 41.65 ? 43  LEU A O   1 
ATOM   313  C  CB  . LEU A 1 44  ? -2.541  6.392   10.216  1.00 44.67 ? 43  LEU A CB  1 
ATOM   314  C  CG  . LEU A 1 44  ? -3.229  5.539   9.130   1.00 44.09 ? 43  LEU A CG  1 
ATOM   315  C  CD1 . LEU A 1 44  ? -4.699  5.859   9.019   1.00 32.18 ? 43  LEU A CD1 1 
ATOM   316  C  CD2 . LEU A 1 44  ? -2.590  5.714   7.767   1.00 33.97 ? 43  LEU A CD2 1 
ATOM   317  N  N   . ASP A 1 45  ? -0.196  7.082   12.421  1.00 45.42 ? 44  ASP A N   1 
ATOM   318  C  CA  . ASP A 1 45  ? 0.602   8.016   13.247  1.00 45.69 ? 44  ASP A CA  1 
ATOM   319  C  C   . ASP A 1 45  ? 2.026   8.220   12.722  1.00 45.77 ? 44  ASP A C   1 
ATOM   320  O  O   . ASP A 1 45  ? 2.493   9.351   12.680  1.00 47.39 ? 44  ASP A O   1 
ATOM   321  C  CB  . ASP A 1 45  ? 0.658   7.602   14.730  1.00 45.56 ? 44  ASP A CB  1 
ATOM   322  C  CG  . ASP A 1 45  ? -0.573  8.027   15.507  1.00 48.08 ? 44  ASP A CG  1 
ATOM   323  O  OD1 . ASP A 1 45  ? -1.522  8.598   14.917  1.00 51.58 ? 44  ASP A OD1 1 
ATOM   324  O  OD2 . ASP A 1 45  ? -0.591  7.794   16.730  1.00 54.82 ? 44  ASP A OD2 1 
ATOM   325  N  N   . ASN A 1 46  ? 2.702   7.151   12.309  1.00 45.18 ? 45  ASN A N   1 
ATOM   326  C  CA  . ASN A 1 46  ? 4.047   7.279   11.722  1.00 46.42 ? 45  ASN A CA  1 
ATOM   327  C  C   . ASN A 1 46  ? 4.044   7.569   10.231  1.00 48.46 ? 45  ASN A C   1 
ATOM   328  O  O   . ASN A 1 46  ? 5.113   7.717   9.639   1.00 48.46 ? 45  ASN A O   1 
ATOM   329  C  CB  . ASN A 1 46  ? 4.875   6.026   11.977  1.00 46.62 ? 45  ASN A CB  1 
ATOM   330  C  CG  . ASN A 1 46  ? 5.353   5.930   13.399  1.00 47.72 ? 45  ASN A CG  1 
ATOM   331  O  OD1 . ASN A 1 46  ? 4.656   6.304   14.360  1.00 42.29 ? 45  ASN A OD1 1 
ATOM   332  N  ND2 . ASN A 1 46  ? 6.562   5.434   13.549  1.00 55.14 ? 45  ASN A ND2 1 
ATOM   333  N  N   . LYS A 1 47  ? 2.855   7.615   9.624   1.00 49.90 ? 46  LYS A N   1 
ATOM   334  C  CA  . LYS A 1 47  ? 2.681   8.022   8.227   1.00 51.10 ? 46  LYS A CA  1 
ATOM   335  C  C   . LYS A 1 47  ? 3.461   7.080   7.337   1.00 51.21 ? 46  LYS A C   1 
ATOM   336  O  O   . LYS A 1 47  ? 4.463   7.454   6.716   1.00 52.49 ? 46  LYS A O   1 
ATOM   337  C  CB  . LYS A 1 47  ? 3.056   9.499   8.006   1.00 51.70 ? 46  LYS A CB  1 
ATOM   338  C  CG  . LYS A 1 47  ? 2.216   10.459  8.853   1.00 51.30 ? 46  LYS A CG  1 
ATOM   339  C  CD  . LYS A 1 47  ? 2.541   11.943  8.616   1.00 51.67 ? 46  LYS A CD  1 
ATOM   340  C  CE  . LYS A 1 47  ? 1.723   12.838  9.572   1.00 51.63 ? 46  LYS A CE  1 
ATOM   341  N  NZ  . LYS A 1 47  ? 2.354   14.176  9.836   1.00 56.76 ? 46  LYS A NZ  1 
ATOM   342  N  N   . GLU A 1 48  ? 2.968   5.842   7.317   1.00 50.78 ? 47  GLU A N   1 
ATOM   343  C  CA  . GLU A 1 48  ? 3.624   4.705   6.698   1.00 49.81 ? 47  GLU A CA  1 
ATOM   344  C  C   . GLU A 1 48  ? 2.600   3.643   6.370   1.00 46.87 ? 47  GLU A C   1 
ATOM   345  O  O   . GLU A 1 48  ? 1.933   3.137   7.272   1.00 43.95 ? 47  GLU A O   1 
ATOM   346  C  CB  . GLU A 1 48  ? 4.616   4.093   7.673   1.00 51.41 ? 47  GLU A CB  1 
ATOM   347  C  CG  . GLU A 1 48  ? 6.061   4.517   7.466   1.00 56.20 ? 47  GLU A CG  1 
ATOM   348  C  CD  . GLU A 1 48  ? 7.000   3.966   8.537   1.00 52.63 ? 47  GLU A CD  1 
ATOM   349  O  OE1 . GLU A 1 48  ? 6.559   3.099   9.331   1.00 49.04 ? 47  GLU A OE1 1 
ATOM   350  O  OE2 . GLU A 1 48  ? 8.169   4.420   8.583   1.00 50.42 ? 47  GLU A OE2 1 
ATOM   351  N  N   . ILE A 1 49  ? 2.457   3.337   5.083   1.00 45.90 ? 48  ILE A N   1 
ATOM   352  C  CA  . ILE A 1 49  ? 1.739   2.151   4.645   1.00 46.14 ? 48  ILE A CA  1 
ATOM   353  C  C   . ILE A 1 49  ? 2.715   1.343   3.764   1.00 47.85 ? 48  ILE A C   1 
ATOM   354  O  O   . ILE A 1 49  ? 3.330   1.870   2.830   1.00 49.54 ? 48  ILE A O   1 
ATOM   355  C  CB  . ILE A 1 49  ? 0.403   2.492   3.915   1.00 47.16 ? 48  ILE A CB  1 
ATOM   356  C  CG1 . ILE A 1 49  ? -0.453  3.488   4.749   1.00 50.50 ? 48  ILE A CG1 1 
ATOM   357  C  CG2 . ILE A 1 49  ? -0.365  1.223   3.639   1.00 41.12 ? 48  ILE A CG2 1 
ATOM   358  C  CD1 . ILE A 1 49  ? -1.666  4.125   4.004   1.00 44.71 ? 48  ILE A CD1 1 
ATOM   359  N  N   . TRP A 1 50  ? 2.873   0.062   4.087   1.00 48.65 ? 49  TRP A N   1 
ATOM   360  C  CA  . TRP A 1 50  ? 3.865   -0.781  3.443   1.00 47.65 ? 49  TRP A CA  1 
ATOM   361  C  C   . TRP A 1 50  ? 3.223   -1.882  2.638   1.00 49.00 ? 49  TRP A C   1 
ATOM   362  O  O   . TRP A 1 50  ? 2.263   -2.520  3.091   1.00 50.34 ? 49  TRP A O   1 
ATOM   363  C  CB  . TRP A 1 50  ? 4.725   -1.441  4.495   1.00 46.74 ? 49  TRP A CB  1 
ATOM   364  C  CG  . TRP A 1 50  ? 5.659   -0.529  5.189   1.00 46.82 ? 49  TRP A CG  1 
ATOM   365  C  CD1 . TRP A 1 50  ? 5.464   0.100   6.383   1.00 50.45 ? 49  TRP A CD1 1 
ATOM   366  C  CD2 . TRP A 1 50  ? 6.976   -0.184  4.765   1.00 46.12 ? 49  TRP A CD2 1 
ATOM   367  N  NE1 . TRP A 1 50  ? 6.577   0.827   6.723   1.00 47.43 ? 49  TRP A NE1 1 
ATOM   368  C  CE2 . TRP A 1 50  ? 7.518   0.676   5.739   1.00 44.57 ? 49  TRP A CE2 1 
ATOM   369  C  CE3 . TRP A 1 50  ? 7.757   -0.525  3.653   1.00 52.92 ? 49  TRP A CE3 1 
ATOM   370  C  CZ2 . TRP A 1 50  ? 8.804   1.209   5.634   1.00 43.93 ? 49  TRP A CZ2 1 
ATOM   371  C  CZ3 . TRP A 1 50  ? 9.045   0.009   3.553   1.00 52.84 ? 49  TRP A CZ3 1 
ATOM   372  C  CH2 . TRP A 1 50  ? 9.549   0.865   4.542   1.00 47.81 ? 49  TRP A CH2 1 
ATOM   373  N  N   . PHE A 1 51  ? 3.782   -2.123  1.456   1.00 50.72 ? 50  PHE A N   1 
ATOM   374  C  CA  . PHE A 1 51  ? 3.448   -3.283  0.617   1.00 50.13 ? 50  PHE A CA  1 
ATOM   375  C  C   . PHE A 1 51  ? 4.722   -4.016  0.234   1.00 50.78 ? 50  PHE A C   1 
ATOM   376  O  O   . PHE A 1 51  ? 5.791   -3.414  0.188   1.00 51.40 ? 50  PHE A O   1 
ATOM   377  C  CB  . PHE A 1 51  ? 2.758   -2.822  -0.652  1.00 47.10 ? 50  PHE A CB  1 
ATOM   378  C  CG  . PHE A 1 51  ? 1.513   -2.084  -0.393  1.00 47.72 ? 50  PHE A CG  1 
ATOM   379  C  CD1 . PHE A 1 51  ? 1.542   -0.730  -0.151  1.00 50.73 ? 50  PHE A CD1 1 
ATOM   380  C  CD2 . PHE A 1 51  ? 0.295   -2.750  -0.360  1.00 53.73 ? 50  PHE A CD2 1 
ATOM   381  C  CE1 . PHE A 1 51  ? 0.384   -0.045  0.132   1.00 53.31 ? 50  PHE A CE1 1 
ATOM   382  C  CE2 . PHE A 1 51  ? -0.874  -2.071  -0.098  1.00 51.88 ? 50  PHE A CE2 1 
ATOM   383  C  CZ  . PHE A 1 51  ? -0.832  -0.709  0.150   1.00 51.44 ? 50  PHE A CZ  1 
ATOM   384  N  N   . ILE A 1 52  ? 4.601   -5.306  -0.053  1.00 52.23 ? 51  ILE A N   1 
ATOM   385  C  CA  . ILE A 1 52  ? 5.686   -6.066  -0.684  1.00 54.29 ? 51  ILE A CA  1 
ATOM   386  C  C   . ILE A 1 52  ? 5.265   -6.287  -2.138  1.00 54.37 ? 51  ILE A C   1 
ATOM   387  O  O   . ILE A 1 52  ? 4.286   -6.993  -2.420  1.00 53.21 ? 51  ILE A O   1 
ATOM   388  C  CB  . ILE A 1 52  ? 5.953   -7.403  0.014   1.00 54.37 ? 51  ILE A CB  1 
ATOM   389  C  CG1 . ILE A 1 52  ? 6.506   -7.155  1.420   1.00 56.40 ? 51  ILE A CG1 1 
ATOM   390  C  CG2 . ILE A 1 52  ? 6.948   -8.221  -0.784  1.00 58.37 ? 51  ILE A CG2 1 
ATOM   391  C  CD1 . ILE A 1 52  ? 6.531   -8.400  2.298   1.00 53.06 ? 51  ILE A CD1 1 
ATOM   392  N  N   . GLY A 1 53  ? 5.970   -5.612  -3.040  1.00 53.28 ? 52  GLY A N   1 
ATOM   393  C  CA  . GLY A 1 53  ? 5.746   -5.750  -4.468  1.00 52.07 ? 52  GLY A CA  1 
ATOM   394  C  C   . GLY A 1 53  ? 6.864   -6.505  -5.183  1.00 52.55 ? 52  GLY A C   1 
ATOM   395  O  O   . GLY A 1 53  ? 7.832   -7.007  -4.576  1.00 50.16 ? 52  GLY A O   1 
ATOM   396  N  N   . ASP A 1 54  ? 6.696   -6.553  -6.495  1.00 51.77 ? 53  ASP A N   1 
ATOM   397  C  CA  . ASP A 1 54  ? 7.603   -7.164  -7.438  1.00 51.00 ? 53  ASP A CA  1 
ATOM   398  C  C   . ASP A 1 54  ? 8.246   -6.030  -8.215  1.00 50.38 ? 53  ASP A C   1 
ATOM   399  O  O   . ASP A 1 54  ? 7.540   -5.087  -8.624  1.00 50.72 ? 53  ASP A O   1 
ATOM   400  C  CB  . ASP A 1 54  ? 6.792   -7.969  -8.407  1.00 50.88 ? 53  ASP A CB  1 
ATOM   401  C  CG  . ASP A 1 54  ? 7.395   -9.257  -8.701  1.00 65.39 ? 53  ASP A CG  1 
ATOM   402  O  OD1 . ASP A 1 54  ? 7.054   -10.202 -7.944  1.00 80.99 ? 53  ASP A OD1 1 
ATOM   403  O  OD2 . ASP A 1 54  ? 8.181   -9.328  -9.682  1.00 76.64 ? 53  ASP A OD2 1 
ATOM   404  N  N   . LYS A 1 55  ? 9.552   -6.104  -8.459  1.00 48.91 ? 54  LYS A N   1 
ATOM   405  C  CA  . LYS A 1 55  ? 10.207  -5.083  -9.289  1.00 47.48 ? 54  LYS A CA  1 
ATOM   406  C  C   . LYS A 1 55  ? 9.740   -5.105  -10.721 1.00 49.08 ? 54  LYS A C   1 
ATOM   407  O  O   . LYS A 1 55  ? 9.739   -4.061  -11.360 1.00 52.31 ? 54  LYS A O   1 
ATOM   408  C  CB  . LYS A 1 55  ? 11.696  -5.259  -9.319  1.00 46.20 ? 54  LYS A CB  1 
ATOM   409  C  CG  . LYS A 1 55  ? 12.321  -4.994  -8.032  1.00 50.14 ? 54  LYS A CG  1 
ATOM   410  C  CD  . LYS A 1 55  ? 13.795  -5.012  -8.155  1.00 51.07 ? 54  LYS A CD  1 
ATOM   411  C  CE  . LYS A 1 55  ? 14.424  -4.856  -6.787  1.00 53.50 ? 54  LYS A CE  1 
ATOM   412  N  NZ  . LYS A 1 55  ? 15.870  -5.079  -6.981  1.00 62.25 ? 54  LYS A NZ  1 
ATOM   413  N  N   . THR A 1 56  ? 9.353   -6.277  -11.234 1.00 49.10 ? 55  THR A N   1 
ATOM   414  C  CA  . THR A 1 56  ? 8.828   -6.364  -12.599 1.00 48.84 ? 55  THR A CA  1 
ATOM   415  C  C   . THR A 1 56  ? 7.386   -5.842  -12.760 1.00 47.79 ? 55  THR A C   1 
ATOM   416  O  O   . THR A 1 56  ? 6.920   -5.764  -13.878 1.00 46.33 ? 55  THR A O   1 
ATOM   417  C  CB  . THR A 1 56  ? 8.857   -7.803  -13.090 1.00 49.71 ? 55  THR A CB  1 
ATOM   418  O  OG1 . THR A 1 56  ? 8.070   -8.595  -12.198 1.00 54.45 ? 55  THR A OG1 1 
ATOM   419  C  CG2 . THR A 1 56  ? 10.296  -8.329  -13.114 1.00 51.88 ? 55  THR A CG2 1 
ATOM   420  N  N   . SER A 1 57  ? 6.677   -5.506  -11.674 1.00 47.70 ? 56  SER A N   1 
ATOM   421  C  CA  . SER A 1 57  ? 5.250   -5.101  -11.761 1.00 45.67 ? 56  SER A CA  1 
ATOM   422  C  C   . SER A 1 57  ? 5.042   -3.730  -12.375 1.00 46.98 ? 56  SER A C   1 
ATOM   423  O  O   . SER A 1 57  ? 5.889   -2.850  -12.240 1.00 45.15 ? 56  SER A O   1 
ATOM   424  C  CB  . SER A 1 57  ? 4.615   -5.075  -10.366 1.00 44.58 ? 56  SER A CB  1 
ATOM   425  O  OG  . SER A 1 57  ? 5.182   -4.045  -9.544  1.00 42.83 ? 56  SER A OG  1 
ATOM   426  N  N   . ASP A 1 58  ? 3.879   -3.530  -13.000 1.00 50.27 ? 57  ASP A N   1 
ATOM   427  C  CA  . ASP A 1 58  ? 3.500   -2.230  -13.554 1.00 50.23 ? 57  ASP A CA  1 
ATOM   428  C  C   . ASP A 1 58  ? 3.402   -1.116  -12.526 1.00 51.42 ? 57  ASP A C   1 
ATOM   429  O  O   . ASP A 1 58  ? 3.655   0.062   -12.817 1.00 54.30 ? 57  ASP A O   1 
ATOM   430  C  CB  . ASP A 1 58  ? 2.146   -2.348  -14.242 1.00 50.46 ? 57  ASP A CB  1 
ATOM   431  C  CG  . ASP A 1 58  ? 2.243   -2.985  -15.623 1.00 58.35 ? 57  ASP A CG  1 
ATOM   432  O  OD1 . ASP A 1 58  ? 3.286   -2.833  -16.278 1.00 52.07 ? 57  ASP A OD1 1 
ATOM   433  O  OD2 . ASP A 1 58  ? 1.257   -3.604  -16.077 1.00 70.09 ? 57  ASP A OD2 1 
ATOM   434  N  N   . VAL A 1 59  ? 2.992   -1.482  -11.327 1.00 50.06 ? 58  VAL A N   1 
ATOM   435  C  CA  . VAL A 1 59  ? 2.766   -0.502  -10.305 1.00 48.55 ? 58  VAL A CA  1 
ATOM   436  C  C   . VAL A 1 59  ? 4.111   0.055   -9.923  1.00 48.33 ? 58  VAL A C   1 
ATOM   437  O  O   . VAL A 1 59  ? 4.267   1.292   -9.858  1.00 48.95 ? 58  VAL A O   1 
ATOM   438  C  CB  . VAL A 1 59  ? 1.966   -1.089  -9.109  1.00 48.77 ? 58  VAL A CB  1 
ATOM   439  C  CG1 . VAL A 1 59  ? 2.713   -2.202  -8.400  1.00 44.78 ? 58  VAL A CG1 1 
ATOM   440  C  CG2 . VAL A 1 59  ? 1.639   -0.011  -8.142  1.00 55.21 ? 58  VAL A CG2 1 
ATOM   441  N  N   . VAL A 1 60  ? 5.113   -0.827  -9.749  1.00 48.50 ? 59  VAL A N   1 
ATOM   442  C  CA  . VAL A 1 60  ? 6.491   -0.366  -9.468  1.00 44.69 ? 59  VAL A CA  1 
ATOM   443  C  C   . VAL A 1 60  ? 7.061   0.478   -10.622 1.00 47.35 ? 59  VAL A C   1 
ATOM   444  O  O   . VAL A 1 60  ? 7.684   1.525   -10.382 1.00 48.43 ? 59  VAL A O   1 
ATOM   445  C  CB  . VAL A 1 60  ? 7.419   -1.524  -9.144  1.00 45.90 ? 59  VAL A CB  1 
ATOM   446  C  CG1 . VAL A 1 60  ? 8.873   -1.042  -9.131  1.00 37.63 ? 59  VAL A CG1 1 
ATOM   447  C  CG2 . VAL A 1 60  ? 7.055   -2.152  -7.771  1.00 41.43 ? 59  VAL A CG2 1 
ATOM   448  N  N   . LYS A 1 61  ? 6.810   0.042   -11.862 1.00 49.85 ? 60  LYS A N   1 
ATOM   449  C  CA  . LYS A 1 61  ? 7.203   0.775   -13.062 1.00 51.25 ? 60  LYS A CA  1 
ATOM   450  C  C   . LYS A 1 61  ? 6.676   2.194   -13.031 1.00 53.80 ? 60  LYS A C   1 
ATOM   451  O  O   . LYS A 1 61  ? 7.432   3.144   -13.202 1.00 56.42 ? 60  LYS A O   1 
ATOM   452  C  CB  . LYS A 1 61  ? 6.681   0.080   -14.326 1.00 51.19 ? 60  LYS A CB  1 
ATOM   453  C  CG  . LYS A 1 61  ? 7.262   0.637   -15.631 1.00 55.37 ? 60  LYS A CG  1 
ATOM   454  C  CD  . LYS A 1 61  ? 6.626   0.035   -16.926 1.00 59.91 ? 60  LYS A CD  1 
ATOM   455  C  CE  . LYS A 1 61  ? 5.282   0.705   -17.335 1.00 74.53 ? 60  LYS A CE  1 
ATOM   456  N  NZ  . LYS A 1 61  ? 5.100   0.749   -18.841 1.00 73.71 ? 60  LYS A NZ  1 
ATOM   457  N  N   . ASP A 1 62  ? 5.370   2.340   -12.836 1.00 55.46 ? 61  ASP A N   1 
ATOM   458  C  CA  . ASP A 1 62  ? 4.762   3.667   -12.751 1.00 54.58 ? 61  ASP A CA  1 
ATOM   459  C  C   . ASP A 1 62  ? 5.341   4.478   -11.576 1.00 52.77 ? 61  ASP A C   1 
ATOM   460  O  O   . ASP A 1 62  ? 5.645   5.661   -11.734 1.00 53.57 ? 61  ASP A O   1 
ATOM   461  C  CB  . ASP A 1 62  ? 3.232   3.557   -12.622 1.00 55.16 ? 61  ASP A CB  1 
ATOM   462  C  CG  . ASP A 1 62  ? 2.544   3.113   -13.918 1.00 55.64 ? 61  ASP A CG  1 
ATOM   463  O  OD1 . ASP A 1 62  ? 3.198   2.937   -14.979 1.00 64.78 ? 61  ASP A OD1 1 
ATOM   464  O  OD2 . ASP A 1 62  ? 1.305   2.946   -13.871 1.00 67.39 ? 61  ASP A OD2 1 
ATOM   465  N  N   . ILE A 1 63  ? 5.505   3.857   -10.415 1.00 51.16 ? 62  ILE A N   1 
ATOM   466  C  CA  . ILE A 1 63  ? 6.019   4.584   -9.250  1.00 51.70 ? 62  ILE A CA  1 
ATOM   467  C  C   . ILE A 1 63  ? 7.419   5.125   -9.495  1.00 53.57 ? 62  ILE A C   1 
ATOM   468  O  O   . ILE A 1 63  ? 7.735   6.219   -9.073  1.00 54.19 ? 62  ILE A O   1 
ATOM   469  C  CB  . ILE A 1 63  ? 6.005   3.720   -7.958  1.00 54.83 ? 62  ILE A CB  1 
ATOM   470  C  CG1 . ILE A 1 63  ? 4.552   3.450   -7.509  1.00 53.92 ? 62  ILE A CG1 1 
ATOM   471  C  CG2 . ILE A 1 63  ? 6.789   4.421   -6.842  1.00 51.39 ? 62  ILE A CG2 1 
ATOM   472  C  CD1 . ILE A 1 63  ? 4.414   2.441   -6.391  1.00 49.71 ? 62  ILE A CD1 1 
ATOM   473  N  N   . GLN A 1 64  ? 8.254   4.371   -10.199 1.00 55.81 ? 63  GLN A N   1 
ATOM   474  C  CA  . GLN A 1 64  ? 9.575   4.868   -10.562 1.00 56.68 ? 63  GLN A CA  1 
ATOM   475  C  C   . GLN A 1 64  ? 9.600   6.208   -11.270 1.00 56.53 ? 63  GLN A C   1 
ATOM   476  O  O   . GLN A 1 64  ? 10.540  6.961   -11.064 1.00 57.44 ? 63  GLN A O   1 
ATOM   477  C  CB  . GLN A 1 64  ? 10.357  3.856   -11.404 1.00 57.24 ? 63  GLN A CB  1 
ATOM   478  C  CG  . GLN A 1 64  ? 11.542  3.252   -10.634 1.00 61.34 ? 63  GLN A CG  1 
ATOM   479  C  CD  . GLN A 1 64  ? 11.524  1.747   -10.624 1.00 67.30 ? 63  GLN A CD  1 
ATOM   480  O  OE1 . GLN A 1 64  ? 10.792  1.121   -11.380 1.00 76.52 ? 63  GLN A OE1 1 
ATOM   481  N  NE2 . GLN A 1 64  ? 12.314  1.149   -9.745  1.00 62.01 ? 63  GLN A NE2 1 
ATOM   482  N  N   . ASP A 1 65  ? 8.588   6.516   -12.082 1.00 57.39 ? 64  ASP A N   1 
ATOM   483  C  CA  . ASP A 1 65  ? 8.483   7.848   -12.743 1.00 57.22 ? 64  ASP A CA  1 
ATOM   484  C  C   . ASP A 1 65  ? 7.543   8.853   -12.079 1.00 54.87 ? 64  ASP A C   1 
ATOM   485  O  O   . ASP A 1 65  ? 7.655   10.042  -12.317 1.00 53.30 ? 64  ASP A O   1 
ATOM   486  C  CB  . ASP A 1 65  ? 8.073   7.692   -14.210 1.00 57.81 ? 64  ASP A CB  1 
ATOM   487  C  CG  . ASP A 1 65  ? 9.217   7.169   -15.095 1.00 71.22 ? 64  ASP A CG  1 
ATOM   488  O  OD1 . ASP A 1 65  ? 10.409  7.567   -14.918 1.00 72.03 ? 64  ASP A OD1 1 
ATOM   489  O  OD2 . ASP A 1 65  ? 8.903   6.357   -15.995 1.00 89.00 ? 64  ASP A OD2 1 
ATOM   490  N  N   . ASP A 1 66  ? 6.609   8.373   -11.267 1.00 54.83 ? 65  ASP A N   1 
ATOM   491  C  CA  . ASP A 1 66  ? 5.637   9.231   -10.632 1.00 52.62 ? 65  ASP A CA  1 
ATOM   492  C  C   . ASP A 1 66  ? 5.233   8.568   -9.323  1.00 51.05 ? 65  ASP A C   1 
ATOM   493  O  O   . ASP A 1 66  ? 4.444   7.619   -9.303  1.00 47.08 ? 65  ASP A O   1 
ATOM   494  C  CB  . ASP A 1 66  ? 4.444   9.397   -11.564 1.00 54.02 ? 65  ASP A CB  1 
ATOM   495  C  CG  . ASP A 1 66  ? 3.450   10.458  -11.090 1.00 56.92 ? 65  ASP A CG  1 
ATOM   496  O  OD1 . ASP A 1 66  ? 3.379   10.740  -9.872  1.00 60.62 ? 65  ASP A OD1 1 
ATOM   497  O  OD2 . ASP A 1 66  ? 2.720   11.001  -11.960 1.00 55.21 ? 65  ASP A OD2 1 
ATOM   498  N  N   . ALA A 1 67  ? 5.753   9.120   -8.228  1.00 50.90 ? 66  ALA A N   1 
ATOM   499  C  CA  . ALA A 1 67  ? 5.538   8.601   -6.876  1.00 49.59 ? 66  ALA A CA  1 
ATOM   500  C  C   . ALA A 1 67  ? 4.180   8.981   -6.250  1.00 50.13 ? 66  ALA A C   1 
ATOM   501  O  O   . ALA A 1 67  ? 3.885   8.557   -5.128  1.00 49.01 ? 66  ALA A O   1 
ATOM   502  C  CB  . ALA A 1 67  ? 6.664   9.084   -5.976  1.00 45.52 ? 66  ALA A CB  1 
ATOM   503  N  N   . ARG A 1 68  ? 3.353   9.748   -6.965  1.00 51.01 ? 67  ARG A N   1 
ATOM   504  C  CA  . ARG A 1 68  ? 2.078   10.257  -6.422  1.00 52.29 ? 67  ARG A CA  1 
ATOM   505  C  C   . ARG A 1 68  ? 0.977   9.239   -6.685  1.00 48.72 ? 67  ARG A C   1 
ATOM   506  O  O   . ARG A 1 68  ? 0.552   9.061   -7.834  1.00 46.65 ? 67  ARG A O   1 
ATOM   507  C  CB  . ARG A 1 68  ? 1.749   11.612  -7.051  1.00 52.29 ? 67  ARG A CB  1 
ATOM   508  C  CG  . ARG A 1 68  ? 2.971   12.519  -7.065  1.00 56.55 ? 67  ARG A CG  1 
ATOM   509  C  CD  . ARG A 1 68  ? 2.669   13.980  -7.165  1.00 61.47 ? 67  ARG A CD  1 
ATOM   510  N  NE  . ARG A 1 68  ? 2.446   14.483  -8.519  1.00 76.81 ? 67  ARG A NE  1 
ATOM   511  C  CZ  . ARG A 1 68  ? 3.378   14.635  -9.466  1.00 83.29 ? 67  ARG A CZ  1 
ATOM   512  N  NH1 . ARG A 1 68  ? 4.667   14.285  -9.271  1.00 89.96 ? 67  ARG A NH1 1 
ATOM   513  N  NH2 . ARG A 1 68  ? 3.004   15.144  -10.645 1.00 78.41 ? 67  ARG A NH2 1 
ATOM   514  N  N   . ILE A 1 69  ? 0.551   8.558   -5.624  1.00 46.46 ? 68  ILE A N   1 
ATOM   515  C  CA  . ILE A 1 69  ? -0.356  7.423   -5.738  1.00 45.53 ? 68  ILE A CA  1 
ATOM   516  C  C   . ILE A 1 69  ? -1.600  7.649   -4.925  1.00 45.56 ? 68  ILE A C   1 
ATOM   517  O  O   . ILE A 1 69  ? -1.683  8.623   -4.178  1.00 44.37 ? 68  ILE A O   1 
ATOM   518  C  CB  . ILE A 1 69  ? 0.343   6.103   -5.329  1.00 46.17 ? 68  ILE A CB  1 
ATOM   519  C  CG1 . ILE A 1 69  ? 0.620   5.997   -3.816  1.00 43.91 ? 68  ILE A CG1 1 
ATOM   520  C  CG2 . ILE A 1 69  ? 1.681   6.000   -6.086  1.00 42.16 ? 68  ILE A CG2 1 
ATOM   521  C  CD1 . ILE A 1 69  ? -0.599  5.905   -2.862  1.00 39.87 ? 68  ILE A CD1 1 
ATOM   522  N  N   . GLY A 1 70  ? -2.555  6.732   -5.089  1.00 43.62 ? 69  GLY A N   1 
ATOM   523  C  CA  . GLY A 1 70  ? -3.798  6.729   -4.354  1.00 41.98 ? 69  GLY A CA  1 
ATOM   524  C  C   . GLY A 1 70  ? -4.015  5.320   -3.859  1.00 44.72 ? 69  GLY A C   1 
ATOM   525  O  O   . GLY A 1 70  ? -3.696  4.361   -4.572  1.00 45.95 ? 69  GLY A O   1 
ATOM   526  N  N   . LEU A 1 71  ? -4.501  5.191   -2.621  1.00 44.19 ? 70  LEU A N   1 
ATOM   527  C  CA  . LEU A 1 71  ? -5.010  3.928   -2.115  1.00 43.07 ? 70  LEU A CA  1 
ATOM   528  C  C   . LEU A 1 71  ? -6.486  4.064   -1.763  1.00 42.39 ? 70  LEU A C   1 
ATOM   529  O  O   . LEU A 1 71  ? -6.904  5.078   -1.224  1.00 41.87 ? 70  LEU A O   1 
ATOM   530  C  CB  . LEU A 1 71  ? -4.260  3.526   -0.866  1.00 42.40 ? 70  LEU A CB  1 
ATOM   531  C  CG  . LEU A 1 71  ? -2.773  3.291   -0.998  1.00 44.80 ? 70  LEU A CG  1 
ATOM   532  C  CD1 . LEU A 1 71  ? -2.184  3.262   0.439   1.00 35.23 ? 70  LEU A CD1 1 
ATOM   533  C  CD2 . LEU A 1 71  ? -2.524  1.976   -1.776  1.00 45.38 ? 70  LEU A CD2 1 
ATOM   534  N  N   . THR A 1 72  ? -7.281  3.043   -2.047  1.00 43.52 ? 71  THR A N   1 
ATOM   535  C  CA  . THR A 1 72  ? -8.673  3.038   -1.587  1.00 44.44 ? 71  THR A CA  1 
ATOM   536  C  C   . THR A 1 72  ? -8.980  1.664   -0.996  1.00 44.90 ? 71  THR A C   1 
ATOM   537  O  O   . THR A 1 72  ? -8.405  0.662   -1.405  1.00 45.90 ? 71  THR A O   1 
ATOM   538  C  CB  . THR A 1 72  ? -9.705  3.376   -2.713  1.00 45.90 ? 71  THR A CB  1 
ATOM   539  O  OG1 . THR A 1 72  ? -9.828  2.252   -3.585  1.00 41.37 ? 71  THR A OG1 1 
ATOM   540  C  CG2 . THR A 1 72  ? -9.298  4.615   -3.531  1.00 42.58 ? 71  THR A CG2 1 
ATOM   541  N  N   . TYR A 1 73  ? -9.871  1.667   -0.013  1.00 43.62 ? 72  TYR A N   1 
ATOM   542  C  CA  . TYR A 1 73  ? -10.232 0.521   0.786   1.00 43.75 ? 72  TYR A CA  1 
ATOM   543  C  C   . TYR A 1 73  ? -11.739 0.580   0.908   1.00 43.05 ? 72  TYR A C   1 
ATOM   544  O  O   . TYR A 1 73  ? -12.271 1.643   1.220   1.00 39.63 ? 72  TYR A O   1 
ATOM   545  C  CB  . TYR A 1 73  ? -9.633  0.647   2.180   1.00 43.43 ? 72  TYR A CB  1 
ATOM   546  C  CG  . TYR A 1 73  ? -8.143  0.484   2.217   1.00 42.35 ? 72  TYR A CG  1 
ATOM   547  C  CD1 . TYR A 1 73  ? -7.576  -0.767  2.385   1.00 46.32 ? 72  TYR A CD1 1 
ATOM   548  C  CD2 . TYR A 1 73  ? -7.295  1.573   2.102   1.00 44.05 ? 72  TYR A CD2 1 
ATOM   549  C  CE1 . TYR A 1 73  ? -6.202  -0.933  2.425   1.00 47.43 ? 72  TYR A CE1 1 
ATOM   550  C  CE2 . TYR A 1 73  ? -5.912  1.416   2.146   1.00 44.39 ? 72  TYR A CE2 1 
ATOM   551  C  CZ  . TYR A 1 73  ? -5.376  0.157   2.303   1.00 49.03 ? 72  TYR A CZ  1 
ATOM   552  O  OH  . TYR A 1 73  ? -4.011  -0.040  2.341   1.00 45.72 ? 72  TYR A OH  1 
ATOM   553  N  N   . ALA A 1 74  ? -12.418 -0.533  0.627   1.00 43.62 ? 73  ALA A N   1 
ATOM   554  C  CA  . ALA A 1 74  ? -13.877 -0.647  0.787   1.00 44.01 ? 73  ALA A CA  1 
ATOM   555  C  C   . ALA A 1 74  ? -14.132 -1.866  1.668   1.00 43.53 ? 73  ALA A C   1 
ATOM   556  O  O   . ALA A 1 74  ? -13.567 -2.903  1.409   1.00 45.96 ? 73  ALA A O   1 
ATOM   557  C  CB  . ALA A 1 74  ? -14.536 -0.827  -0.567  1.00 42.16 ? 73  ALA A CB  1 
ATOM   558  N  N   . THR A 1 75  ? -14.916 -1.739  2.735   1.00 42.56 ? 74  THR A N   1 
ATOM   559  C  CA  . THR A 1 75  ? -15.226 -2.896  3.553   1.00 43.65 ? 74  THR A CA  1 
ATOM   560  C  C   . THR A 1 75  ? -16.294 -3.737  2.861   1.00 45.60 ? 74  THR A C   1 
ATOM   561  O  O   . THR A 1 75  ? -17.127 -3.231  2.113   1.00 46.62 ? 74  THR A O   1 
ATOM   562  C  CB  . THR A 1 75  ? -15.704 -2.523  4.972   1.00 42.31 ? 74  THR A CB  1 
ATOM   563  O  OG1 . THR A 1 75  ? -16.789 -1.586  4.896   1.00 45.19 ? 74  THR A OG1 1 
ATOM   564  C  CG2 . THR A 1 75  ? -14.551 -1.965  5.792   1.00 37.97 ? 74  THR A CG2 1 
ATOM   565  N  N   . GLN A 1 76  ? -16.272 -5.032  3.121   1.00 48.33 ? 75  GLN A N   1 
ATOM   566  C  CA  . GLN A 1 76  ? -17.204 -5.929  2.448   1.00 51.39 ? 75  GLN A CA  1 
ATOM   567  C  C   . GLN A 1 76  ? -18.648 -5.726  2.822   1.00 50.36 ? 75  GLN A C   1 
ATOM   568  O  O   . GLN A 1 76  ? -19.510 -6.049  2.030   1.00 53.77 ? 75  GLN A O   1 
ATOM   569  C  CB  . GLN A 1 76  ? -16.792 -7.389  2.588   1.00 52.68 ? 75  GLN A CB  1 
ATOM   570  C  CG  . GLN A 1 76  ? -16.637 -7.929  3.984   1.00 58.31 ? 75  GLN A CG  1 
ATOM   571  C  CD  . GLN A 1 76  ? -15.871 -9.245  4.000   1.00 55.23 ? 75  GLN A CD  1 
ATOM   572  O  OE1 . GLN A 1 76  ? -15.414 -9.731  2.964   1.00 51.78 ? 75  GLN A OE1 1 
ATOM   573  N  NE2 . GLN A 1 76  ? -15.745 -9.832  5.183   1.00 56.63 ? 75  GLN A NE2 1 
ATOM   574  N  N   . ASP A 1 77  ? -18.928 -5.115  3.972   1.00 49.90 ? 76  ASP A N   1 
ATOM   575  C  CA  . ASP A 1 77  ? -20.303 -4.688  4.292   1.00 47.37 ? 76  ASP A CA  1 
ATOM   576  C  C   . ASP A 1 77  ? -20.785 -3.449  3.507   1.00 46.40 ? 76  ASP A C   1 
ATOM   577  O  O   . ASP A 1 77  ? -21.879 -2.948  3.766   1.00 46.47 ? 76  ASP A O   1 
ATOM   578  C  CB  . ASP A 1 77  ? -20.476 -4.489  5.822   1.00 46.62 ? 76  ASP A CB  1 
ATOM   579  C  CG  . ASP A 1 77  ? -19.775 -3.238  6.366   1.00 51.86 ? 76  ASP A CG  1 
ATOM   580  O  OD1 . ASP A 1 77  ? -18.850 -2.697  5.704   1.00 50.90 ? 76  ASP A OD1 1 
ATOM   581  O  OD2 . ASP A 1 77  ? -20.163 -2.786  7.473   1.00 50.33 ? 76  ASP A OD2 1 
ATOM   582  N  N   . GLU A 1 78  ? -19.947 -2.910  2.621   1.00 45.73 ? 77  GLU A N   1 
ATOM   583  C  CA  . GLU A 1 78  ? -20.267 -1.724  1.812   1.00 46.96 ? 77  GLU A CA  1 
ATOM   584  C  C   . GLU A 1 78  ? -20.688 -0.500  2.629   1.00 45.69 ? 77  GLU A C   1 
ATOM   585  O  O   . GLU A 1 78  ? -21.406 0.359   2.145   1.00 46.86 ? 77  GLU A O   1 
ATOM   586  C  CB  . GLU A 1 78  ? -21.303 -2.074  0.718   1.00 47.55 ? 77  GLU A CB  1 
ATOM   587  C  CG  . GLU A 1 78  ? -20.746 -3.060  -0.343  1.00 52.34 ? 77  GLU A CG  1 
ATOM   588  C  CD  . GLU A 1 78  ? -21.553 -3.130  -1.660  1.00 50.28 ? 77  GLU A CD  1 
ATOM   589  O  OE1 . GLU A 1 78  ? -22.789 -3.341  -1.606  1.00 56.86 ? 77  GLU A OE1 1 
ATOM   590  O  OE2 . GLU A 1 78  ? -20.931 -3.002  -2.752  1.00 48.10 ? 77  GLU A OE2 1 
ATOM   591  N  N   . LYS A 1 79  ? -20.232 -0.432  3.873   1.00 46.36 ? 78  LYS A N   1 
ATOM   592  C  CA  . LYS A 1 79  ? -20.698 0.566   4.833   1.00 45.30 ? 78  LYS A CA  1 
ATOM   593  C  C   . LYS A 1 79  ? -19.556 1.574   5.121   1.00 45.67 ? 78  LYS A C   1 
ATOM   594  O  O   . LYS A 1 79  ? -19.823 2.694   5.573   1.00 46.70 ? 78  LYS A O   1 
ATOM   595  C  CB  . LYS A 1 79  ? -21.213 -0.165  6.087   1.00 43.03 ? 78  LYS A CB  1 
ATOM   596  C  CG  . LYS A 1 79  ? -22.606 0.277   6.637   1.00 51.94 ? 78  LYS A CG  1 
ATOM   597  C  CD  . LYS A 1 79  ? -23.746 -0.764  6.473   1.00 48.53 ? 78  LYS A CD  1 
ATOM   598  N  N   . ASN A 1 80  ? -18.303 1.205   4.794   1.00 45.95 ? 79  ASN A N   1 
ATOM   599  C  CA  . ASN A 1 80  ? -17.110 2.027   5.072   1.00 44.83 ? 79  ASN A CA  1 
ATOM   600  C  C   . ASN A 1 80  ? -16.169 2.110   3.899   1.00 42.77 ? 79  ASN A C   1 
ATOM   601  O  O   . ASN A 1 80  ? -15.834 1.088   3.362   1.00 45.30 ? 79  ASN A O   1 
ATOM   602  C  CB  . ASN A 1 80  ? -16.297 1.425   6.208   1.00 45.87 ? 79  ASN A CB  1 
ATOM   603  C  CG  . ASN A 1 80  ? -17.096 1.246   7.456   1.00 48.12 ? 79  ASN A CG  1 
ATOM   604  O  OD1 . ASN A 1 80  ? -17.067 2.096   8.345   1.00 47.91 ? 79  ASN A OD1 1 
ATOM   605  N  ND2 . ASN A 1 80  ? -17.843 0.147   7.525   1.00 49.58 ? 79  ASN A ND2 1 
ATOM   606  N  N   . TYR A 1 81  ? -15.692 3.311   3.551   1.00 43.47 ? 80  TYR A N   1 
ATOM   607  C  CA  . TYR A 1 81  ? -14.751 3.548   2.405   1.00 40.42 ? 80  TYR A CA  1 
ATOM   608  C  C   . TYR A 1 81  ? -13.652 4.513   2.847   1.00 39.22 ? 80  TYR A C   1 
ATOM   609  O  O   . TYR A 1 81  ? -13.930 5.403   3.625   1.00 40.27 ? 80  TYR A O   1 
ATOM   610  C  CB  . TYR A 1 81  ? -15.506 4.126   1.205   1.00 38.87 ? 80  TYR A CB  1 
ATOM   611  C  CG  . TYR A 1 81  ? -16.590 3.178   0.710   1.00 42.11 ? 80  TYR A CG  1 
ATOM   612  C  CD1 . TYR A 1 81  ? -17.868 3.164   1.299   1.00 46.54 ? 80  TYR A CD1 1 
ATOM   613  C  CD2 . TYR A 1 81  ? -16.326 2.260   -0.291  1.00 38.76 ? 80  TYR A CD2 1 
ATOM   614  C  CE1 . TYR A 1 81  ? -18.837 2.285   0.867   1.00 44.33 ? 80  TYR A CE1 1 
ATOM   615  C  CE2 . TYR A 1 81  ? -17.278 1.371   -0.721  1.00 41.31 ? 80  TYR A CE2 1 
ATOM   616  C  CZ  . TYR A 1 81  ? -18.529 1.382   -0.142  1.00 45.88 ? 80  TYR A CZ  1 
ATOM   617  O  OH  . TYR A 1 81  ? -19.472 0.489   -0.581  1.00 45.63 ? 80  TYR A OH  1 
ATOM   618  N  N   . VAL A 1 82  ? -12.410 4.310   2.396   1.00 40.15 ? 81  VAL A N   1 
ATOM   619  C  CA  . VAL A 1 82  ? -11.262 5.171   2.743   1.00 39.62 ? 81  VAL A CA  1 
ATOM   620  C  C   . VAL A 1 82  ? -10.493 5.479   1.487   1.00 37.28 ? 81  VAL A C   1 
ATOM   621  O  O   . VAL A 1 82  ? -10.292 4.607   0.698   1.00 38.43 ? 81  VAL A O   1 
ATOM   622  C  CB  . VAL A 1 82  ? -10.288 4.486   3.739   1.00 41.16 ? 81  VAL A CB  1 
ATOM   623  C  CG1 . VAL A 1 82  ? -9.008  5.353   3.948   1.00 43.11 ? 81  VAL A CG1 1 
ATOM   624  C  CG2 . VAL A 1 82  ? -10.995 4.217   5.068   1.00 32.41 ? 81  VAL A CG2 1 
ATOM   625  N  N   . SER A 1 83  ? -10.091 6.726   1.295   1.00 38.96 ? 82  SER A N   1 
ATOM   626  C  CA  . SER A 1 83  ? -9.295  7.145   0.148   1.00 41.10 ? 82  SER A CA  1 
ATOM   627  C  C   . SER A 1 83  ? -8.090  7.850   0.735   1.00 41.10 ? 82  SER A C   1 
ATOM   628  O  O   . SER A 1 83  ? -8.243  8.813   1.516   1.00 40.60 ? 82  SER A O   1 
ATOM   629  C  CB  . SER A 1 83  ? -10.087 8.121   -0.737  1.00 43.01 ? 82  SER A CB  1 
ATOM   630  O  OG  . SER A 1 83  ? -9.280  8.737   -1.745  1.00 45.64 ? 82  SER A OG  1 
ATOM   631  N  N   . ILE A 1 84  ? -6.911  7.373   0.374   1.00 38.88 ? 83  ILE A N   1 
ATOM   632  C  CA  . ILE A 1 84  ? -5.661  7.935   0.840   1.00 38.99 ? 83  ILE A CA  1 
ATOM   633  C  C   . ILE A 1 84  ? -4.910  8.480   -0.363  1.00 39.76 ? 83  ILE A C   1 
ATOM   634  O  O   . ILE A 1 84  ? -4.828  7.818   -1.379  1.00 39.55 ? 83  ILE A O   1 
ATOM   635  C  CB  . ILE A 1 84  ? -4.800  6.862   1.525   1.00 39.24 ? 83  ILE A CB  1 
ATOM   636  C  CG1 . ILE A 1 84  ? -5.419  6.498   2.876   1.00 38.58 ? 83  ILE A CG1 1 
ATOM   637  C  CG2 . ILE A 1 84  ? -3.365  7.383   1.731   1.00 33.64 ? 83  ILE A CG2 1 
ATOM   638  C  CD1 . ILE A 1 84  ? -5.071  5.166   3.390   1.00 30.68 ? 83  ILE A CD1 1 
ATOM   639  N  N   . SER A 1 85  ? -4.381  9.689   -0.234  1.00 41.31 ? 84  SER A N   1 
ATOM   640  C  CA  . SER A 1 85  ? -3.486  10.269  -1.201  1.00 43.88 ? 84  SER A CA  1 
ATOM   641  C  C   . SER A 1 85  ? -2.109  10.286  -0.569  1.00 45.53 ? 84  SER A C   1 
ATOM   642  O  O   . SER A 1 85  ? -1.972  10.715  0.570   1.00 48.30 ? 84  SER A O   1 
ATOM   643  C  CB  . SER A 1 85  ? -3.894  11.698  -1.503  1.00 44.84 ? 84  SER A CB  1 
ATOM   644  O  OG  . SER A 1 85  ? -3.095  12.170  -2.572  1.00 52.11 ? 84  SER A OG  1 
ATOM   645  N  N   . GLY A 1 86  ? -1.093  9.861   -1.310  1.00 46.59 ? 85  GLY A N   1 
ATOM   646  C  CA  . GLY A 1 86  ? 0.199   9.532   -0.718  1.00 48.56 ? 85  GLY A CA  1 
ATOM   647  C  C   . GLY A 1 86  ? 1.347   9.550   -1.700  1.00 48.86 ? 85  GLY A C   1 
ATOM   648  O  O   . GLY A 1 86  ? 1.130   9.591   -2.914  1.00 47.85 ? 85  GLY A O   1 
ATOM   649  N  N   . ASP A 1 87  ? 2.567   9.552   -1.159  1.00 49.55 ? 86  ASP A N   1 
ATOM   650  C  CA  . ASP A 1 87  ? 3.791   9.416   -1.961  1.00 51.17 ? 86  ASP A CA  1 
ATOM   651  C  C   . ASP A 1 87  ? 4.462   8.073   -1.719  1.00 50.29 ? 86  ASP A C   1 
ATOM   652  O  O   . ASP A 1 87  ? 4.731   7.710   -0.582  1.00 50.72 ? 86  ASP A O   1 
ATOM   653  C  CB  . ASP A 1 87  ? 4.756   10.555  -1.679  1.00 50.29 ? 86  ASP A CB  1 
ATOM   654  C  CG  . ASP A 1 87  ? 4.128   11.912  -1.936  1.00 54.88 ? 86  ASP A CG  1 
ATOM   655  O  OD1 . ASP A 1 87  ? 3.769   12.184  -3.108  1.00 46.95 ? 86  ASP A OD1 1 
ATOM   656  O  OD2 . ASP A 1 87  ? 3.983   12.697  -0.961  1.00 60.27 ? 86  ASP A OD2 1 
ATOM   657  N  N   . ALA A 1 88  ? 4.716   7.342   -2.803  1.00 51.70 ? 87  ALA A N   1 
ATOM   658  C  CA  . ALA A 1 88  ? 5.207   5.970   -2.725  1.00 51.79 ? 87  ALA A CA  1 
ATOM   659  C  C   . ALA A 1 88  ? 6.710   6.016   -2.880  1.00 51.19 ? 87  ALA A C   1 
ATOM   660  O  O   . ALA A 1 88  ? 7.214   6.638   -3.819  1.00 51.30 ? 87  ALA A O   1 
ATOM   661  C  CB  . ALA A 1 88  ? 4.574   5.091   -3.836  1.00 48.07 ? 87  ALA A CB  1 
ATOM   662  N  N   . GLU A 1 89  ? 7.422   5.357   -1.972  1.00 51.65 ? 88  GLU A N   1 
ATOM   663  C  CA  . GLU A 1 89  ? 8.874   5.171   -2.089  1.00 52.47 ? 88  GLU A CA  1 
ATOM   664  C  C   . GLU A 1 89  ? 9.227   3.706   -2.336  1.00 53.11 ? 88  GLU A C   1 
ATOM   665  O  O   . GLU A 1 89  ? 8.480   2.799   -1.942  1.00 51.84 ? 88  GLU A O   1 
ATOM   666  C  CB  . GLU A 1 89  ? 9.572   5.626   -0.821  1.00 52.83 ? 88  GLU A CB  1 
ATOM   667  C  CG  . GLU A 1 89  ? 9.707   7.101   -0.700  1.00 56.10 ? 88  GLU A CG  1 
ATOM   668  C  CD  . GLU A 1 89  ? 10.076  7.534   0.699   1.00 53.94 ? 88  GLU A CD  1 
ATOM   669  O  OE1 . GLU A 1 89  ? 10.684  6.742   1.451   1.00 62.65 ? 88  GLU A OE1 1 
ATOM   670  O  OE2 . GLU A 1 89  ? 9.755   8.677   1.048   1.00 57.06 ? 88  GLU A OE2 1 
ATOM   671  N  N   . LEU A 1 90  ? 10.408  3.490   -2.930  1.00 52.70 ? 89  LEU A N   1 
ATOM   672  C  CA  . LEU A 1 90  ? 10.886  2.167   -3.340  1.00 51.83 ? 89  LEU A CA  1 
ATOM   673  C  C   . LEU A 1 90  ? 12.194  1.830   -2.621  1.00 51.98 ? 89  LEU A C   1 
ATOM   674  O  O   . LEU A 1 90  ? 13.249  1.762   -3.239  1.00 53.05 ? 89  LEU A O   1 
ATOM   675  C  CB  . LEU A 1 90  ? 11.053  2.137   -4.879  1.00 50.76 ? 89  LEU A CB  1 
ATOM   676  C  CG  . LEU A 1 90  ? 9.769   2.328   -5.704  1.00 48.75 ? 89  LEU A CG  1 
ATOM   677  C  CD1 . LEU A 1 90  ? 10.058  2.360   -7.206  1.00 46.79 ? 89  LEU A CD1 1 
ATOM   678  C  CD2 . LEU A 1 90  ? 8.740   1.247   -5.388  1.00 42.34 ? 89  LEU A CD2 1 
ATOM   679  N  N   . PRO A 1 91  ? 12.138  1.642   -1.296  1.00 54.07 ? 90  PRO A N   1 
ATOM   680  C  CA  . PRO A 1 91  ? 13.376  1.335   -0.600  1.00 55.13 ? 90  PRO A CA  1 
ATOM   681  C  C   . PRO A 1 91  ? 13.837  -0.138  -0.660  1.00 57.04 ? 90  PRO A C   1 
ATOM   682  O  O   . PRO A 1 91  ? 13.070  -1.043  -0.982  1.00 58.11 ? 90  PRO A O   1 
ATOM   683  C  CB  . PRO A 1 91  ? 13.057  1.729   0.846   1.00 54.16 ? 90  PRO A CB  1 
ATOM   684  C  CG  . PRO A 1 91  ? 11.591  1.477   0.992   1.00 52.12 ? 90  PRO A CG  1 
ATOM   685  C  CD  . PRO A 1 91  ? 10.996  1.740   -0.361  1.00 54.37 ? 90  PRO A CD  1 
ATOM   686  N  N   . THR A 1 92  ? 15.126  -0.307  -0.376  1.00 58.96 ? 91  THR A N   1 
ATOM   687  C  CA  . THR A 1 92  ? 15.741  -1.567  -0.013  1.00 59.73 ? 91  THR A CA  1 
ATOM   688  C  C   . THR A 1 92  ? 16.004  -1.485  1.494   1.00 59.11 ? 91  THR A C   1 
ATOM   689  O  O   . THR A 1 92  ? 16.730  -0.608  1.958   1.00 58.87 ? 91  THR A O   1 
ATOM   690  C  CB  . THR A 1 92  ? 17.072  -1.748  -0.758  1.00 60.61 ? 91  THR A CB  1 
ATOM   691  O  OG1 . THR A 1 92  ? 16.816  -1.837  -2.169  1.00 63.23 ? 91  THR A OG1 1 
ATOM   692  C  CG2 . THR A 1 92  ? 17.776  -2.989  -0.293  1.00 56.33 ? 91  THR A CG2 1 
ATOM   693  N  N   . ASP A 1 93  ? 15.381  -2.375  2.255   1.00 59.28 ? 92  ASP A N   1 
ATOM   694  C  CA  . ASP A 1 93  ? 15.524  -2.389  3.707   1.00 57.67 ? 92  ASP A CA  1 
ATOM   695  C  C   . ASP A 1 93  ? 15.305  -3.821  4.214   1.00 55.71 ? 92  ASP A C   1 
ATOM   696  O  O   . ASP A 1 93  ? 14.166  -4.254  4.420   1.00 54.89 ? 92  ASP A O   1 
ATOM   697  C  CB  . ASP A 1 93  ? 14.524  -1.420  4.317   1.00 57.05 ? 92  ASP A CB  1 
ATOM   698  C  CG  . ASP A 1 93  ? 14.812  -1.113  5.772   1.00 61.31 ? 92  ASP A CG  1 
ATOM   699  O  OD1 . ASP A 1 93  ? 15.332  -1.984  6.532   1.00 59.74 ? 92  ASP A OD1 1 
ATOM   700  O  OD2 . ASP A 1 93  ? 14.492  0.032   6.158   1.00 64.51 ? 92  ASP A OD2 1 
ATOM   701  N  N   . LYS A 1 94  ? 16.417  -4.532  4.396   1.00 53.19 ? 93  LYS A N   1 
ATOM   702  C  CA  . LYS A 1 94  ? 16.407  -5.924  4.830   1.00 52.36 ? 93  LYS A CA  1 
ATOM   703  C  C   . LYS A 1 94  ? 15.720  -5.987  6.168   1.00 50.99 ? 93  LYS A C   1 
ATOM   704  O  O   . LYS A 1 94  ? 14.821  -6.800  6.367   1.00 49.45 ? 93  LYS A O   1 
ATOM   705  C  CB  . LYS A 1 94  ? 17.837  -6.490  4.961   1.00 52.00 ? 93  LYS A CB  1 
ATOM   706  C  CG  . LYS A 1 94  ? 18.758  -6.178  3.781   1.00 56.97 ? 93  LYS A CG  1 
ATOM   707  N  N   . ALA A 1 95  ? 16.165  -5.111  7.073   1.00 51.60 ? 94  ALA A N   1 
ATOM   708  C  CA  . ALA A 1 95  ? 15.609  -4.988  8.414   1.00 52.24 ? 94  ALA A CA  1 
ATOM   709  C  C   . ALA A 1 95  ? 14.081  -4.902  8.354   1.00 53.31 ? 94  ALA A C   1 
ATOM   710  O  O   . ALA A 1 95  ? 13.373  -5.652  9.034   1.00 53.90 ? 94  ALA A O   1 
ATOM   711  C  CB  . ALA A 1 95  ? 16.206  -3.760  9.114   1.00 51.15 ? 94  ALA A CB  1 
ATOM   712  N  N   . LYS A 1 96  ? 13.576  -4.026  7.495   1.00 53.25 ? 95  LYS A N   1 
ATOM   713  C  CA  . LYS A 1 96  ? 12.139  -3.862  7.350   1.00 52.77 ? 95  LYS A CA  1 
ATOM   714  C  C   . LYS A 1 96  ? 11.495  -5.085  6.693   1.00 52.97 ? 95  LYS A C   1 
ATOM   715  O  O   . LYS A 1 96  ? 10.457  -5.526  7.166   1.00 55.02 ? 95  LYS A O   1 
ATOM   716  C  CB  . LYS A 1 96  ? 11.818  -2.587  6.566   1.00 52.12 ? 95  LYS A CB  1 
ATOM   717  C  CG  . LYS A 1 96  ? 10.328  -2.213  6.544   1.00 56.43 ? 95  LYS A CG  1 
ATOM   718  C  CD  . LYS A 1 96  ? 9.886   -1.609  7.862   1.00 54.99 ? 95  LYS A CD  1 
ATOM   719  C  CE  . LYS A 1 96  ? 8.447   -1.927  8.177   1.00 52.45 ? 95  LYS A CE  1 
ATOM   720  N  NZ  . LYS A 1 96  ? 8.160   -1.432  9.547   1.00 39.27 ? 95  LYS A NZ  1 
ATOM   721  N  N   . LEU A 1 97  ? 12.094  -5.633  5.627   1.00 52.25 ? 96  LEU A N   1 
ATOM   722  C  CA  . LEU A 1 97  ? 11.547  -6.839  4.955   1.00 51.21 ? 96  LEU A CA  1 
ATOM   723  C  C   . LEU A 1 97  ? 11.383  -7.997  5.914   1.00 51.22 ? 96  LEU A C   1 
ATOM   724  O  O   . LEU A 1 97  ? 10.382  -8.711  5.857   1.00 49.13 ? 96  LEU A O   1 
ATOM   725  C  CB  . LEU A 1 97  ? 12.438  -7.320  3.793   1.00 51.56 ? 96  LEU A CB  1 
ATOM   726  C  CG  . LEU A 1 97  ? 11.817  -8.399  2.874   1.00 51.25 ? 96  LEU A CG  1 
ATOM   727  C  CD1 . LEU A 1 97  ? 10.725  -7.807  1.986   1.00 51.23 ? 96  LEU A CD1 1 
ATOM   728  C  CD2 . LEU A 1 97  ? 12.862  -9.019  2.008   1.00 50.50 ? 96  LEU A CD2 1 
ATOM   729  N  N   . ASP A 1 98  ? 12.380  -8.188  6.774   1.00 52.26 ? 97  ASP A N   1 
ATOM   730  C  CA  . ASP A 1 98  ? 12.291  -9.179  7.825   1.00 55.93 ? 97  ASP A CA  1 
ATOM   731  C  C   . ASP A 1 98  ? 11.066  -8.998  8.690   1.00 55.32 ? 97  ASP A C   1 
ATOM   732  O  O   . ASP A 1 98  ? 10.351  -9.959  8.970   1.00 55.39 ? 97  ASP A O   1 
ATOM   733  C  CB  . ASP A 1 98  ? 13.531  -9.140  8.715   1.00 59.00 ? 97  ASP A CB  1 
ATOM   734  C  CG  . ASP A 1 98  ? 14.704  -9.825  8.086   1.00 64.95 ? 97  ASP A CG  1 
ATOM   735  O  OD1 . ASP A 1 98  ? 14.581  -11.035 7.817   1.00 71.73 ? 97  ASP A OD1 1 
ATOM   736  O  OD2 . ASP A 1 98  ? 15.740  -9.165  7.866   1.00 77.75 ? 97  ASP A OD2 1 
ATOM   737  N  N   . GLU A 1 99  ? 10.816  -7.763  9.097   1.00 55.72 ? 98  GLU A N   1 
ATOM   738  C  CA  . GLU A 1 99  ? 9.645   -7.459  9.917   1.00 56.65 ? 98  GLU A CA  1 
ATOM   739  C  C   . GLU A 1 99  ? 8.327   -7.799  9.178   1.00 51.86 ? 98  GLU A C   1 
ATOM   740  O  O   . GLU A 1 99  ? 7.434   -8.425  9.726   1.00 49.74 ? 98  GLU A O   1 
ATOM   741  C  CB  . GLU A 1 99  ? 9.712   -5.990  10.361  1.00 57.58 ? 98  GLU A CB  1 
ATOM   742  C  CG  . GLU A 1 99  ? 8.810   -5.601  11.518  1.00 63.89 ? 98  GLU A CG  1 
ATOM   743  C  CD  . GLU A 1 99  ? 8.521   -4.105  11.505  1.00 63.70 ? 98  GLU A CD  1 
ATOM   744  O  OE1 . GLU A 1 99  ? 9.479   -3.325  11.731  1.00 75.48 ? 98  GLU A OE1 1 
ATOM   745  O  OE2 . GLU A 1 99  ? 7.348   -3.719  11.250  1.00 71.67 ? 98  GLU A OE2 1 
ATOM   746  N  N   . LEU A 1 100 ? 8.239   -7.459  7.904   1.00 51.03 ? 99  LEU A N   1 
ATOM   747  C  CA  . LEU A 1 100 ? 7.001   -7.678  7.152   1.00 51.05 ? 99  LEU A CA  1 
ATOM   748  C  C   . LEU A 1 100 ? 6.794   -9.093  6.617   1.00 50.57 ? 99  LEU A C   1 
ATOM   749  O  O   . LEU A 1 100 ? 5.784   -9.351  5.978   1.00 51.06 ? 99  LEU A O   1 
ATOM   750  C  CB  . LEU A 1 100 ? 6.936   -6.705  5.970   1.00 51.06 ? 99  LEU A CB  1 
ATOM   751  C  CG  . LEU A 1 100 ? 7.174   -5.219  6.247   1.00 54.77 ? 99  LEU A CG  1 
ATOM   752  C  CD1 . LEU A 1 100 ? 7.009   -4.476  4.951   1.00 52.84 ? 99  LEU A CD1 1 
ATOM   753  C  CD2 . LEU A 1 100 ? 6.248   -4.664  7.313   1.00 48.97 ? 99  LEU A CD2 1 
ATOM   754  N  N   . TRP A 1 101 ? 7.737   -10.004 6.842   1.00 52.84 ? 100 TRP A N   1 
ATOM   755  C  CA  . TRP A 1 101 ? 7.716   -11.309 6.165   1.00 54.82 ? 100 TRP A CA  1 
ATOM   756  C  C   . TRP A 1 101 ? 6.793   -12.352 6.833   1.00 56.33 ? 100 TRP A C   1 
ATOM   757  O  O   . TRP A 1 101 ? 6.701   -12.446 8.066   1.00 55.83 ? 100 TRP A O   1 
ATOM   758  C  CB  . TRP A 1 101 ? 9.138   -11.867 6.064   1.00 54.24 ? 100 TRP A CB  1 
ATOM   759  C  CG  . TRP A 1 101 ? 9.368   -12.900 4.979   1.00 54.87 ? 100 TRP A CG  1 
ATOM   760  C  CD1 . TRP A 1 101 ? 9.539   -14.253 5.147   1.00 52.78 ? 100 TRP A CD1 1 
ATOM   761  C  CD2 . TRP A 1 101 ? 9.493   -12.656 3.566   1.00 49.12 ? 100 TRP A CD2 1 
ATOM   762  N  NE1 . TRP A 1 101 ? 9.752   -14.859 3.927   1.00 52.63 ? 100 TRP A NE1 1 
ATOM   763  C  CE2 . TRP A 1 101 ? 9.737   -13.898 2.946   1.00 53.06 ? 100 TRP A CE2 1 
ATOM   764  C  CE3 . TRP A 1 101 ? 9.410   -11.513 2.771   1.00 51.70 ? 100 TRP A CE3 1 
ATOM   765  C  CZ2 . TRP A 1 101 ? 9.908   -14.021 1.572   1.00 54.97 ? 100 TRP A CZ2 1 
ATOM   766  C  CZ3 . TRP A 1 101 ? 9.573   -11.640 1.399   1.00 54.69 ? 100 TRP A CZ3 1 
ATOM   767  C  CH2 . TRP A 1 101 ? 9.814   -12.885 0.816   1.00 55.39 ? 100 TRP A CH2 1 
ATOM   768  N  N   . SER A 1 102 ? 6.173   -13.160 5.978   1.00 59.18 ? 101 SER A N   1 
ATOM   769  C  CA  . SER A 1 102 ? 5.124   -14.110 6.327   1.00 61.69 ? 101 SER A CA  1 
ATOM   770  C  C   . SER A 1 102 ? 5.447   -15.377 5.608   1.00 61.66 ? 101 SER A C   1 
ATOM   771  O  O   . SER A 1 102 ? 6.204   -15.361 4.645   1.00 62.29 ? 101 SER A O   1 
ATOM   772  C  CB  . SER A 1 102 ? 3.764   -13.676 5.764   1.00 62.66 ? 101 SER A CB  1 
ATOM   773  O  OG  . SER A 1 102 ? 3.301   -12.471 6.346   1.00 70.61 ? 101 SER A OG  1 
ATOM   774  N  N   . PRO A 1 103 ? 4.819   -16.476 6.008   1.00 62.30 ? 102 PRO A N   1 
ATOM   775  C  CA  . PRO A 1 103 ? 4.914   -17.672 5.158   1.00 64.04 ? 102 PRO A CA  1 
ATOM   776  C  C   . PRO A 1 103 ? 4.234   -17.601 3.761   1.00 63.44 ? 102 PRO A C   1 
ATOM   777  O  O   . PRO A 1 103 ? 4.491   -18.469 2.918   1.00 59.27 ? 102 PRO A O   1 
ATOM   778  C  CB  . PRO A 1 103 ? 4.275   -18.764 6.028   1.00 63.62 ? 102 PRO A CB  1 
ATOM   779  C  CG  . PRO A 1 103 ? 4.221   -18.175 7.440   1.00 64.44 ? 102 PRO A CG  1 
ATOM   780  C  CD  . PRO A 1 103 ? 4.059   -16.723 7.247   1.00 62.41 ? 102 PRO A CD  1 
ATOM   781  N  N   . VAL A 1 104 ? 3.385   -16.602 3.515   1.00 65.88 ? 103 VAL A N   1 
ATOM   782  C  CA  . VAL A 1 104 ? 2.760   -16.460 2.188   1.00 67.83 ? 103 VAL A CA  1 
ATOM   783  C  C   . VAL A 1 104 ? 3.844   -16.151 1.138   1.00 69.81 ? 103 VAL A C   1 
ATOM   784  O  O   . VAL A 1 104 ? 3.999   -16.857 0.122   1.00 71.12 ? 103 VAL A O   1 
ATOM   785  C  CB  . VAL A 1 104 ? 1.717   -15.328 2.117   1.00 68.87 ? 103 VAL A CB  1 
ATOM   786  C  CG1 . VAL A 1 104 ? 0.789   -15.618 0.931   1.00 69.62 ? 103 VAL A CG1 1 
ATOM   787  C  CG2 . VAL A 1 104 ? 0.941   -15.134 3.471   1.00 65.88 ? 103 VAL A CG2 1 
ATOM   788  N  N   . TYR A 1 105 ? 4.621   -15.118 1.449   1.00 68.38 ? 104 TYR A N   1 
ATOM   789  C  CA  . TYR A 1 105 ? 5.702   -14.651 0.603   1.00 66.56 ? 104 TYR A CA  1 
ATOM   790  C  C   . TYR A 1 105 ? 6.811   -15.661 0.409   1.00 68.96 ? 104 TYR A C   1 
ATOM   791  O  O   . TYR A 1 105 ? 7.412   -15.710 -0.658  1.00 70.51 ? 104 TYR A O   1 
ATOM   792  C  CB  . TYR A 1 105 ? 6.351   -13.445 1.228   1.00 64.72 ? 104 TYR A CB  1 
ATOM   793  C  CG  . TYR A 1 105 ? 5.419   -12.327 1.501   1.00 60.08 ? 104 TYR A CG  1 
ATOM   794  C  CD1 . TYR A 1 105 ? 4.825   -11.645 0.473   1.00 60.86 ? 104 TYR A CD1 1 
ATOM   795  C  CD2 . TYR A 1 105 ? 5.148   -11.936 2.787   1.00 63.18 ? 104 TYR A CD2 1 
ATOM   796  C  CE1 . TYR A 1 105 ? 3.972   -10.598 0.724   1.00 66.61 ? 104 TYR A CE1 1 
ATOM   797  C  CE2 . TYR A 1 105 ? 4.300   -10.892 3.055   1.00 66.89 ? 104 TYR A CE2 1 
ATOM   798  C  CZ  . TYR A 1 105 ? 3.707   -10.228 2.012   1.00 67.89 ? 104 TYR A CZ  1 
ATOM   799  O  OH  . TYR A 1 105 ? 2.862   -9.167  2.246   1.00 67.97 ? 104 TYR A OH  1 
ATOM   800  N  N   . SER A 1 106 ? 7.127   -16.432 1.447   1.00 70.04 ? 105 SER A N   1 
ATOM   801  C  CA  . SER A 1 106 ? 8.172   -17.442 1.316   1.00 71.63 ? 105 SER A CA  1 
ATOM   802  C  C   . SER A 1 106 ? 7.769   -18.399 0.178   1.00 74.50 ? 105 SER A C   1 
ATOM   803  O  O   . SER A 1 106 ? 8.631   -18.861 -0.578  1.00 74.85 ? 105 SER A O   1 
ATOM   804  C  CB  . SER A 1 106 ? 8.455   -18.193 2.638   1.00 70.20 ? 105 SER A CB  1 
ATOM   805  O  OG  . SER A 1 106 ? 9.836   -18.531 2.732   1.00 63.16 ? 105 SER A OG  1 
ATOM   806  N  N   . ALA A 1 107 ? 6.464   -18.643 0.029   1.00 76.40 ? 106 ALA A N   1 
ATOM   807  C  CA  . ALA A 1 107 ? 5.947   -19.420 -1.097  1.00 77.37 ? 106 ALA A CA  1 
ATOM   808  C  C   . ALA A 1 107 ? 6.255   -18.741 -2.432  1.00 76.56 ? 106 ALA A C   1 
ATOM   809  O  O   . ALA A 1 107 ? 7.152   -19.183 -3.149  1.00 74.79 ? 106 ALA A O   1 
ATOM   810  C  CB  . ALA A 1 107 ? 4.429   -19.667 -0.949  1.00 78.32 ? 106 ALA A CB  1 
ATOM   811  N  N   . PHE A 1 108 ? 5.557   -17.652 -2.751  1.00 76.70 ? 107 PHE A N   1 
ATOM   812  C  CA  . PHE A 1 108 ? 5.608   -17.119 -4.119  1.00 76.38 ? 107 PHE A CA  1 
ATOM   813  C  C   . PHE A 1 108 ? 6.800   -16.106 -4.368  1.00 75.24 ? 107 PHE A C   1 
ATOM   814  O  O   . PHE A 1 108 ? 6.590   -14.962 -4.770  1.00 77.82 ? 107 PHE A O   1 
ATOM   815  C  CB  . PHE A 1 108 ? 4.290   -16.442 -4.504  1.00 80.44 ? 107 PHE A CB  1 
ATOM   816  C  CG  . PHE A 1 108 ? 3.000   -17.156 -4.096  1.00 87.66 ? 107 PHE A CG  1 
ATOM   817  C  CD1 . PHE A 1 108 ? 2.949   -18.527 -3.794  1.00 91.25 ? 107 PHE A CD1 1 
ATOM   818  C  CD2 . PHE A 1 108 ? 1.791   -16.416 -4.050  1.00 89.82 ? 107 PHE A CD2 1 
ATOM   819  C  CE1 . PHE A 1 108 ? 1.745   -19.128 -3.421  1.00 87.67 ? 107 PHE A CE1 1 
ATOM   820  C  CE2 . PHE A 1 108 ? 0.607   -17.004 -3.684  1.00 88.79 ? 107 PHE A CE2 1 
ATOM   821  C  CZ  . PHE A 1 108 ? 0.582   -18.364 -3.364  1.00 88.41 ? 107 PHE A CZ  1 
ATOM   822  N  N   . PHE A 1 109 ? 8.031   -16.537 -4.101  1.00 68.82 ? 108 PHE A N   1 
ATOM   823  C  CA  . PHE A 1 109 ? 9.233   -15.783 -4.382  1.00 65.91 ? 108 PHE A CA  1 
ATOM   824  C  C   . PHE A 1 109 ? 10.310  -16.835 -4.303  1.00 62.80 ? 108 PHE A C   1 
ATOM   825  O  O   . PHE A 1 109 ? 10.733  -17.187 -3.196  1.00 62.30 ? 108 PHE A O   1 
ATOM   826  C  CB  . PHE A 1 109 ? 9.543   -14.728 -3.314  1.00 63.65 ? 108 PHE A CB  1 
ATOM   827  C  CG  . PHE A 1 109 ? 9.038   -13.339 -3.623  1.00 63.01 ? 108 PHE A CG  1 
ATOM   828  C  CD1 . PHE A 1 109 ? 9.414   -12.678 -4.791  1.00 58.25 ? 108 PHE A CD1 1 
ATOM   829  C  CD2 . PHE A 1 109 ? 8.229   -12.664 -2.714  1.00 61.39 ? 108 PHE A CD2 1 
ATOM   830  C  CE1 . PHE A 1 109 ? 8.964   -11.404 -5.058  1.00 61.46 ? 108 PHE A CE1 1 
ATOM   831  C  CE2 . PHE A 1 109 ? 7.796   -11.385 -2.968  1.00 58.47 ? 108 PHE A CE2 1 
ATOM   832  C  CZ  . PHE A 1 109 ? 8.162   -10.751 -4.143  1.00 61.18 ? 108 PHE A CZ  1 
ATOM   833  N  N   . ALA A 1 110 ? 10.746  -17.327 -5.466  1.00 60.21 ? 109 ALA A N   1 
ATOM   834  C  CA  . ALA A 1 110 ? 11.637  -18.502 -5.593  1.00 57.89 ? 109 ALA A CA  1 
ATOM   835  C  C   . ALA A 1 110 ? 12.837  -18.549 -4.639  1.00 56.73 ? 109 ALA A C   1 
ATOM   836  O  O   . ALA A 1 110 ? 13.183  -19.606 -4.139  1.00 57.23 ? 109 ALA A O   1 
ATOM   837  C  CB  . ALA A 1 110 ? 12.129  -18.625 -7.051  1.00 56.57 ? 109 ALA A CB  1 
ATOM   838  N  N   . ASN A 1 111 ? 13.469  -17.402 -4.397  1.00 56.21 ? 110 ASN A N   1 
ATOM   839  C  CA  . ASN A 1 111 ? 14.683  -17.315 -3.581  1.00 54.52 ? 110 ASN A CA  1 
ATOM   840  C  C   . ASN A 1 111 ? 14.455  -16.640 -2.218  1.00 52.29 ? 110 ASN A C   1 
ATOM   841  O  O   . ASN A 1 111 ? 15.397  -16.151 -1.610  1.00 51.45 ? 110 ASN A O   1 
ATOM   842  C  CB  . ASN A 1 111 ? 15.782  -16.594 -4.383  1.00 55.35 ? 110 ASN A CB  1 
ATOM   843  C  CG  . ASN A 1 111 ? 16.287  -17.422 -5.561  1.00 51.50 ? 110 ASN A CG  1 
ATOM   844  O  OD1 . ASN A 1 111 ? 17.328  -18.042 -5.478  1.00 56.30 ? 110 ASN A OD1 1 
ATOM   845  N  ND2 . ASN A 1 111 ? 15.552  -17.426 -6.648  1.00 50.99 ? 110 ASN A ND2 1 
ATOM   846  N  N   . GLY A 1 112 ? 13.212  -16.626 -1.746  1.00 52.83 ? 111 GLY A N   1 
ATOM   847  C  CA  . GLY A 1 112 ? 12.875  -16.112 -0.412  1.00 54.66 ? 111 GLY A CA  1 
ATOM   848  C  C   . GLY A 1 112 ? 13.209  -14.642 -0.194  1.00 55.57 ? 111 GLY A C   1 
ATOM   849  O  O   . GLY A 1 112 ? 13.065  -13.821 -1.110  1.00 56.56 ? 111 GLY A O   1 
ATOM   850  N  N   . LYS A 1 113 ? 13.677  -14.310 1.009   1.00 54.08 ? 112 LYS A N   1 
ATOM   851  C  CA  . LYS A 1 113 ? 14.007  -12.928 1.361   1.00 53.38 ? 112 LYS A CA  1 
ATOM   852  C  C   . LYS A 1 113 ? 15.147  -12.333 0.516   1.00 53.50 ? 112 LYS A C   1 
ATOM   853  O  O   . LYS A 1 113 ? 15.263  -11.098 0.431   1.00 55.49 ? 112 LYS A O   1 
ATOM   854  C  CB  . LYS A 1 113 ? 14.372  -12.801 2.851   1.00 53.78 ? 112 LYS A CB  1 
ATOM   855  C  CG  . LYS A 1 113 ? 13.263  -13.095 3.872   1.00 53.04 ? 112 LYS A CG  1 
ATOM   856  C  CD  . LYS A 1 113 ? 13.763  -12.756 5.295   1.00 54.82 ? 112 LYS A CD  1 
ATOM   857  C  CE  . LYS A 1 113 ? 12.954  -13.418 6.431   1.00 57.55 ? 112 LYS A CE  1 
ATOM   858  N  NZ  . LYS A 1 113 ? 13.701  -14.496 7.172   1.00 71.36 ? 112 LYS A NZ  1 
ATOM   859  N  N   . GLU A 1 114 ? 15.971  -13.176 -0.122  1.00 52.24 ? 113 GLU A N   1 
ATOM   860  C  CA  . GLU A 1 114 ? 17.043  -12.675 -1.003  1.00 52.64 ? 113 GLU A CA  1 
ATOM   861  C  C   . GLU A 1 114 ? 16.626  -12.543 -2.479  1.00 49.72 ? 113 GLU A C   1 
ATOM   862  O  O   . GLU A 1 114 ? 17.433  -12.177 -3.324  1.00 48.58 ? 113 GLU A O   1 
ATOM   863  C  CB  . GLU A 1 114 ? 18.301  -13.537 -0.874  1.00 54.11 ? 113 GLU A CB  1 
ATOM   864  C  CG  . GLU A 1 114 ? 18.852  -13.639 0.561   1.00 62.89 ? 113 GLU A CG  1 
ATOM   865  C  CD  . GLU A 1 114 ? 18.231  -14.769 1.399   1.00 75.18 ? 113 GLU A CD  1 
ATOM   866  O  OE1 . GLU A 1 114 ? 17.342  -15.516 0.914   1.00 79.17 ? 113 GLU A OE1 1 
ATOM   867  O  OE2 . GLU A 1 114 ? 18.638  -14.906 2.573   1.00 83.97 ? 113 GLU A OE2 1 
ATOM   868  N  N   . ASP A 1 115 ? 15.363  -12.796 -2.786  1.00 48.45 ? 114 ASP A N   1 
ATOM   869  C  CA  . ASP A 1 115 ? 14.912  -12.790 -4.159  1.00 47.15 ? 114 ASP A CA  1 
ATOM   870  C  C   . ASP A 1 115 ? 15.001  -11.398 -4.766  1.00 45.88 ? 114 ASP A C   1 
ATOM   871  O  O   . ASP A 1 115 ? 14.485  -10.434 -4.219  1.00 45.60 ? 114 ASP A O   1 
ATOM   872  C  CB  . ASP A 1 115 ? 13.484  -13.298 -4.242  1.00 48.11 ? 114 ASP A CB  1 
ATOM   873  C  CG  . ASP A 1 115 ? 13.130  -13.807 -5.609  1.00 48.38 ? 114 ASP A CG  1 
ATOM   874  O  OD1 . ASP A 1 115 ? 12.950  -12.985 -6.543  1.00 43.31 ? 114 ASP A OD1 1 
ATOM   875  O  OD2 . ASP A 1 115 ? 13.024  -15.045 -5.736  1.00 50.43 ? 114 ASP A OD2 1 
ATOM   876  N  N   . ALA A 1 116 ? 15.645  -11.335 -5.930  1.00 46.43 ? 115 ALA A N   1 
ATOM   877  C  CA  . ALA A 1 116 ? 15.912  -10.101 -6.684  1.00 42.90 ? 115 ALA A CA  1 
ATOM   878  C  C   . ALA A 1 116 ? 14.666  -9.366  -7.095  1.00 43.81 ? 115 ALA A C   1 
ATOM   879  O  O   . ALA A 1 116 ? 14.715  -8.169  -7.345  1.00 48.04 ? 115 ALA A O   1 
ATOM   880  C  CB  . ALA A 1 116 ? 16.764  -10.426 -7.931  1.00 38.54 ? 115 ALA A CB  1 
ATOM   881  N  N   . ASN A 1 117 ? 13.545  -10.064 -7.181  1.00 45.03 ? 116 ASN A N   1 
ATOM   882  C  CA  . ASN A 1 117 ? 12.302  -9.427  -7.584  1.00 47.21 ? 116 ASN A CA  1 
ATOM   883  C  C   . ASN A 1 117 ? 11.556  -8.688  -6.480  1.00 44.97 ? 116 ASN A C   1 
ATOM   884  O  O   . ASN A 1 117 ? 10.595  -7.975  -6.772  1.00 43.43 ? 116 ASN A O   1 
ATOM   885  C  CB  . ASN A 1 117 ? 11.365  -10.455 -8.194  1.00 48.44 ? 116 ASN A CB  1 
ATOM   886  C  CG  . ASN A 1 117 ? 11.286  -10.339 -9.654  1.00 54.16 ? 116 ASN A CG  1 
ATOM   887  O  OD1 . ASN A 1 117 ? 10.532  -9.500  -10.186 1.00 64.27 ? 116 ASN A OD1 1 
ATOM   888  N  ND2 . ASN A 1 117 ? 12.062  -11.188 -10.350 1.00 50.44 ? 116 ASN A ND2 1 
ATOM   889  N  N   . ILE A 1 118 ? 11.969  -8.875  -5.229  1.00 42.87 ? 117 ILE A N   1 
ATOM   890  C  CA  . ILE A 1 118 ? 11.262  -8.250  -4.124  1.00 43.36 ? 117 ILE A CA  1 
ATOM   891  C  C   . ILE A 1 118 ? 11.393  -6.761  -4.232  1.00 41.32 ? 117 ILE A C   1 
ATOM   892  O  O   . ILE A 1 118 ? 12.467  -6.273  -4.485  1.00 40.17 ? 117 ILE A O   1 
ATOM   893  C  CB  . ILE A 1 118 ? 11.825  -8.714  -2.763  1.00 44.54 ? 117 ILE A CB  1 
ATOM   894  C  CG1 . ILE A 1 118 ? 11.375  -10.163 -2.468  1.00 46.52 ? 117 ILE A CG1 1 
ATOM   895  C  CG2 . ILE A 1 118 ? 11.378  -7.757  -1.655  1.00 42.80 ? 117 ILE A CG2 1 
ATOM   896  C  CD1 . ILE A 1 118 ? 12.158  -10.805 -1.353  1.00 46.27 ? 117 ILE A CD1 1 
ATOM   897  N  N   . GLN A 1 119 ? 10.305  -6.023  -4.045  1.00 45.53 ? 118 GLN A N   1 
ATOM   898  C  CA  . GLN A 1 119 ? 10.397  -4.560  -3.934  1.00 44.61 ? 118 GLN A CA  1 
ATOM   899  C  C   . GLN A 1 119 ? 9.446   -4.066  -2.868  1.00 46.90 ? 118 GLN A C   1 
ATOM   900  O  O   . GLN A 1 119 ? 8.227   -4.160  -3.024  1.00 46.98 ? 118 GLN A O   1 
ATOM   901  C  CB  . GLN A 1 119 ? 10.077  -3.882  -5.268  1.00 43.14 ? 118 GLN A CB  1 
ATOM   902  C  CG  . GLN A 1 119 ? 10.101  -2.367  -5.225  1.00 45.86 ? 118 GLN A CG  1 
ATOM   903  C  CD  . GLN A 1 119 ? 11.473  -1.859  -4.875  1.00 43.59 ? 118 GLN A CD  1 
ATOM   904  O  OE1 . GLN A 1 119 ? 12.380  -1.943  -5.691  1.00 45.40 ? 118 GLN A OE1 1 
ATOM   905  N  NE2 . GLN A 1 119 ? 11.653  -1.369  -3.639  1.00 52.57 ? 118 GLN A NE2 1 
ATOM   906  N  N   . LEU A 1 120 ? 10.002  -3.546  -1.775  1.00 50.50 ? 119 LEU A N   1 
ATOM   907  C  CA  . LEU A 1 120 ? 9.195   -2.945  -0.734  1.00 49.82 ? 119 LEU A CA  1 
ATOM   908  C  C   . LEU A 1 120 ? 8.661   -1.652  -1.318  1.00 49.84 ? 119 LEU A C   1 
ATOM   909  O  O   . LEU A 1 120 ? 9.376   -0.977  -2.036  1.00 52.58 ? 119 LEU A O   1 
ATOM   910  C  CB  . LEU A 1 120 ? 10.049  -2.624  0.480   1.00 51.84 ? 119 LEU A CB  1 
ATOM   911  C  CG  . LEU A 1 120 ? 10.603  -3.737  1.347   1.00 46.72 ? 119 LEU A CG  1 
ATOM   912  C  CD1 . LEU A 1 120 ? 11.490  -3.132  2.412   1.00 45.76 ? 119 LEU A CD1 1 
ATOM   913  C  CD2 . LEU A 1 120 ? 9.472   -4.489  1.984   1.00 55.09 ? 119 LEU A CD2 1 
ATOM   914  N  N   . ILE A 1 121 ? 7.406   -1.344  -1.025  1.00 48.71 ? 120 ILE A N   1 
ATOM   915  C  CA  . ILE A 1 121 ? 6.793   -0.069  -1.345  1.00 47.90 ? 120 ILE A CA  1 
ATOM   916  C  C   . ILE A 1 121 ? 6.337   0.603   -0.049  1.00 47.59 ? 120 ILE A C   1 
ATOM   917  O  O   . ILE A 1 121 ? 5.524   0.069   0.694   1.00 45.71 ? 120 ILE A O   1 
ATOM   918  C  CB  . ILE A 1 121 ? 5.564   -0.248  -2.230  1.00 50.98 ? 120 ILE A CB  1 
ATOM   919  C  CG1 . ILE A 1 121 ? 5.943   -0.925  -3.552  1.00 53.61 ? 120 ILE A CG1 1 
ATOM   920  C  CG2 . ILE A 1 121 ? 4.914   1.095   -2.504  1.00 47.02 ? 120 ILE A CG2 1 
ATOM   921  C  CD1 . ILE A 1 121 ? 4.754   -1.347  -4.358  1.00 43.13 ? 120 ILE A CD1 1 
ATOM   922  N  N   . LYS A 1 122 ? 6.871   1.786   0.214   1.00 50.25 ? 121 LYS A N   1 
ATOM   923  C  CA  . LYS A 1 122 ? 6.493   2.569   1.383   1.00 49.10 ? 121 LYS A CA  1 
ATOM   924  C  C   . LYS A 1 122 ? 5.628   3.678   0.894   1.00 48.90 ? 121 LYS A C   1 
ATOM   925  O  O   . LYS A 1 122 ? 6.089   4.494   0.105   1.00 51.03 ? 121 LYS A O   1 
ATOM   926  C  CB  . LYS A 1 122 ? 7.725   3.155   2.033   1.00 47.47 ? 121 LYS A CB  1 
ATOM   927  C  CG  . LYS A 1 122 ? 7.498   3.789   3.393   1.00 50.39 ? 121 LYS A CG  1 
ATOM   928  C  CD  . LYS A 1 122 ? 8.750   4.549   3.793   1.00 47.10 ? 121 LYS A CD  1 
ATOM   929  C  CE  . LYS A 1 122 ? 8.651   5.126   5.177   1.00 49.75 ? 121 LYS A CE  1 
ATOM   930  N  NZ  . LYS A 1 122 ? 9.834   5.988   5.485   1.00 54.55 ? 121 LYS A NZ  1 
ATOM   931  N  N   . VAL A 1 123 ? 4.369   3.711   1.324   1.00 49.78 ? 122 VAL A N   1 
ATOM   932  C  CA  . VAL A 1 123 ? 3.520   4.887   1.063   1.00 48.26 ? 122 VAL A CA  1 
ATOM   933  C  C   . VAL A 1 123 ? 3.522   5.831   2.260   1.00 46.90 ? 122 VAL A C   1 
ATOM   934  O  O   . VAL A 1 123 ? 3.271   5.424   3.403   1.00 45.27 ? 122 VAL A O   1 
ATOM   935  C  CB  . VAL A 1 123 ? 2.116   4.481   0.704   1.00 48.81 ? 122 VAL A CB  1 
ATOM   936  C  CG1 . VAL A 1 123 ? 1.260   5.725   0.492   1.00 46.37 ? 122 VAL A CG1 1 
ATOM   937  C  CG2 . VAL A 1 123 ? 2.164   3.601   -0.548  1.00 42.63 ? 122 VAL A CG2 1 
ATOM   938  N  N   . VAL A 1 124 ? 3.872   7.085   2.000   1.00 47.81 ? 123 VAL A N   1 
ATOM   939  C  CA  . VAL A 1 124 ? 3.808   8.132   3.018   1.00 46.00 ? 123 VAL A CA  1 
ATOM   940  C  C   . VAL A 1 124 ? 2.545   8.955   2.701   1.00 46.91 ? 123 VAL A C   1 
ATOM   941  O  O   . VAL A 1 124 ? 2.589   9.788   1.811   1.00 47.02 ? 123 VAL A O   1 
ATOM   942  C  CB  . VAL A 1 124 ? 5.097   9.032   3.035   1.00 45.80 ? 123 VAL A CB  1 
ATOM   943  C  CG1 . VAL A 1 124 ? 4.971   10.168  4.082   1.00 24.92 ? 123 VAL A CG1 1 
ATOM   944  C  CG2 . VAL A 1 124 ? 6.335   8.193   3.298   1.00 42.61 ? 123 VAL A CG2 1 
ATOM   945  N  N   . PRO A 1 125 ? 1.410   8.685   3.395   1.00 47.17 ? 124 PRO A N   1 
ATOM   946  C  CA  . PRO A 1 125 ? 0.224   9.503   3.198   1.00 45.29 ? 124 PRO A CA  1 
ATOM   947  C  C   . PRO A 1 125 ? 0.417   10.932  3.612   1.00 42.81 ? 124 PRO A C   1 
ATOM   948  O  O   . PRO A 1 125 ? 1.160   11.204  4.561   1.00 43.57 ? 124 PRO A O   1 
ATOM   949  C  CB  . PRO A 1 125 ? -0.799  8.894   4.157   1.00 47.47 ? 124 PRO A CB  1 
ATOM   950  C  CG  . PRO A 1 125 ? -0.011  8.108   5.121   1.00 47.05 ? 124 PRO A CG  1 
ATOM   951  C  CD  . PRO A 1 125 ? 1.137   7.598   4.356   1.00 48.00 ? 124 PRO A CD  1 
ATOM   952  N  N   . HIS A 1 126 ? -0.233  11.823  2.866   1.00 38.46 ? 125 HIS A N   1 
ATOM   953  C  CA  . HIS A 1 126 ? -0.349  13.211  3.216   1.00 35.97 ? 125 HIS A CA  1 
ATOM   954  C  C   . HIS A 1 126 ? -1.797  13.661  3.329   1.00 35.92 ? 125 HIS A C   1 
ATOM   955  O  O   . HIS A 1 126 ? -2.055  14.692  3.908   1.00 36.34 ? 125 HIS A O   1 
ATOM   956  C  CB  . HIS A 1 126 ? 0.426   14.085  2.227   1.00 36.50 ? 125 HIS A CB  1 
ATOM   957  C  CG  . HIS A 1 126 ? 0.046   13.894  0.788   1.00 39.88 ? 125 HIS A CG  1 
ATOM   958  N  ND1 . HIS A 1 126 ? -1.100  14.423  0.243   1.00 39.71 ? 125 HIS A ND1 1 
ATOM   959  C  CD2 . HIS A 1 126 ? 0.683   13.258  -0.226  1.00 47.20 ? 125 HIS A CD2 1 
ATOM   960  C  CE1 . HIS A 1 126 ? -1.159  14.116  -1.040  1.00 43.18 ? 125 HIS A CE1 1 
ATOM   961  N  NE2 . HIS A 1 126 ? -0.084  13.419  -1.354  1.00 41.38 ? 125 HIS A NE2 1 
ATOM   962  N  N   . GLY A 1 127 ? -2.745  12.893  2.795   1.00 36.69 ? 126 GLY A N   1 
ATOM   963  C  CA  . GLY A 1 127 ? -4.161  13.125  3.077   1.00 36.32 ? 126 GLY A CA  1 
ATOM   964  C  C   . GLY A 1 127 ? -4.970  11.848  3.097   1.00 34.90 ? 126 GLY A C   1 
ATOM   965  O  O   . GLY A 1 127 ? -4.686  10.921  2.340   1.00 38.02 ? 126 GLY A O   1 
ATOM   966  N  N   . VAL A 1 128 ? -5.979  11.813  3.962   1.00 36.17 ? 127 VAL A N   1 
ATOM   967  C  CA  . VAL A 1 128 ? -6.914  10.696  4.084   1.00 38.83 ? 127 VAL A CA  1 
ATOM   968  C  C   . VAL A 1 128 ? -8.330  11.226  4.152   1.00 38.80 ? 127 VAL A C   1 
ATOM   969  O  O   . VAL A 1 128 ? -8.605  12.087  4.933   1.00 38.97 ? 127 VAL A O   1 
ATOM   970  C  CB  . VAL A 1 128 ? -6.649  9.846   5.332   1.00 40.25 ? 127 VAL A CB  1 
ATOM   971  C  CG1 . VAL A 1 128 ? -7.651  8.672   5.398   1.00 41.52 ? 127 VAL A CG1 1 
ATOM   972  C  CG2 . VAL A 1 128 ? -5.213  9.311   5.275   1.00 40.44 ? 127 VAL A CG2 1 
ATOM   973  N  N   . GLU A 1 129 ? -9.210  10.740  3.282   1.00 42.28 ? 128 GLU A N   1 
ATOM   974  C  CA  . GLU A 1 129 ? -10.643 10.959  3.406   1.00 41.80 ? 128 GLU A CA  1 
ATOM   975  C  C   . GLU A 1 129 ? -11.278 9.612   3.610   1.00 40.35 ? 128 GLU A C   1 
ATOM   976  O  O   . GLU A 1 129 ? -10.759 8.594   3.138   1.00 41.92 ? 128 GLU A O   1 
ATOM   977  C  CB  . GLU A 1 129 ? -11.233 11.612  2.170   1.00 43.36 ? 128 GLU A CB  1 
ATOM   978  C  CG  . GLU A 1 129 ? -10.681 13.017  1.861   1.00 55.33 ? 128 GLU A CG  1 
ATOM   979  C  CD  . GLU A 1 129 ? -10.970 14.059  2.943   1.00 66.15 ? 128 GLU A CD  1 
ATOM   980  O  OE1 . GLU A 1 129 ? -12.157 14.240  3.299   1.00 69.44 ? 128 GLU A OE1 1 
ATOM   981  O  OE2 . GLU A 1 129 ? -9.996  14.698  3.422   1.00 69.15 ? 128 GLU A OE2 1 
ATOM   982  N  N   . CYS A 1 130 ? -12.385 9.609   4.338   1.00 38.75 ? 129 CYS A N   1 
ATOM   983  C  CA  . CYS A 1 130 ? -13.134 8.416   4.566   1.00 41.00 ? 129 CYS A CA  1 
ATOM   984  C  C   . CYS A 1 130 ? -14.631 8.699   4.736   1.00 38.37 ? 129 CYS A C   1 
ATOM   985  O  O   . CYS A 1 130 ? -15.029 9.826   4.980   1.00 37.67 ? 129 CYS A O   1 
ATOM   986  C  CB  . CYS A 1 130 ? -12.558 7.691   5.767   1.00 42.72 ? 129 CYS A CB  1 
ATOM   987  S  SG  . CYS A 1 130 ? -12.889 8.579   7.281   1.00 56.07 ? 129 CYS A SG  1 
ATOM   988  N  N   . TRP A 1 131 ? -15.444 7.661   4.537   1.00 39.47 ? 130 TRP A N   1 
ATOM   989  C  CA  . TRP A 1 131 ? -16.910 7.743   4.575   1.00 38.77 ? 130 TRP A CA  1 
ATOM   990  C  C   . TRP A 1 131 ? -17.301 6.525   5.367   1.00 42.57 ? 130 TRP A C   1 
ATOM   991  O  O   . TRP A 1 131 ? -17.306 5.411   4.828   1.00 42.95 ? 130 TRP A O   1 
ATOM   992  C  CB  . TRP A 1 131 ? -17.510 7.653   3.167   1.00 36.41 ? 130 TRP A CB  1 
ATOM   993  C  CG  . TRP A 1 131 ? -17.091 8.761   2.264   1.00 34.60 ? 130 TRP A CG  1 
ATOM   994  C  CD1 . TRP A 1 131 ? -17.797 9.897   1.983   1.00 33.24 ? 130 TRP A CD1 1 
ATOM   995  C  CD2 . TRP A 1 131 ? -15.846 8.864   1.526   1.00 31.36 ? 130 TRP A CD2 1 
ATOM   996  N  NE1 . TRP A 1 131 ? -17.067 10.708  1.123   1.00 33.15 ? 130 TRP A NE1 1 
ATOM   997  C  CE2 . TRP A 1 131 ? -15.878 10.088  0.820   1.00 28.65 ? 130 TRP A CE2 1 
ATOM   998  C  CE3 . TRP A 1 131 ? -14.722 8.041   1.400   1.00 31.24 ? 130 TRP A CE3 1 
ATOM   999  C  CZ2 . TRP A 1 131 ? -14.832 10.504  0.003   1.00 28.49 ? 130 TRP A CZ2 1 
ATOM   1000 C  CZ3 . TRP A 1 131 ? -13.683 8.445   0.581   1.00 33.78 ? 130 TRP A CZ3 1 
ATOM   1001 C  CH2 . TRP A 1 131 ? -13.743 9.664   -0.107  1.00 36.46 ? 130 TRP A CH2 1 
ATOM   1002 N  N   . LEU A 1 132 ? -17.557 6.726   6.658   1.00 45.90 ? 131 LEU A N   1 
ATOM   1003 C  CA  . LEU A 1 132 ? -17.820 5.621   7.580   1.00 48.63 ? 131 LEU A CA  1 
ATOM   1004 C  C   . LEU A 1 132 ? -19.300 5.619   7.918   1.00 52.24 ? 131 LEU A C   1 
ATOM   1005 O  O   . LEU A 1 132 ? -20.002 6.634   7.734   1.00 53.77 ? 131 LEU A O   1 
ATOM   1006 C  CB  . LEU A 1 132 ? -16.961 5.751   8.845   1.00 47.30 ? 131 LEU A CB  1 
ATOM   1007 C  CG  . LEU A 1 132 ? -15.440 5.955   8.648   1.00 49.60 ? 131 LEU A CG  1 
ATOM   1008 C  CD1 . LEU A 1 132 ? -14.647 5.646   9.925   1.00 47.22 ? 131 LEU A CD1 1 
ATOM   1009 C  CD2 . LEU A 1 132 ? -14.869 5.146   7.494   1.00 41.75 ? 131 LEU A CD2 1 
ATOM   1010 N  N   . SER A 1 133 ? -19.782 4.460   8.352   1.00 54.85 ? 132 SER A N   1 
ATOM   1011 C  CA  . SER A 1 133 ? -21.141 4.324   8.860   1.00 56.26 ? 132 SER A CA  1 
ATOM   1012 C  C   . SER A 1 133 ? -20.980 3.597   10.177  1.00 55.65 ? 132 SER A C   1 
ATOM   1013 O  O   . SER A 1 133 ? -20.114 2.726   10.277  1.00 54.90 ? 132 SER A O   1 
ATOM   1014 C  CB  . SER A 1 133 ? -22.009 3.499   7.905   1.00 57.20 ? 132 SER A CB  1 
ATOM   1015 O  OG  . SER A 1 133 ? -21.930 3.973   6.563   1.00 59.11 ? 132 SER A OG  1 
ATOM   1016 N  N   . GLY A 1 134 ? -21.770 3.923   11.195  1.00 56.03 ? 133 GLY A N   1 
ATOM   1017 C  CA  . GLY A 1 134 ? -22.812 4.925   11.151  1.00 55.51 ? 133 GLY A CA  1 
ATOM   1018 C  C   . GLY A 1 134 ? -23.537 4.795   12.464  1.00 56.18 ? 133 GLY A C   1 
ATOM   1019 O  O   . GLY A 1 134 ? -23.039 5.227   13.498  1.00 57.95 ? 133 GLY A O   1 
HETATM 1020 S  S   . SO4 B 2 .   ? -4.022  16.249  0.420   1.00 72.71 ? 134 SO4 A S   1 
HETATM 1021 O  O1  . SO4 B 2 .   ? -4.257  15.128  -0.484  1.00 81.18 ? 134 SO4 A O1  1 
HETATM 1022 O  O2  . SO4 B 2 .   ? -2.668  16.180  0.976   1.00 78.48 ? 134 SO4 A O2  1 
HETATM 1023 O  O3  . SO4 B 2 .   ? -4.971  16.231  1.545   1.00 64.57 ? 134 SO4 A O3  1 
HETATM 1024 O  O4  . SO4 B 2 .   ? -4.150  17.418  -0.412  1.00 67.34 ? 134 SO4 A O4  1 
HETATM 1025 S  S   . SO4 C 2 .   ? -2.172  11.757  6.948   1.00 87.44 ? 135 SO4 A S   1 
HETATM 1026 O  O1  . SO4 C 2 .   ? -2.577  12.242  5.631   1.00 84.90 ? 135 SO4 A O1  1 
HETATM 1027 O  O2  . SO4 C 2 .   ? -0.720  11.542  6.961   1.00 96.10 ? 135 SO4 A O2  1 
HETATM 1028 O  O3  . SO4 C 2 .   ? -2.914  10.559  7.350   1.00 69.68 ? 135 SO4 A O3  1 
HETATM 1029 O  O4  . SO4 C 2 .   ? -2.458  12.787  7.942   1.00 95.03 ? 135 SO4 A O4  1 
HETATM 1030 O  O   . HOH D 3 .   ? -9.780  3.138   -6.072  0.50 23.49 ? 136 HOH A O   1 
HETATM 1031 O  O   . HOH D 3 .   ? -8.121  4.233   -10.194 1.00 39.39 ? 137 HOH A O   1 
HETATM 1032 O  O   . HOH D 3 .   ? 1.601   7.444   -9.784  1.00 51.56 ? 138 HOH A O   1 
HETATM 1033 O  O   . HOH D 3 .   ? 19.130  -2.929  4.942   1.00 63.79 ? 139 HOH A O   1 
HETATM 1034 O  O   . HOH D 3 .   ? 2.846   16.980  -13.318 1.00 70.75 ? 140 HOH A O   1 
HETATM 1035 O  O   . HOH D 3 .   ? 16.412  -15.312 8.337   1.00 63.50 ? 141 HOH A O   1 
HETATM 1036 O  O   . HOH D 3 .   ? 6.355   12.626  -12.083 1.00 62.98 ? 142 HOH A O   1 
HETATM 1037 O  O   . HOH D 3 .   ? -7.024  3.453   -5.863  1.00 36.67 ? 143 HOH A O   1 
HETATM 1038 O  O   . HOH D 3 .   ? 12.192  -17.633 3.103   1.00 64.21 ? 144 HOH A O   1 
HETATM 1039 O  O   . HOH D 3 .   ? 2.157   -5.779  -13.355 1.00 56.97 ? 145 HOH A O   1 
HETATM 1040 O  O   . HOH D 3 .   ? -17.067 -3.786  -0.669  1.00 61.99 ? 146 HOH A O   1 
HETATM 1041 O  O   . HOH D 3 .   ? 11.844  -13.460 -12.074 0.50 60.05 ? 147 HOH A O   1 
HETATM 1042 O  O   . HOH D 3 .   ? -7.171  7.752   -3.293  1.00 48.52 ? 148 HOH A O   1 
HETATM 1043 O  O   . HOH D 3 .   ? -1.039  3.919   -14.745 1.00 52.06 ? 149 HOH A O   1 
HETATM 1044 O  O   . HOH D 3 .   ? -11.263 -0.113  -3.139  1.00 45.19 ? 150 HOH A O   1 
HETATM 1045 O  O   . HOH D 3 .   ? -17.948 9.941   7.473   1.00 57.08 ? 151 HOH A O   1 
HETATM 1046 O  O   . HOH D 3 .   ? 15.987  -8.938  -2.444  1.00 67.64 ? 152 HOH A O   1 
HETATM 1047 O  O   . HOH D 3 .   ? -10.564 -2.113  -1.260  1.00 49.25 ? 153 HOH A O   1 
HETATM 1048 O  O   . HOH D 3 .   ? 2.041   -6.410  0.501   1.00 54.15 ? 154 HOH A O   1 
HETATM 1049 O  O   . HOH D 3 .   ? -2.124  -8.594  -4.894  1.00 63.91 ? 155 HOH A O   1 
HETATM 1050 O  O   . HOH D 3 .   ? -10.751 -6.284  -0.697  1.00 51.26 ? 156 HOH A O   1 
HETATM 1051 O  O   . HOH D 3 .   ? 6.890   12.259  -8.291  1.00 68.10 ? 157 HOH A O   1 
HETATM 1052 O  O   . HOH D 3 .   ? -6.864  7.668   -16.855 1.00 44.97 ? 158 HOH A O   1 
HETATM 1053 O  O   . HOH D 3 .   ? 1.120   -4.004  -11.080 1.00 64.18 ? 159 HOH A O   1 
# 
